data_2M3L
#
_entry.id   2M3L
#
loop_
_entity.id
_entity.type
_entity.pdbx_description
1 polymer 'Protein E6'
2 non-polymer 'ZINC ION'
#
_entity_poly.entity_id   1
_entity_poly.type   'polypeptide(L)'
_entity_poly.pdbx_seq_one_letter_code
;GSHMSRSVYGTTLEAITKKSLYDLSIRCHRCQRPLGPEEKQKLVDEKKRFHEIAGRWTGQCANCWQRTRQRNETQV
;
_entity_poly.pdbx_strand_id   A
#
loop_
_chem_comp.id
_chem_comp.type
_chem_comp.name
_chem_comp.formula
ZN non-polymer 'ZINC ION' 'Zn 2'
#
# COMPACT_ATOMS: atom_id res chain seq x y z
N GLY A 1 13.51 -7.67 8.89
CA GLY A 1 14.56 -8.67 9.15
C GLY A 1 14.15 -10.00 8.57
N SER A 2 14.21 -11.03 9.37
CA SER A 2 13.80 -12.34 8.92
C SER A 2 12.26 -12.44 8.97
N HIS A 3 11.63 -11.99 7.92
CA HIS A 3 10.18 -11.97 7.81
C HIS A 3 9.84 -12.60 6.48
N MET A 4 8.59 -12.86 6.25
CA MET A 4 8.14 -13.55 5.06
C MET A 4 6.93 -12.85 4.50
N SER A 5 6.51 -13.27 3.33
CA SER A 5 5.40 -12.68 2.62
C SER A 5 4.10 -12.77 3.44
N ARG A 6 3.68 -11.62 3.97
CA ARG A 6 2.49 -11.52 4.81
C ARG A 6 1.64 -10.35 4.37
N SER A 7 0.34 -10.49 4.36
CA SER A 7 -0.54 -9.39 3.99
C SER A 7 -1.42 -9.01 5.18
N VAL A 8 -1.31 -7.78 5.66
CA VAL A 8 -2.13 -7.34 6.79
C VAL A 8 -2.81 -6.00 6.50
N TYR A 9 -3.62 -5.55 7.43
CA TYR A 9 -4.40 -4.35 7.23
C TYR A 9 -3.65 -3.13 7.84
N GLY A 10 -4.08 -1.93 7.47
CA GLY A 10 -3.45 -0.71 7.96
C GLY A 10 -3.41 -0.62 9.48
N THR A 11 -4.51 -0.97 10.11
CA THR A 11 -4.61 -0.96 11.56
C THR A 11 -3.64 -2.00 12.19
N THR A 12 -3.25 -2.99 11.40
CA THR A 12 -2.36 -3.99 11.87
C THR A 12 -0.93 -3.44 11.78
N LEU A 13 -0.67 -2.63 10.73
CA LEU A 13 0.63 -1.95 10.55
C LEU A 13 0.89 -1.03 11.70
N GLU A 14 -0.13 -0.23 12.04
CA GLU A 14 -0.05 0.73 13.16
C GLU A 14 0.52 0.05 14.42
N ALA A 15 0.11 -1.18 14.66
CA ALA A 15 0.58 -1.91 15.82
C ALA A 15 1.90 -2.66 15.58
N ILE A 16 1.93 -3.49 14.55
CA ILE A 16 3.10 -4.32 14.27
C ILE A 16 4.26 -3.48 13.83
N THR A 17 4.07 -2.74 12.75
CA THR A 17 5.09 -1.91 12.21
C THR A 17 5.33 -0.71 13.15
N LYS A 18 4.29 -0.38 13.95
CA LYS A 18 4.38 0.57 15.07
C LYS A 18 4.53 2.02 14.59
N LYS A 19 4.20 2.23 13.36
CA LYS A 19 4.15 3.52 12.78
C LYS A 19 2.97 3.61 11.89
N SER A 20 2.42 4.78 11.82
CA SER A 20 1.27 5.03 11.05
C SER A 20 1.54 5.01 9.55
N LEU A 21 0.52 4.61 8.84
CA LEU A 21 0.46 4.52 7.37
C LEU A 21 1.17 5.68 6.69
N TYR A 22 0.80 6.88 7.11
CA TYR A 22 1.28 8.11 6.50
C TYR A 22 2.80 8.22 6.55
N ASP A 23 3.41 7.80 7.64
CA ASP A 23 4.86 7.90 7.83
C ASP A 23 5.57 6.75 7.16
N LEU A 24 5.01 5.57 7.34
CA LEU A 24 5.66 4.35 6.95
C LEU A 24 5.80 4.28 5.43
N SER A 25 7.03 4.20 5.00
CA SER A 25 7.36 4.11 3.61
C SER A 25 7.12 2.69 3.08
N ILE A 26 6.02 2.55 2.40
CA ILE A 26 5.62 1.32 1.76
C ILE A 26 5.75 1.57 0.28
N ARG A 27 6.31 0.64 -0.45
CA ARG A 27 6.51 0.82 -1.89
C ARG A 27 5.42 0.14 -2.66
N CYS A 28 5.20 0.59 -3.86
CA CYS A 28 4.33 -0.11 -4.75
C CYS A 28 5.12 -1.28 -5.28
N HIS A 29 4.56 -2.46 -5.19
CA HIS A 29 5.25 -3.69 -5.57
C HIS A 29 5.40 -3.77 -7.11
N ARG A 30 4.78 -2.84 -7.82
CA ARG A 30 4.83 -2.84 -9.29
C ARG A 30 5.84 -1.76 -9.76
N CYS A 31 6.05 -0.76 -8.94
CA CYS A 31 6.89 0.35 -9.36
C CYS A 31 8.21 0.43 -8.56
N GLN A 32 8.17 -0.02 -7.31
CA GLN A 32 9.31 0.00 -6.35
C GLN A 32 9.57 1.41 -5.86
N ARG A 33 8.55 2.21 -5.99
CA ARG A 33 8.53 3.56 -5.53
C ARG A 33 7.53 3.66 -4.40
N PRO A 34 7.73 4.56 -3.42
CA PRO A 34 6.82 4.74 -2.28
C PRO A 34 5.43 5.22 -2.69
N LEU A 35 4.47 4.96 -1.85
CA LEU A 35 3.09 5.34 -2.09
C LEU A 35 2.86 6.74 -1.55
N GLY A 36 2.13 7.54 -2.30
CA GLY A 36 1.72 8.83 -1.83
C GLY A 36 0.60 8.67 -0.80
N PRO A 37 0.16 9.77 -0.17
CA PRO A 37 -0.87 9.73 0.89
C PRO A 37 -2.16 8.97 0.49
N GLU A 38 -2.75 9.38 -0.64
CA GLU A 38 -4.02 8.79 -1.10
C GLU A 38 -3.78 7.33 -1.50
N GLU A 39 -2.58 7.01 -1.93
CA GLU A 39 -2.28 5.67 -2.40
C GLU A 39 -2.23 4.71 -1.23
N LYS A 40 -1.72 5.20 -0.11
CA LYS A 40 -1.70 4.42 1.12
C LYS A 40 -3.13 4.29 1.63
N GLN A 41 -3.85 5.39 1.50
CA GLN A 41 -5.24 5.46 1.89
C GLN A 41 -6.11 4.55 1.09
N LYS A 42 -5.86 4.39 -0.21
CA LYS A 42 -6.71 3.56 -1.08
C LYS A 42 -6.77 2.12 -0.62
N LEU A 43 -5.70 1.66 -0.06
CA LEU A 43 -5.60 0.30 0.39
C LEU A 43 -6.44 0.12 1.64
N VAL A 44 -6.42 1.09 2.49
CA VAL A 44 -7.20 1.05 3.73
C VAL A 44 -8.66 1.50 3.45
N ASP A 45 -8.81 2.24 2.39
CA ASP A 45 -10.08 2.79 1.99
C ASP A 45 -10.91 1.71 1.35
N GLU A 46 -10.29 0.98 0.44
CA GLU A 46 -10.96 -0.06 -0.30
C GLU A 46 -10.78 -1.44 0.32
N LYS A 47 -10.13 -1.47 1.47
CA LYS A 47 -9.94 -2.68 2.29
C LYS A 47 -9.07 -3.75 1.64
N LYS A 48 -7.87 -3.35 1.34
CA LYS A 48 -6.85 -4.20 0.80
C LYS A 48 -5.83 -4.51 1.89
N ARG A 49 -4.84 -5.30 1.57
CA ARG A 49 -3.80 -5.63 2.53
C ARG A 49 -2.47 -5.16 2.02
N PHE A 50 -1.60 -4.86 2.93
CA PHE A 50 -0.25 -4.46 2.64
C PHE A 50 0.59 -5.71 2.73
N HIS A 51 1.58 -5.82 1.89
CA HIS A 51 2.34 -7.03 1.83
C HIS A 51 3.77 -6.81 2.32
N GLU A 52 4.16 -7.58 3.31
CA GLU A 52 5.47 -7.56 3.88
C GLU A 52 6.31 -8.66 3.30
N ILE A 53 7.55 -8.34 2.99
CA ILE A 53 8.54 -9.33 2.65
C ILE A 53 9.81 -8.89 3.35
N ALA A 54 10.33 -9.72 4.27
CA ALA A 54 11.58 -9.45 5.01
C ALA A 54 11.50 -8.16 5.87
N GLY A 55 10.30 -7.76 6.21
CA GLY A 55 10.09 -6.56 7.00
C GLY A 55 10.04 -5.32 6.16
N ARG A 56 9.91 -5.50 4.88
CA ARG A 56 9.73 -4.43 3.98
C ARG A 56 8.32 -4.48 3.50
N TRP A 57 7.64 -3.39 3.61
CA TRP A 57 6.28 -3.33 3.21
C TRP A 57 6.14 -2.79 1.82
N THR A 58 5.13 -3.27 1.16
CA THR A 58 4.81 -3.01 -0.21
C THR A 58 3.30 -3.05 -0.39
N GLY A 59 2.83 -2.32 -1.34
CA GLY A 59 1.45 -2.25 -1.67
C GLY A 59 1.31 -1.86 -3.10
N GLN A 60 0.30 -1.13 -3.42
CA GLN A 60 0.09 -0.71 -4.77
C GLN A 60 -0.27 0.74 -4.83
N CYS A 61 0.46 1.50 -5.63
CA CYS A 61 0.18 2.89 -5.75
C CYS A 61 -0.92 3.13 -6.74
N ALA A 62 -1.73 4.07 -6.40
CA ALA A 62 -2.87 4.50 -7.16
C ALA A 62 -2.43 5.10 -8.50
N ASN A 63 -1.19 5.57 -8.58
CA ASN A 63 -0.63 6.05 -9.85
C ASN A 63 -0.88 5.05 -10.97
N CYS A 64 -0.60 3.79 -10.71
CA CYS A 64 -0.92 2.77 -11.68
C CYS A 64 -2.37 2.29 -11.50
N TRP A 65 -2.73 2.03 -10.25
CA TRP A 65 -3.98 1.37 -9.89
C TRP A 65 -5.26 2.20 -10.18
N GLN A 66 -5.21 3.50 -9.97
CA GLN A 66 -6.38 4.36 -10.17
C GLN A 66 -6.76 4.30 -11.64
N ARG A 67 -5.72 4.34 -12.47
CA ARG A 67 -5.84 4.34 -13.91
C ARG A 67 -6.12 2.91 -14.42
N THR A 68 -5.92 1.91 -13.55
CA THR A 68 -6.23 0.53 -13.87
C THR A 68 -7.76 0.33 -13.85
N ARG A 69 -8.47 1.25 -13.21
CA ARG A 69 -9.90 1.19 -13.24
C ARG A 69 -10.40 1.73 -14.55
N GLN A 70 -11.07 0.89 -15.30
CA GLN A 70 -11.56 1.25 -16.62
C GLN A 70 -12.69 2.25 -16.54
N ARG A 71 -13.48 2.21 -15.47
CA ARG A 71 -14.48 3.23 -15.30
C ARG A 71 -13.99 4.41 -14.52
N ASN A 72 -13.07 5.03 -15.15
CA ASN A 72 -12.50 6.29 -14.81
C ASN A 72 -12.31 6.94 -16.13
N GLU A 73 -12.79 8.12 -16.29
CA GLU A 73 -12.82 8.73 -17.61
C GLU A 73 -11.43 9.10 -18.09
N THR A 74 -11.30 9.31 -19.38
CA THR A 74 -10.03 9.64 -19.96
C THR A 74 -9.72 11.11 -19.74
N GLN A 75 -9.25 11.39 -18.57
CA GLN A 75 -8.84 12.72 -18.15
C GLN A 75 -7.60 12.62 -17.32
N VAL A 76 -7.70 11.72 -16.45
CA VAL A 76 -6.65 11.30 -15.57
C VAL A 76 -6.77 9.77 -15.51
ZN ZN B . 2.53 1.65 -8.91
N GLY A 1 14.04 -11.28 11.69
CA GLY A 1 13.39 -12.39 12.42
C GLY A 1 12.75 -13.32 11.45
N SER A 2 11.62 -13.90 11.79
CA SER A 2 10.89 -14.74 10.89
C SER A 2 10.04 -13.85 9.99
N HIS A 3 10.38 -13.79 8.72
CA HIS A 3 9.69 -12.92 7.79
C HIS A 3 9.08 -13.71 6.68
N MET A 4 7.82 -13.46 6.43
CA MET A 4 7.05 -14.21 5.46
C MET A 4 6.15 -13.27 4.72
N SER A 5 5.52 -13.76 3.68
CA SER A 5 4.56 -13.02 2.92
C SER A 5 3.27 -12.85 3.75
N ARG A 6 3.05 -11.65 4.26
CA ARG A 6 1.93 -11.39 5.15
C ARG A 6 1.17 -10.15 4.73
N SER A 7 -0.10 -10.29 4.46
CA SER A 7 -0.92 -9.13 4.14
C SER A 7 -1.65 -8.67 5.42
N VAL A 8 -1.37 -7.47 5.86
CA VAL A 8 -1.95 -6.94 7.11
C VAL A 8 -2.57 -5.55 6.88
N TYR A 9 -3.22 -5.00 7.89
CA TYR A 9 -3.86 -3.70 7.77
C TYR A 9 -2.91 -2.59 8.22
N GLY A 10 -3.28 -1.37 7.93
CA GLY A 10 -2.46 -0.21 8.27
C GLY A 10 -2.12 -0.13 9.74
N THR A 11 -3.12 -0.20 10.57
CA THR A 11 -2.91 -0.16 12.01
C THR A 11 -2.19 -1.44 12.50
N THR A 12 -2.16 -2.48 11.68
CA THR A 12 -1.44 -3.66 12.03
C THR A 12 0.06 -3.37 11.83
N LEU A 13 0.36 -2.55 10.81
CA LEU A 13 1.72 -2.03 10.57
C LEU A 13 2.15 -1.17 11.70
N GLU A 14 1.24 -0.33 12.13
CA GLU A 14 1.48 0.60 13.22
C GLU A 14 1.82 -0.14 14.51
N ALA A 15 1.37 -1.36 14.62
CA ALA A 15 1.72 -2.24 15.72
C ALA A 15 3.02 -3.04 15.43
N ILE A 16 3.00 -3.84 14.35
CA ILE A 16 4.11 -4.73 13.99
C ILE A 16 5.40 -3.96 13.72
N THR A 17 5.35 -3.02 12.81
CA THR A 17 6.53 -2.24 12.53
C THR A 17 6.69 -1.12 13.59
N LYS A 18 5.57 -0.83 14.27
CA LYS A 18 5.51 0.18 15.31
C LYS A 18 5.93 1.54 14.72
N LYS A 19 5.26 1.90 13.65
CA LYS A 19 5.36 3.19 13.01
C LYS A 19 4.01 3.55 12.54
N SER A 20 3.73 4.81 12.49
CA SER A 20 2.43 5.26 12.08
C SER A 20 2.35 5.22 10.56
N LEU A 21 1.15 5.12 10.02
CA LEU A 21 0.94 5.08 8.55
C LEU A 21 1.62 6.20 7.79
N TYR A 22 1.68 7.37 8.39
CA TYR A 22 2.33 8.49 7.74
C TYR A 22 3.85 8.27 7.69
N ASP A 23 4.36 7.72 8.75
CA ASP A 23 5.81 7.51 8.97
C ASP A 23 6.32 6.29 8.21
N LEU A 24 5.56 5.23 8.26
CA LEU A 24 5.94 4.02 7.57
C LEU A 24 5.55 4.12 6.13
N SER A 25 6.51 4.26 5.29
CA SER A 25 6.28 4.36 3.90
C SER A 25 6.66 3.09 3.18
N ILE A 26 5.64 2.38 2.76
CA ILE A 26 5.74 1.12 2.08
C ILE A 26 6.00 1.41 0.59
N ARG A 27 6.63 0.49 -0.13
CA ARG A 27 6.83 0.70 -1.56
C ARG A 27 5.73 0.09 -2.36
N CYS A 28 5.45 0.67 -3.47
CA CYS A 28 4.57 0.08 -4.42
C CYS A 28 5.39 -0.97 -5.16
N HIS A 29 4.90 -2.18 -5.23
CA HIS A 29 5.63 -3.28 -5.88
C HIS A 29 5.57 -3.15 -7.42
N ARG A 30 4.86 -2.15 -7.88
CA ARG A 30 4.68 -1.92 -9.29
C ARG A 30 5.58 -0.76 -9.75
N CYS A 31 5.90 0.13 -8.81
CA CYS A 31 6.73 1.27 -9.14
C CYS A 31 8.12 1.21 -8.47
N GLN A 32 8.18 0.60 -7.27
CA GLN A 32 9.38 0.51 -6.40
C GLN A 32 9.65 1.84 -5.74
N ARG A 33 8.63 2.64 -5.74
CA ARG A 33 8.64 3.94 -5.11
C ARG A 33 7.69 3.89 -3.92
N PRO A 34 7.98 4.68 -2.87
CA PRO A 34 7.15 4.70 -1.65
C PRO A 34 5.75 5.26 -1.90
N LEU A 35 4.83 4.83 -1.07
CA LEU A 35 3.45 5.28 -1.14
C LEU A 35 3.35 6.65 -0.49
N GLY A 36 2.76 7.59 -1.20
CA GLY A 36 2.51 8.90 -0.64
C GLY A 36 1.32 8.87 0.30
N PRO A 37 1.01 9.97 0.99
CA PRO A 37 -0.11 10.03 1.95
C PRO A 37 -1.45 9.68 1.29
N GLU A 38 -1.67 10.24 0.12
CA GLU A 38 -2.90 10.06 -0.65
C GLU A 38 -3.04 8.60 -1.06
N GLU A 39 -1.93 8.05 -1.47
CA GLU A 39 -1.83 6.67 -1.91
C GLU A 39 -2.22 5.75 -0.76
N LYS A 40 -1.62 6.00 0.41
CA LYS A 40 -1.91 5.24 1.62
C LYS A 40 -3.38 5.40 2.01
N GLN A 41 -3.87 6.62 1.90
CA GLN A 41 -5.24 6.97 2.20
C GLN A 41 -6.21 6.17 1.37
N LYS A 42 -5.92 5.95 0.09
CA LYS A 42 -6.83 5.20 -0.76
C LYS A 42 -6.89 3.72 -0.40
N LEU A 43 -5.81 3.23 0.12
CA LEU A 43 -5.74 1.85 0.50
C LEU A 43 -6.52 1.65 1.77
N VAL A 44 -6.34 2.56 2.69
CA VAL A 44 -7.10 2.55 3.95
C VAL A 44 -8.58 2.85 3.66
N ASP A 45 -8.81 3.71 2.68
CA ASP A 45 -10.13 4.13 2.24
C ASP A 45 -10.95 2.96 1.76
N GLU A 46 -10.36 2.15 0.90
CA GLU A 46 -11.07 1.03 0.34
C GLU A 46 -10.73 -0.27 1.03
N LYS A 47 -10.04 -0.17 2.14
CA LYS A 47 -9.65 -1.28 3.01
C LYS A 47 -8.79 -2.34 2.29
N LYS A 48 -7.66 -1.90 1.84
CA LYS A 48 -6.68 -2.76 1.21
C LYS A 48 -5.56 -3.06 2.20
N ARG A 49 -4.89 -4.16 1.99
CA ARG A 49 -3.85 -4.59 2.89
C ARG A 49 -2.47 -4.33 2.32
N PHE A 50 -1.51 -4.25 3.20
CA PHE A 50 -0.13 -4.06 2.86
C PHE A 50 0.54 -5.41 3.00
N HIS A 51 1.52 -5.71 2.20
CA HIS A 51 2.09 -7.03 2.18
C HIS A 51 3.58 -7.02 2.57
N GLU A 52 3.92 -7.76 3.61
CA GLU A 52 5.29 -7.95 4.04
C GLU A 52 5.88 -9.08 3.25
N ILE A 53 7.03 -8.86 2.69
CA ILE A 53 7.80 -9.93 2.11
C ILE A 53 9.24 -9.80 2.58
N ALA A 54 9.67 -10.72 3.43
CA ALA A 54 11.04 -10.77 3.96
C ALA A 54 11.37 -9.50 4.77
N GLY A 55 10.35 -8.96 5.43
CA GLY A 55 10.53 -7.77 6.26
C GLY A 55 10.43 -6.49 5.46
N ARG A 56 10.18 -6.63 4.18
CA ARG A 56 10.09 -5.50 3.31
C ARG A 56 8.64 -5.34 2.93
N TRP A 57 8.12 -4.16 3.08
CA TRP A 57 6.75 -3.93 2.79
C TRP A 57 6.53 -3.53 1.36
N THR A 58 5.44 -3.99 0.85
CA THR A 58 5.06 -3.81 -0.52
C THR A 58 3.55 -3.61 -0.61
N GLY A 59 3.15 -2.84 -1.58
CA GLY A 59 1.76 -2.60 -1.84
C GLY A 59 1.62 -1.98 -3.19
N GLN A 60 0.63 -1.15 -3.36
CA GLN A 60 0.42 -0.45 -4.60
C GLN A 60 -0.11 0.93 -4.35
N CYS A 61 0.57 1.90 -4.90
CA CYS A 61 0.14 3.27 -4.79
C CYS A 61 -1.05 3.53 -5.69
N ALA A 62 -1.92 4.36 -5.22
CA ALA A 62 -3.18 4.66 -5.85
C ALA A 62 -3.01 5.27 -7.24
N ASN A 63 -1.95 6.00 -7.46
CA ASN A 63 -1.69 6.63 -8.74
C ASN A 63 -1.65 5.66 -9.91
N CYS A 64 -1.04 4.51 -9.74
CA CYS A 64 -1.08 3.54 -10.83
C CYS A 64 -2.37 2.73 -10.77
N TRP A 65 -2.86 2.57 -9.56
CA TRP A 65 -4.06 1.81 -9.25
C TRP A 65 -5.30 2.45 -9.89
N GLN A 66 -5.41 3.77 -9.79
CA GLN A 66 -6.57 4.48 -10.32
C GLN A 66 -6.60 4.45 -11.84
N ARG A 67 -5.45 4.19 -12.44
CA ARG A 67 -5.35 4.06 -13.89
C ARG A 67 -5.68 2.63 -14.32
N THR A 68 -5.90 1.77 -13.34
CA THR A 68 -6.26 0.39 -13.60
C THR A 68 -7.73 0.17 -13.11
N ARG A 69 -8.48 1.25 -13.07
CA ARG A 69 -9.87 1.22 -12.61
C ARG A 69 -10.79 1.22 -13.82
N GLN A 70 -11.82 0.42 -13.75
CA GLN A 70 -12.79 0.32 -14.83
C GLN A 70 -13.64 1.52 -14.89
N ARG A 71 -13.61 2.09 -16.03
CA ARG A 71 -14.31 3.24 -16.33
C ARG A 71 -14.62 3.14 -17.80
N ASN A 72 -15.39 4.03 -18.22
CA ASN A 72 -15.73 4.21 -19.63
C ASN A 72 -14.52 4.92 -20.27
N GLU A 73 -14.41 4.88 -21.57
CA GLU A 73 -13.23 5.38 -22.28
C GLU A 73 -13.15 6.88 -22.13
N THR A 74 -12.00 7.43 -22.36
CA THR A 74 -11.80 8.83 -22.22
C THR A 74 -12.36 9.58 -23.44
N GLN A 75 -13.66 9.69 -23.45
CA GLN A 75 -14.37 10.47 -24.43
C GLN A 75 -15.04 11.62 -23.70
N VAL A 76 -14.80 11.60 -22.42
CA VAL A 76 -15.28 12.52 -21.41
C VAL A 76 -14.26 12.41 -20.28
ZN ZN B . 2.48 2.40 -8.14
N GLY A 1 7.65 -7.37 8.72
CA GLY A 1 7.86 -8.34 9.80
C GLY A 1 8.18 -9.71 9.26
N SER A 2 7.17 -10.49 8.96
CA SER A 2 7.39 -11.84 8.48
C SER A 2 7.66 -11.87 6.98
N HIS A 3 8.27 -12.93 6.51
CA HIS A 3 8.72 -13.01 5.12
C HIS A 3 7.66 -13.53 4.17
N MET A 4 6.44 -13.66 4.63
CA MET A 4 5.37 -14.19 3.82
C MET A 4 4.47 -13.09 3.35
N SER A 5 3.91 -13.27 2.17
CA SER A 5 3.00 -12.32 1.57
C SER A 5 1.71 -12.19 2.39
N ARG A 6 1.60 -11.09 3.09
CA ARG A 6 0.47 -10.85 3.97
C ARG A 6 -0.12 -9.47 3.73
N SER A 7 -1.36 -9.42 3.35
CA SER A 7 -2.02 -8.15 3.19
C SER A 7 -2.73 -7.81 4.52
N VAL A 8 -2.32 -6.74 5.17
CA VAL A 8 -2.85 -6.41 6.49
C VAL A 8 -3.27 -4.93 6.49
N TYR A 9 -4.07 -4.49 7.49
CA TYR A 9 -4.60 -3.14 7.50
C TYR A 9 -3.58 -2.17 8.06
N GLY A 10 -3.67 -0.92 7.60
CA GLY A 10 -2.71 0.13 7.97
C GLY A 10 -2.44 0.23 9.46
N THR A 11 -3.47 0.35 10.24
CA THR A 11 -3.37 0.47 11.67
C THR A 11 -2.79 -0.84 12.30
N THR A 12 -2.79 -1.93 11.54
CA THR A 12 -2.31 -3.16 12.04
C THR A 12 -0.82 -3.20 11.76
N LEU A 13 -0.39 -2.51 10.70
CA LEU A 13 1.04 -2.26 10.44
C LEU A 13 1.62 -1.47 11.56
N GLU A 14 0.92 -0.40 11.90
CA GLU A 14 1.35 0.52 12.95
C GLU A 14 1.37 -0.19 14.32
N ALA A 15 0.66 -1.28 14.41
CA ALA A 15 0.68 -2.13 15.59
C ALA A 15 1.80 -3.18 15.53
N ILE A 16 1.73 -4.08 14.54
CA ILE A 16 2.65 -5.23 14.40
C ILE A 16 4.09 -4.79 14.10
N THR A 17 4.24 -3.85 13.19
CA THR A 17 5.56 -3.38 12.85
C THR A 17 5.89 -2.16 13.72
N LYS A 18 4.91 -1.78 14.54
CA LYS A 18 5.00 -0.71 15.52
C LYS A 18 5.28 0.66 14.99
N LYS A 19 5.27 0.85 13.68
CA LYS A 19 5.56 2.16 13.16
C LYS A 19 4.49 2.64 12.26
N SER A 20 4.45 3.93 12.11
CA SER A 20 3.43 4.60 11.36
C SER A 20 3.53 4.33 9.85
N LEU A 21 2.40 4.43 9.17
CA LEU A 21 2.31 4.13 7.73
C LEU A 21 2.99 5.20 6.97
N TYR A 22 2.99 6.32 7.58
CA TYR A 22 3.51 7.54 7.07
C TYR A 22 5.03 7.55 7.17
N ASP A 23 5.55 6.74 8.07
CA ASP A 23 6.99 6.64 8.33
C ASP A 23 7.58 5.48 7.57
N LEU A 24 6.86 4.38 7.60
CA LEU A 24 7.30 3.14 7.02
C LEU A 24 7.46 3.31 5.50
N SER A 25 8.66 3.05 5.03
CA SER A 25 8.94 3.13 3.64
C SER A 25 8.38 1.91 2.92
N ILE A 26 7.15 2.05 2.52
CA ILE A 26 6.41 1.05 1.80
C ILE A 26 6.52 1.41 0.33
N ARG A 27 6.86 0.46 -0.52
CA ARG A 27 7.06 0.76 -1.93
C ARG A 27 5.93 0.23 -2.78
N CYS A 28 5.72 0.88 -3.91
CA CYS A 28 4.74 0.45 -4.88
C CYS A 28 5.27 -0.74 -5.65
N HIS A 29 4.46 -1.79 -5.77
CA HIS A 29 4.84 -3.02 -6.52
C HIS A 29 5.08 -2.74 -8.01
N ARG A 30 4.62 -1.59 -8.47
CA ARG A 30 4.72 -1.26 -9.89
C ARG A 30 5.85 -0.25 -10.14
N CYS A 31 6.25 0.46 -9.11
CA CYS A 31 7.28 1.49 -9.28
C CYS A 31 8.60 1.10 -8.60
N GLN A 32 8.50 0.40 -7.45
CA GLN A 32 9.63 0.03 -6.59
C GLN A 32 10.20 1.25 -5.92
N ARG A 33 9.36 2.26 -5.88
CA ARG A 33 9.62 3.51 -5.23
C ARG A 33 8.66 3.62 -4.07
N PRO A 34 9.04 4.31 -2.99
CA PRO A 34 8.17 4.48 -1.81
C PRO A 34 6.90 5.26 -2.12
N LEU A 35 5.89 5.02 -1.32
CA LEU A 35 4.61 5.71 -1.45
C LEU A 35 4.73 7.05 -0.74
N GLY A 36 4.37 8.12 -1.41
CA GLY A 36 4.38 9.42 -0.81
C GLY A 36 3.08 9.70 -0.05
N PRO A 37 2.70 10.97 0.13
CA PRO A 37 1.55 11.35 0.96
C PRO A 37 0.19 10.86 0.43
N GLU A 38 -0.14 11.17 -0.84
CA GLU A 38 -1.47 10.84 -1.40
C GLU A 38 -1.54 9.33 -1.55
N GLU A 39 -0.42 8.82 -1.99
CA GLU A 39 -0.20 7.42 -2.21
C GLU A 39 -0.46 6.60 -0.94
N LYS A 40 -0.16 7.17 0.21
CA LYS A 40 -0.47 6.53 1.47
C LYS A 40 -1.91 6.84 1.87
N GLN A 41 -2.28 8.11 1.79
CA GLN A 41 -3.58 8.61 2.22
C GLN A 41 -4.74 7.92 1.60
N LYS A 42 -4.67 7.60 0.33
CA LYS A 42 -5.82 7.00 -0.31
C LYS A 42 -6.08 5.58 0.19
N LEU A 43 -5.02 4.91 0.56
CA LEU A 43 -5.12 3.55 1.05
C LEU A 43 -5.64 3.60 2.46
N VAL A 44 -5.19 4.59 3.18
CA VAL A 44 -5.65 4.83 4.54
C VAL A 44 -7.12 5.30 4.51
N ASP A 45 -7.45 6.04 3.47
CA ASP A 45 -8.78 6.63 3.31
C ASP A 45 -9.84 5.57 3.09
N GLU A 46 -9.57 4.69 2.14
CA GLU A 46 -10.57 3.70 1.76
C GLU A 46 -10.44 2.41 2.51
N LYS A 47 -9.66 2.43 3.60
CA LYS A 47 -9.47 1.25 4.46
C LYS A 47 -8.89 0.10 3.63
N LYS A 48 -7.76 0.34 3.03
CA LYS A 48 -7.14 -0.62 2.17
C LYS A 48 -6.05 -1.37 2.96
N ARG A 49 -5.41 -2.32 2.33
CA ARG A 49 -4.40 -3.10 2.99
C ARG A 49 -3.06 -2.86 2.35
N PHE A 50 -2.03 -3.06 3.10
CA PHE A 50 -0.69 -2.99 2.62
C PHE A 50 -0.18 -4.41 2.57
N HIS A 51 0.80 -4.68 1.77
CA HIS A 51 1.23 -6.04 1.58
C HIS A 51 2.65 -6.22 2.08
N GLU A 52 2.80 -7.11 3.02
CA GLU A 52 4.09 -7.49 3.53
C GLU A 52 4.64 -8.60 2.67
N ILE A 53 5.79 -8.40 2.11
CA ILE A 53 6.46 -9.42 1.35
C ILE A 53 7.93 -9.39 1.72
N ALA A 54 8.50 -10.57 1.90
CA ALA A 54 9.92 -10.72 2.22
C ALA A 54 10.32 -9.93 3.47
N GLY A 55 9.39 -9.80 4.41
CA GLY A 55 9.67 -9.13 5.67
C GLY A 55 9.48 -7.63 5.63
N ARG A 56 9.28 -7.07 4.46
CA ARG A 56 9.11 -5.64 4.32
C ARG A 56 7.77 -5.30 3.70
N TRP A 57 7.36 -4.06 3.81
CA TRP A 57 6.08 -3.65 3.31
C TRP A 57 6.14 -3.02 1.93
N THR A 58 5.04 -3.16 1.24
CA THR A 58 4.86 -2.78 -0.13
C THR A 58 3.38 -2.59 -0.38
N GLY A 59 3.04 -1.86 -1.40
CA GLY A 59 1.68 -1.62 -1.73
C GLY A 59 1.59 -1.06 -3.11
N GLN A 60 0.56 -0.34 -3.36
CA GLN A 60 0.41 0.32 -4.61
C GLN A 60 0.16 1.77 -4.38
N CYS A 61 0.94 2.61 -5.02
CA CYS A 61 0.72 4.01 -4.86
C CYS A 61 -0.55 4.40 -5.54
N ALA A 62 -1.23 5.30 -4.92
CA ALA A 62 -2.52 5.83 -5.36
C ALA A 62 -2.45 6.34 -6.79
N ASN A 63 -1.28 6.79 -7.20
CA ASN A 63 -1.03 7.25 -8.56
C ASN A 63 -1.35 6.13 -9.56
N CYS A 64 -0.89 4.92 -9.26
CA CYS A 64 -1.18 3.77 -10.11
C CYS A 64 -2.60 3.31 -9.85
N TRP A 65 -3.03 3.44 -8.61
CA TRP A 65 -4.32 2.96 -8.17
C TRP A 65 -5.46 3.72 -8.83
N GLN A 66 -5.34 5.03 -8.92
CA GLN A 66 -6.33 5.83 -9.60
C GLN A 66 -6.34 5.57 -11.11
N ARG A 67 -5.22 5.06 -11.61
CA ARG A 67 -5.12 4.68 -13.01
C ARG A 67 -5.52 3.23 -13.26
N THR A 68 -5.80 2.52 -12.18
CA THR A 68 -6.23 1.14 -12.22
C THR A 68 -7.49 1.07 -11.37
N ARG A 69 -8.24 2.14 -11.45
CA ARG A 69 -9.39 2.33 -10.65
C ARG A 69 -10.57 1.53 -11.25
N GLN A 70 -11.64 1.35 -10.47
CA GLN A 70 -12.80 0.58 -10.90
C GLN A 70 -13.60 1.30 -11.98
N ARG A 71 -13.11 1.18 -13.14
CA ARG A 71 -13.71 1.64 -14.32
C ARG A 71 -13.22 0.66 -15.33
N ASN A 72 -14.03 0.26 -16.24
CA ASN A 72 -13.55 -0.61 -17.30
C ASN A 72 -12.84 0.30 -18.25
N GLU A 73 -11.53 0.39 -18.07
CA GLU A 73 -10.71 1.36 -18.77
C GLU A 73 -10.52 0.98 -20.23
N THR A 74 -11.54 1.23 -20.99
CA THR A 74 -11.55 1.01 -22.38
C THR A 74 -11.69 2.33 -23.12
N GLN A 75 -11.45 2.31 -24.41
CA GLN A 75 -11.59 3.51 -25.25
C GLN A 75 -12.94 3.52 -25.93
N VAL A 76 -13.79 2.71 -25.40
CA VAL A 76 -15.14 2.50 -25.83
C VAL A 76 -15.93 2.28 -24.57
ZN ZN B . 3.12 3.22 -8.60
N GLY A 1 9.48 -12.82 11.97
CA GLY A 1 9.18 -11.40 11.72
C GLY A 1 8.54 -11.28 10.39
N SER A 2 8.86 -10.24 9.67
CA SER A 2 8.37 -10.07 8.33
C SER A 2 9.20 -10.90 7.36
N HIS A 3 8.55 -11.85 6.69
CA HIS A 3 9.26 -12.76 5.79
C HIS A 3 8.46 -13.09 4.51
N MET A 4 7.22 -13.46 4.70
CA MET A 4 6.43 -14.07 3.63
C MET A 4 5.26 -13.16 3.24
N SER A 5 4.57 -13.49 2.16
CA SER A 5 3.43 -12.75 1.69
C SER A 5 2.32 -12.70 2.76
N ARG A 6 2.13 -11.53 3.31
CA ARG A 6 1.24 -11.32 4.43
C ARG A 6 0.49 -9.98 4.27
N SER A 7 -0.82 -10.05 4.09
CA SER A 7 -1.61 -8.84 3.91
C SER A 7 -2.30 -8.40 5.23
N VAL A 8 -1.96 -7.21 5.72
CA VAL A 8 -2.55 -6.67 6.96
C VAL A 8 -3.00 -5.22 6.74
N TYR A 9 -3.61 -4.61 7.75
CA TYR A 9 -4.09 -3.24 7.60
C TYR A 9 -3.03 -2.24 8.05
N GLY A 10 -3.21 -1.00 7.64
CA GLY A 10 -2.26 0.04 7.97
C GLY A 10 -2.07 0.21 9.46
N THR A 11 -3.16 0.35 10.17
CA THR A 11 -3.14 0.48 11.60
C THR A 11 -2.62 -0.84 12.27
N THR A 12 -2.61 -1.94 11.51
CA THR A 12 -2.07 -3.16 12.01
C THR A 12 -0.53 -3.02 11.98
N LEU A 13 -0.04 -2.38 10.93
CA LEU A 13 1.41 -2.05 10.77
C LEU A 13 1.86 -1.13 11.82
N GLU A 14 1.03 -0.19 12.15
CA GLU A 14 1.35 0.78 13.17
C GLU A 14 1.53 0.09 14.55
N ALA A 15 0.87 -1.06 14.72
CA ALA A 15 1.06 -1.88 15.91
C ALA A 15 2.24 -2.87 15.72
N ILE A 16 2.22 -3.61 14.61
CA ILE A 16 3.24 -4.62 14.27
C ILE A 16 4.61 -3.99 14.17
N THR A 17 4.75 -3.09 13.23
CA THR A 17 6.01 -2.44 13.00
C THR A 17 6.29 -1.43 14.13
N LYS A 18 5.20 -0.91 14.76
CA LYS A 18 5.26 0.12 15.82
C LYS A 18 5.65 1.45 15.23
N LYS A 19 5.35 1.59 13.97
CA LYS A 19 5.60 2.80 13.25
C LYS A 19 4.36 3.19 12.53
N SER A 20 3.98 4.45 12.69
CA SER A 20 2.83 4.99 12.03
C SER A 20 3.01 4.93 10.51
N LEU A 21 1.91 4.92 9.80
CA LEU A 21 1.91 4.82 8.33
C LEU A 21 2.73 5.90 7.67
N TYR A 22 2.78 7.07 8.28
CA TYR A 22 3.54 8.19 7.75
C TYR A 22 5.03 7.84 7.69
N ASP A 23 5.51 7.18 8.73
CA ASP A 23 6.93 6.81 8.90
C ASP A 23 7.27 5.57 8.09
N LEU A 24 6.38 4.60 8.15
CA LEU A 24 6.61 3.32 7.51
C LEU A 24 6.65 3.48 5.99
N SER A 25 7.81 3.25 5.45
CA SER A 25 8.02 3.34 4.05
C SER A 25 7.72 2.03 3.36
N ILE A 26 6.47 1.90 2.98
CA ILE A 26 5.96 0.77 2.25
C ILE A 26 6.21 1.08 0.78
N ARG A 27 6.49 0.10 -0.04
CA ARG A 27 6.83 0.38 -1.42
C ARG A 27 5.76 -0.09 -2.40
N CYS A 28 5.76 0.48 -3.58
CA CYS A 28 4.84 0.08 -4.63
C CYS A 28 5.36 -1.17 -5.33
N HIS A 29 4.50 -2.15 -5.51
CA HIS A 29 4.83 -3.43 -6.19
C HIS A 29 5.31 -3.18 -7.63
N ARG A 30 4.97 -2.03 -8.17
CA ARG A 30 5.24 -1.73 -9.57
C ARG A 30 6.45 -0.79 -9.68
N CYS A 31 6.77 -0.06 -8.62
CA CYS A 31 7.86 0.89 -8.69
C CYS A 31 9.07 0.47 -7.84
N GLN A 32 8.81 -0.33 -6.78
CA GLN A 32 9.83 -0.83 -5.80
C GLN A 32 10.42 0.35 -5.05
N ARG A 33 9.62 1.37 -5.00
CA ARG A 33 9.93 2.62 -4.41
C ARG A 33 8.82 2.97 -3.43
N PRO A 34 9.13 3.71 -2.33
CA PRO A 34 8.17 4.03 -1.25
C PRO A 34 6.91 4.79 -1.69
N LEU A 35 5.90 4.70 -0.85
CA LEU A 35 4.63 5.37 -1.02
C LEU A 35 4.69 6.73 -0.36
N GLY A 36 4.14 7.70 -1.03
CA GLY A 36 3.99 9.02 -0.53
C GLY A 36 2.71 9.14 0.29
N PRO A 37 2.12 10.32 0.39
CA PRO A 37 0.95 10.52 1.22
C PRO A 37 -0.42 10.17 0.56
N GLU A 38 -0.55 10.32 -0.79
CA GLU A 38 -1.86 10.11 -1.42
C GLU A 38 -2.21 8.64 -1.37
N GLU A 39 -1.17 7.84 -1.45
CA GLU A 39 -1.26 6.43 -1.44
C GLU A 39 -1.70 5.96 -0.09
N LYS A 40 -0.91 6.30 0.91
CA LYS A 40 -1.18 5.91 2.29
C LYS A 40 -2.60 6.30 2.69
N GLN A 41 -3.01 7.49 2.31
CA GLN A 41 -4.35 7.93 2.58
C GLN A 41 -5.40 7.18 1.83
N LYS A 42 -5.23 6.91 0.55
CA LYS A 42 -6.32 6.25 -0.17
C LYS A 42 -6.42 4.77 0.06
N LEU A 43 -5.38 4.17 0.53
CA LEU A 43 -5.44 2.76 0.86
C LEU A 43 -6.17 2.59 2.16
N VAL A 44 -5.99 3.55 3.03
CA VAL A 44 -6.73 3.54 4.29
C VAL A 44 -8.16 4.01 4.02
N ASP A 45 -8.27 4.99 3.13
CA ASP A 45 -9.54 5.61 2.69
C ASP A 45 -10.49 4.55 2.20
N GLU A 46 -9.97 3.71 1.33
CA GLU A 46 -10.76 2.71 0.71
C GLU A 46 -10.69 1.39 1.45
N LYS A 47 -9.85 1.35 2.48
CA LYS A 47 -9.69 0.17 3.32
C LYS A 47 -9.08 -1.03 2.57
N LYS A 48 -7.90 -0.80 2.10
CA LYS A 48 -7.08 -1.78 1.44
C LYS A 48 -6.05 -2.32 2.41
N ARG A 49 -5.37 -3.37 2.04
CA ARG A 49 -4.36 -3.95 2.89
C ARG A 49 -2.99 -3.78 2.27
N PHE A 50 -2.01 -3.80 3.12
CA PHE A 50 -0.63 -3.71 2.72
C PHE A 50 -0.06 -5.11 2.74
N HIS A 51 0.84 -5.38 1.86
CA HIS A 51 1.32 -6.72 1.70
C HIS A 51 2.81 -6.81 2.00
N GLU A 52 3.15 -7.64 2.95
CA GLU A 52 4.52 -7.98 3.27
C GLU A 52 4.99 -9.01 2.27
N ILE A 53 6.09 -8.74 1.62
CA ILE A 53 6.75 -9.70 0.76
C ILE A 53 8.25 -9.57 0.92
N ALA A 54 8.90 -10.68 1.27
CA ALA A 54 10.36 -10.76 1.45
C ALA A 54 10.81 -9.87 2.60
N GLY A 55 9.91 -9.66 3.55
CA GLY A 55 10.22 -8.85 4.70
C GLY A 55 10.02 -7.37 4.46
N ARG A 56 9.48 -7.03 3.33
CA ARG A 56 9.28 -5.64 2.99
C ARG A 56 7.81 -5.41 2.83
N TRP A 57 7.36 -4.25 3.21
CA TRP A 57 6.00 -3.91 2.99
C TRP A 57 5.85 -3.27 1.64
N THR A 58 4.76 -3.56 1.04
CA THR A 58 4.47 -3.18 -0.30
C THR A 58 2.97 -3.01 -0.50
N GLY A 59 2.66 -2.23 -1.48
CA GLY A 59 1.32 -1.97 -1.90
C GLY A 59 1.42 -1.33 -3.24
N GLN A 60 0.42 -0.66 -3.68
CA GLN A 60 0.52 0.02 -4.94
C GLN A 60 0.40 1.49 -4.70
N CYS A 61 1.35 2.28 -5.19
CA CYS A 61 1.20 3.68 -5.04
C CYS A 61 0.05 4.15 -5.85
N ALA A 62 -0.81 4.81 -5.17
CA ALA A 62 -2.04 5.32 -5.69
C ALA A 62 -1.82 6.23 -6.89
N ASN A 63 -0.64 6.78 -7.02
CA ASN A 63 -0.32 7.61 -8.16
C ASN A 63 -0.37 6.76 -9.48
N CYS A 64 -0.13 5.43 -9.37
CA CYS A 64 -0.31 4.51 -10.52
C CYS A 64 -1.80 4.19 -10.63
N TRP A 65 -2.39 4.02 -9.47
CA TRP A 65 -3.75 3.54 -9.30
C TRP A 65 -4.77 4.57 -9.76
N GLN A 66 -4.46 5.84 -9.57
CA GLN A 66 -5.30 6.92 -10.02
C GLN A 66 -5.42 6.91 -11.55
N ARG A 67 -4.38 6.40 -12.20
CA ARG A 67 -4.35 6.27 -13.66
C ARG A 67 -5.01 4.96 -14.08
N THR A 68 -5.36 4.16 -13.10
CA THR A 68 -6.00 2.88 -13.33
C THR A 68 -7.51 3.01 -12.97
N ARG A 69 -7.95 4.25 -12.73
CA ARG A 69 -9.35 4.50 -12.39
C ARG A 69 -10.18 4.54 -13.66
N GLN A 70 -10.42 3.40 -14.23
CA GLN A 70 -11.20 3.32 -15.43
C GLN A 70 -12.67 3.32 -15.14
N ARG A 71 -13.22 4.51 -15.04
CA ARG A 71 -14.62 4.67 -14.84
C ARG A 71 -15.20 5.42 -16.02
N ASN A 72 -14.53 5.29 -17.12
CA ASN A 72 -14.95 5.86 -18.37
C ASN A 72 -15.47 4.71 -19.20
N GLU A 73 -16.32 4.97 -20.15
CA GLU A 73 -16.85 3.91 -20.98
C GLU A 73 -15.85 3.49 -22.04
N THR A 74 -14.94 2.67 -21.62
CA THR A 74 -13.93 2.08 -22.45
C THR A 74 -13.78 0.63 -21.95
N GLN A 75 -14.89 0.11 -21.44
CA GLN A 75 -14.94 -1.23 -20.87
C GLN A 75 -15.58 -2.19 -21.86
N VAL A 76 -15.70 -1.72 -23.06
CA VAL A 76 -16.30 -2.42 -24.17
C VAL A 76 -15.45 -2.06 -25.37
ZN ZN B . 3.79 2.97 -8.44
N GLY A 1 11.17 -12.52 11.08
CA GLY A 1 9.85 -12.01 11.47
C GLY A 1 8.81 -12.71 10.65
N SER A 2 7.72 -12.05 10.38
CA SER A 2 6.71 -12.60 9.53
C SER A 2 7.17 -12.39 8.10
N HIS A 3 7.41 -13.47 7.40
CA HIS A 3 7.93 -13.35 6.05
C HIS A 3 6.88 -13.74 5.05
N MET A 4 5.73 -14.08 5.56
CA MET A 4 4.64 -14.57 4.77
C MET A 4 3.80 -13.43 4.27
N SER A 5 3.21 -13.62 3.13
CA SER A 5 2.36 -12.66 2.48
C SER A 5 1.11 -12.35 3.33
N ARG A 6 1.12 -11.22 4.01
CA ARG A 6 -0.01 -10.81 4.81
C ARG A 6 -0.60 -9.53 4.30
N SER A 7 -1.85 -9.57 3.88
CA SER A 7 -2.51 -8.38 3.40
C SER A 7 -3.43 -7.84 4.49
N VAL A 8 -3.16 -6.65 4.97
CA VAL A 8 -3.96 -6.04 6.05
C VAL A 8 -4.27 -4.58 5.74
N TYR A 9 -5.03 -3.93 6.61
CA TYR A 9 -5.43 -2.54 6.39
C TYR A 9 -4.42 -1.59 6.99
N GLY A 10 -4.43 -0.35 6.51
CA GLY A 10 -3.45 0.67 6.92
C GLY A 10 -3.25 0.76 8.40
N THR A 11 -4.31 0.96 9.13
CA THR A 11 -4.25 1.08 10.57
C THR A 11 -3.80 -0.25 11.25
N THR A 12 -3.84 -1.36 10.52
CA THR A 12 -3.41 -2.60 11.05
C THR A 12 -1.89 -2.59 10.97
N LEU A 13 -1.36 -1.97 9.91
CA LEU A 13 0.09 -1.70 9.78
C LEU A 13 0.54 -0.79 10.88
N GLU A 14 -0.25 0.24 11.10
CA GLU A 14 0.03 1.24 12.11
C GLU A 14 0.05 0.63 13.52
N ALA A 15 -0.67 -0.47 13.69
CA ALA A 15 -0.68 -1.20 14.95
C ALA A 15 0.47 -2.23 15.02
N ILE A 16 0.53 -3.12 14.01
CA ILE A 16 1.52 -4.21 13.97
C ILE A 16 2.95 -3.69 13.91
N THR A 17 3.21 -2.82 12.98
CA THR A 17 4.52 -2.26 12.82
C THR A 17 4.70 -1.12 13.84
N LYS A 18 3.55 -0.60 14.31
CA LYS A 18 3.48 0.45 15.31
C LYS A 18 4.04 1.75 14.70
N LYS A 19 3.82 1.90 13.41
CA LYS A 19 4.20 3.08 12.69
C LYS A 19 3.07 3.49 11.81
N SER A 20 2.72 4.76 11.88
CA SER A 20 1.68 5.30 11.06
C SER A 20 2.07 5.23 9.60
N LEU A 21 1.07 5.21 8.74
CA LEU A 21 1.26 5.10 7.30
C LEU A 21 2.18 6.17 6.77
N TYR A 22 2.10 7.35 7.35
CA TYR A 22 2.94 8.48 6.95
C TYR A 22 4.42 8.14 7.08
N ASP A 23 4.76 7.52 8.20
CA ASP A 23 6.15 7.19 8.56
C ASP A 23 6.62 5.94 7.84
N LEU A 24 5.74 4.97 7.79
CA LEU A 24 6.06 3.68 7.23
C LEU A 24 6.33 3.77 5.74
N SER A 25 7.57 3.55 5.38
CA SER A 25 8.00 3.59 4.01
C SER A 25 7.76 2.26 3.33
N ILE A 26 6.60 2.15 2.75
CA ILE A 26 6.14 0.97 2.06
C ILE A 26 6.51 1.11 0.59
N ARG A 27 6.75 0.01 -0.10
CA ARG A 27 7.10 0.08 -1.52
C ARG A 27 6.00 -0.51 -2.39
N CYS A 28 5.89 0.02 -3.57
CA CYS A 28 4.89 -0.38 -4.54
C CYS A 28 5.25 -1.73 -5.14
N HIS A 29 4.25 -2.59 -5.32
CA HIS A 29 4.46 -3.92 -5.90
C HIS A 29 4.67 -3.83 -7.42
N ARG A 30 4.39 -2.68 -7.98
CA ARG A 30 4.47 -2.50 -9.43
C ARG A 30 5.76 -1.75 -9.76
N CYS A 31 6.29 -1.04 -8.80
CA CYS A 31 7.51 -0.27 -9.02
C CYS A 31 8.72 -0.78 -8.22
N GLN A 32 8.47 -1.18 -6.96
CA GLN A 32 9.49 -1.58 -5.97
C GLN A 32 10.20 -0.35 -5.44
N ARG A 33 9.55 0.77 -5.68
CA ARG A 33 9.94 2.06 -5.19
C ARG A 33 8.93 2.46 -4.11
N PRO A 34 9.32 3.35 -3.15
CA PRO A 34 8.45 3.76 -2.03
C PRO A 34 7.22 4.56 -2.45
N LEU A 35 6.32 4.75 -1.50
CA LEU A 35 5.09 5.50 -1.68
C LEU A 35 5.19 6.86 -0.99
N GLY A 36 4.73 7.88 -1.66
CA GLY A 36 4.64 9.20 -1.08
C GLY A 36 3.33 9.35 -0.31
N PRO A 37 2.89 10.57 -0.01
CA PRO A 37 1.68 10.77 0.77
C PRO A 37 0.37 10.51 -0.01
N GLU A 38 0.34 10.91 -1.28
CA GLU A 38 -0.85 10.80 -2.14
C GLU A 38 -1.09 9.31 -2.39
N GLU A 39 0.02 8.66 -2.64
CA GLU A 39 0.13 7.25 -2.86
C GLU A 39 -0.53 6.45 -1.73
N LYS A 40 -0.21 6.82 -0.50
CA LYS A 40 -0.74 6.14 0.68
C LYS A 40 -2.22 6.48 0.87
N GLN A 41 -2.57 7.73 0.64
CA GLN A 41 -3.94 8.21 0.76
C GLN A 41 -4.84 7.46 -0.18
N LYS A 42 -4.38 7.18 -1.38
CA LYS A 42 -5.22 6.51 -2.36
C LYS A 42 -5.59 5.11 -1.98
N LEU A 43 -4.73 4.47 -1.25
CA LEU A 43 -4.95 3.11 -0.83
C LEU A 43 -6.00 3.08 0.23
N VAL A 44 -5.98 4.08 1.04
CA VAL A 44 -6.99 4.22 2.08
C VAL A 44 -8.29 4.72 1.43
N ASP A 45 -8.12 5.56 0.41
CA ASP A 45 -9.20 6.25 -0.29
C ASP A 45 -10.14 5.28 -1.02
N GLU A 46 -9.56 4.35 -1.78
CA GLU A 46 -10.38 3.45 -2.58
C GLU A 46 -10.40 2.05 -1.99
N LYS A 47 -10.04 1.96 -0.72
CA LYS A 47 -10.14 0.71 0.05
C LYS A 47 -9.18 -0.43 -0.45
N LYS A 48 -7.92 -0.16 -0.37
CA LYS A 48 -6.87 -1.11 -0.68
C LYS A 48 -6.32 -1.71 0.61
N ARG A 49 -5.45 -2.69 0.49
CA ARG A 49 -4.83 -3.33 1.61
C ARG A 49 -3.35 -3.42 1.29
N PHE A 50 -2.52 -3.40 2.30
CA PHE A 50 -1.09 -3.46 2.09
C PHE A 50 -0.65 -4.89 2.25
N HIS A 51 0.45 -5.23 1.65
CA HIS A 51 0.87 -6.60 1.58
C HIS A 51 2.30 -6.79 2.13
N GLU A 52 2.40 -7.40 3.28
CA GLU A 52 3.68 -7.73 3.90
C GLU A 52 4.26 -8.95 3.22
N ILE A 53 5.53 -8.85 2.86
CA ILE A 53 6.30 -9.96 2.33
C ILE A 53 7.72 -9.84 2.83
N ALA A 54 8.21 -10.91 3.46
CA ALA A 54 9.58 -10.96 4.02
C ALA A 54 9.78 -9.89 5.13
N GLY A 55 8.69 -9.45 5.71
CA GLY A 55 8.74 -8.42 6.74
C GLY A 55 8.76 -7.02 6.17
N ARG A 56 8.70 -6.92 4.86
CA ARG A 56 8.70 -5.67 4.20
C ARG A 56 7.31 -5.39 3.70
N TRP A 57 6.86 -4.20 3.86
CA TRP A 57 5.57 -3.82 3.38
C TRP A 57 5.61 -3.48 1.93
N THR A 58 4.48 -3.63 1.31
CA THR A 58 4.30 -3.45 -0.07
C THR A 58 2.90 -2.89 -0.27
N GLY A 59 2.75 -2.08 -1.25
CA GLY A 59 1.51 -1.45 -1.53
C GLY A 59 1.47 -1.02 -2.95
N GLN A 60 0.82 0.07 -3.23
CA GLN A 60 0.72 0.53 -4.57
C GLN A 60 0.77 2.02 -4.60
N CYS A 61 1.72 2.55 -5.33
CA CYS A 61 1.80 3.97 -5.41
C CYS A 61 0.86 4.52 -6.44
N ALA A 62 0.14 5.49 -6.01
CA ALA A 62 -0.80 6.28 -6.81
C ALA A 62 -0.13 6.83 -8.05
N ASN A 63 1.17 7.06 -7.99
CA ASN A 63 1.93 7.54 -9.16
C ASN A 63 1.62 6.66 -10.40
N CYS A 64 1.65 5.35 -10.22
CA CYS A 64 1.23 4.47 -11.30
C CYS A 64 -0.29 4.19 -11.27
N TRP A 65 -0.88 4.22 -10.08
CA TRP A 65 -2.27 3.80 -9.89
C TRP A 65 -3.30 4.86 -10.29
N GLN A 66 -3.06 6.11 -9.94
CA GLN A 66 -3.96 7.24 -10.26
C GLN A 66 -4.04 7.33 -11.78
N ARG A 67 -2.91 6.99 -12.35
CA ARG A 67 -2.61 6.97 -13.76
C ARG A 67 -3.37 5.81 -14.44
N THR A 68 -3.91 4.91 -13.64
CA THR A 68 -4.65 3.76 -14.12
C THR A 68 -6.12 3.85 -13.60
N ARG A 69 -6.56 5.04 -13.18
CA ARG A 69 -7.94 5.22 -12.71
C ARG A 69 -8.81 5.74 -13.85
N GLN A 70 -8.42 5.35 -15.05
CA GLN A 70 -9.14 5.64 -16.26
C GLN A 70 -10.45 4.83 -16.23
N ARG A 71 -11.37 5.09 -17.14
CA ARG A 71 -12.63 4.40 -17.08
C ARG A 71 -12.62 2.97 -17.57
N ASN A 72 -12.12 2.16 -16.70
CA ASN A 72 -12.16 0.74 -16.73
C ASN A 72 -12.70 0.45 -15.38
N GLU A 73 -13.54 -0.51 -15.23
CA GLU A 73 -14.21 -0.62 -13.98
C GLU A 73 -13.38 -1.30 -12.91
N THR A 74 -13.38 -0.72 -11.75
CA THR A 74 -12.65 -1.24 -10.63
C THR A 74 -13.51 -1.06 -9.37
N GLN A 75 -14.50 -1.89 -9.22
CA GLN A 75 -15.33 -1.87 -8.03
C GLN A 75 -15.20 -3.18 -7.30
N VAL A 76 -14.51 -3.13 -6.18
CA VAL A 76 -14.28 -4.27 -5.35
C VAL A 76 -13.76 -3.75 -4.03
ZN ZN B . 3.93 2.19 -8.53
N GLY A 1 7.97 -6.13 8.27
CA GLY A 1 8.72 -6.52 9.48
C GLY A 1 9.40 -7.85 9.27
N SER A 2 8.64 -8.86 8.94
CA SER A 2 9.19 -10.16 8.69
C SER A 2 9.36 -10.33 7.18
N HIS A 3 10.01 -11.38 6.77
CA HIS A 3 10.35 -11.60 5.37
C HIS A 3 9.25 -12.40 4.66
N MET A 4 8.23 -12.77 5.39
CA MET A 4 7.16 -13.62 4.88
C MET A 4 6.03 -12.79 4.27
N SER A 5 5.55 -13.24 3.12
CA SER A 5 4.45 -12.63 2.42
C SER A 5 3.17 -12.65 3.26
N ARG A 6 2.75 -11.49 3.75
CA ARG A 6 1.56 -11.39 4.59
C ARG A 6 0.76 -10.16 4.23
N SER A 7 -0.56 -10.28 4.23
CA SER A 7 -1.39 -9.14 3.95
C SER A 7 -2.27 -8.78 5.16
N VAL A 8 -2.07 -7.59 5.72
CA VAL A 8 -2.83 -7.14 6.89
C VAL A 8 -3.31 -5.71 6.68
N TYR A 9 -4.11 -5.21 7.61
CA TYR A 9 -4.72 -3.89 7.47
C TYR A 9 -3.74 -2.81 7.92
N GLY A 10 -3.93 -1.58 7.42
CA GLY A 10 -3.05 -0.45 7.73
C GLY A 10 -2.73 -0.30 9.19
N THR A 11 -3.74 -0.22 10.00
CA THR A 11 -3.59 -0.09 11.43
C THR A 11 -2.91 -1.34 12.06
N THR A 12 -2.85 -2.46 11.33
CA THR A 12 -2.21 -3.63 11.83
C THR A 12 -0.72 -3.43 11.60
N LEU A 13 -0.38 -2.77 10.49
CA LEU A 13 1.00 -2.32 10.23
C LEU A 13 1.44 -1.37 11.30
N GLU A 14 0.58 -0.43 11.61
CA GLU A 14 0.84 0.59 12.58
C GLU A 14 1.02 0.01 13.99
N ALA A 15 0.41 -1.15 14.23
CA ALA A 15 0.54 -1.84 15.50
C ALA A 15 1.78 -2.75 15.52
N ILE A 16 1.90 -3.64 14.54
CA ILE A 16 3.01 -4.61 14.48
C ILE A 16 4.34 -3.90 14.26
N THR A 17 4.39 -3.09 13.23
CA THR A 17 5.60 -2.39 12.91
C THR A 17 5.80 -1.26 13.92
N LYS A 18 4.68 -0.77 14.49
CA LYS A 18 4.67 0.34 15.46
C LYS A 18 5.01 1.64 14.77
N LYS A 19 4.72 1.67 13.49
CA LYS A 19 4.92 2.85 12.70
C LYS A 19 3.69 3.11 11.90
N SER A 20 3.26 4.35 11.91
CA SER A 20 2.09 4.76 11.21
C SER A 20 2.31 4.67 9.70
N LEU A 21 1.23 4.58 8.97
CA LEU A 21 1.25 4.49 7.52
C LEU A 21 1.93 5.68 6.88
N TYR A 22 1.90 6.80 7.58
CA TYR A 22 2.55 8.01 7.13
C TYR A 22 4.08 7.85 7.18
N ASP A 23 4.55 7.19 8.22
CA ASP A 23 6.01 7.03 8.50
C ASP A 23 6.61 5.91 7.69
N LEU A 24 5.90 4.82 7.64
CA LEU A 24 6.42 3.64 6.99
C LEU A 24 6.37 3.82 5.48
N SER A 25 7.54 3.79 4.88
CA SER A 25 7.62 3.92 3.47
C SER A 25 7.33 2.59 2.77
N ILE A 26 6.07 2.38 2.51
CA ILE A 26 5.59 1.22 1.80
C ILE A 26 5.74 1.54 0.34
N ARG A 27 6.30 0.65 -0.41
CA ARG A 27 6.59 0.92 -1.79
C ARG A 27 5.76 0.08 -2.74
N CYS A 28 5.63 0.55 -3.95
CA CYS A 28 4.90 -0.17 -4.98
C CYS A 28 5.77 -1.26 -5.57
N HIS A 29 5.19 -2.45 -5.75
CA HIS A 29 5.86 -3.63 -6.38
C HIS A 29 6.39 -3.31 -7.78
N ARG A 30 5.79 -2.32 -8.42
CA ARG A 30 6.13 -1.99 -9.79
C ARG A 30 7.00 -0.74 -9.90
N CYS A 31 6.92 0.14 -8.91
CA CYS A 31 7.65 1.41 -9.03
C CYS A 31 8.80 1.51 -8.03
N GLN A 32 8.66 0.85 -6.87
CA GLN A 32 9.58 0.98 -5.72
C GLN A 32 9.51 2.40 -5.16
N ARG A 33 8.47 3.11 -5.57
CA ARG A 33 8.15 4.39 -5.04
C ARG A 33 7.48 4.20 -3.74
N PRO A 34 7.86 4.98 -2.73
CA PRO A 34 7.10 5.03 -1.52
C PRO A 34 5.78 5.71 -1.84
N LEU A 35 4.72 5.11 -1.43
CA LEU A 35 3.40 5.65 -1.67
C LEU A 35 3.20 6.94 -0.92
N GLY A 36 2.63 7.91 -1.59
CA GLY A 36 2.32 9.17 -0.98
C GLY A 36 1.24 8.97 0.06
N PRO A 37 1.06 9.89 1.01
CA PRO A 37 0.05 9.74 2.06
C PRO A 37 -1.37 9.65 1.48
N GLU A 38 -1.56 10.26 0.34
CA GLU A 38 -2.82 10.26 -0.38
C GLU A 38 -3.07 8.85 -0.91
N GLU A 39 -2.01 8.25 -1.46
CA GLU A 39 -2.08 6.90 -1.98
C GLU A 39 -2.36 5.94 -0.81
N LYS A 40 -1.70 6.21 0.34
CA LYS A 40 -1.91 5.45 1.59
C LYS A 40 -3.39 5.49 1.98
N GLN A 41 -3.95 6.69 1.96
CA GLN A 41 -5.31 6.95 2.33
C GLN A 41 -6.25 6.26 1.40
N LYS A 42 -5.92 6.17 0.12
CA LYS A 42 -6.85 5.57 -0.81
C LYS A 42 -6.91 4.05 -0.55
N LEU A 43 -5.82 3.51 -0.06
CA LEU A 43 -5.75 2.10 0.30
C LEU A 43 -6.55 1.87 1.53
N VAL A 44 -6.50 2.82 2.44
CA VAL A 44 -7.28 2.73 3.69
C VAL A 44 -8.75 2.94 3.35
N ASP A 45 -8.96 3.73 2.31
CA ASP A 45 -10.28 4.05 1.85
C ASP A 45 -10.98 2.81 1.32
N GLU A 46 -10.28 2.07 0.46
CA GLU A 46 -10.86 0.86 -0.13
C GLU A 46 -10.48 -0.36 0.69
N LYS A 47 -9.80 -0.08 1.81
CA LYS A 47 -9.47 -1.06 2.86
C LYS A 47 -8.58 -2.18 2.31
N LYS A 48 -7.68 -1.73 1.48
CA LYS A 48 -6.74 -2.52 0.79
C LYS A 48 -5.61 -2.92 1.74
N ARG A 49 -5.60 -4.18 2.13
CA ARG A 49 -4.52 -4.71 2.95
C ARG A 49 -3.15 -4.54 2.27
N PHE A 50 -2.15 -4.28 3.07
CA PHE A 50 -0.79 -4.07 2.59
C PHE A 50 -0.07 -5.39 2.64
N HIS A 51 1.06 -5.50 2.00
CA HIS A 51 1.72 -6.77 1.90
C HIS A 51 3.15 -6.70 2.43
N GLU A 52 3.41 -7.47 3.47
CA GLU A 52 4.72 -7.63 4.05
C GLU A 52 5.49 -8.66 3.24
N ILE A 53 6.72 -8.31 2.87
CA ILE A 53 7.67 -9.19 2.17
C ILE A 53 9.08 -8.68 2.36
N ALA A 54 10.02 -9.60 2.56
CA ALA A 54 11.46 -9.28 2.66
C ALA A 54 11.75 -8.28 3.80
N GLY A 55 10.92 -8.29 4.81
CA GLY A 55 11.08 -7.41 5.94
C GLY A 55 10.43 -6.06 5.72
N ARG A 56 10.10 -5.74 4.49
CA ARG A 56 9.55 -4.45 4.16
C ARG A 56 8.07 -4.60 3.98
N TRP A 57 7.43 -3.48 3.89
CA TRP A 57 6.08 -3.44 3.46
C TRP A 57 6.07 -2.97 2.04
N THR A 58 5.13 -3.40 1.32
CA THR A 58 5.05 -3.19 -0.09
C THR A 58 3.56 -3.31 -0.50
N GLY A 59 3.22 -2.65 -1.55
CA GLY A 59 1.89 -2.65 -2.04
C GLY A 59 1.88 -2.12 -3.43
N GLN A 60 0.85 -1.44 -3.79
CA GLN A 60 0.79 -0.81 -5.05
C GLN A 60 0.20 0.54 -4.93
N CYS A 61 0.87 1.49 -5.49
CA CYS A 61 0.44 2.85 -5.47
C CYS A 61 -0.78 3.03 -6.34
N ALA A 62 -1.62 3.95 -5.93
CA ALA A 62 -2.87 4.36 -6.62
C ALA A 62 -2.56 4.76 -8.03
N ASN A 63 -1.34 5.24 -8.23
CA ASN A 63 -0.82 5.60 -9.53
C ASN A 63 -1.08 4.46 -10.53
N CYS A 64 -0.76 3.25 -10.12
CA CYS A 64 -1.08 2.08 -10.91
C CYS A 64 -2.51 1.60 -10.57
N TRP A 65 -2.73 1.43 -9.28
CA TRP A 65 -3.91 0.80 -8.70
C TRP A 65 -5.25 1.47 -9.04
N GLN A 66 -5.29 2.77 -9.21
CA GLN A 66 -6.54 3.47 -9.46
C GLN A 66 -7.06 3.12 -10.86
N ARG A 67 -6.18 2.57 -11.68
CA ARG A 67 -6.52 2.14 -13.03
C ARG A 67 -7.10 0.74 -13.01
N THR A 68 -7.09 0.13 -11.84
CA THR A 68 -7.64 -1.19 -11.65
C THR A 68 -8.93 -1.04 -10.78
N ARG A 69 -9.48 0.17 -10.79
CA ARG A 69 -10.63 0.46 -9.98
C ARG A 69 -11.77 0.92 -10.87
N GLN A 70 -12.95 1.03 -10.31
CA GLN A 70 -14.13 1.39 -11.06
C GLN A 70 -14.18 2.89 -11.30
N ARG A 71 -13.59 3.30 -12.38
CA ARG A 71 -13.62 4.68 -12.80
C ARG A 71 -13.54 4.74 -14.31
N ASN A 72 -14.56 5.28 -14.92
CA ASN A 72 -14.62 5.39 -16.36
C ASN A 72 -13.81 6.59 -16.86
N GLU A 73 -12.90 6.31 -17.75
CA GLU A 73 -12.10 7.31 -18.41
C GLU A 73 -11.78 6.74 -19.78
N THR A 74 -11.94 7.53 -20.80
CA THR A 74 -11.73 7.05 -22.14
C THR A 74 -10.24 7.06 -22.51
N GLN A 75 -9.61 5.93 -22.33
CA GLN A 75 -8.23 5.75 -22.70
C GLN A 75 -8.14 4.98 -24.00
N VAL A 76 -6.96 4.93 -24.53
CA VAL A 76 -6.62 4.25 -25.72
C VAL A 76 -5.12 4.10 -25.63
ZN ZN B . 3.13 1.93 -9.05
N GLY A 1 15.86 -15.18 2.86
CA GLY A 1 15.83 -16.02 4.07
C GLY A 1 14.42 -16.41 4.35
N SER A 2 14.08 -16.59 5.59
CA SER A 2 12.73 -16.89 5.97
C SER A 2 11.97 -15.57 6.11
N HIS A 3 11.10 -15.27 5.17
CA HIS A 3 10.36 -14.03 5.20
C HIS A 3 8.90 -14.31 5.44
N MET A 4 8.31 -13.59 6.35
CA MET A 4 6.90 -13.76 6.62
C MET A 4 6.12 -12.64 5.95
N SER A 5 5.25 -13.04 5.08
CA SER A 5 4.44 -12.18 4.27
C SER A 5 3.10 -11.84 4.95
N ARG A 6 2.92 -10.59 5.33
CA ARG A 6 1.67 -10.16 5.96
C ARG A 6 0.91 -9.37 4.92
N SER A 7 -0.33 -9.64 4.70
CA SER A 7 -1.13 -8.74 3.91
C SER A 7 -2.25 -8.22 4.79
N VAL A 8 -2.25 -6.93 5.08
CA VAL A 8 -3.22 -6.32 6.01
C VAL A 8 -3.52 -4.88 5.60
N TYR A 9 -4.46 -4.26 6.28
CA TYR A 9 -4.87 -2.91 5.92
C TYR A 9 -4.01 -1.90 6.69
N GLY A 10 -4.12 -0.63 6.30
CA GLY A 10 -3.37 0.43 6.97
C GLY A 10 -3.70 0.54 8.45
N THR A 11 -4.96 0.38 8.77
CA THR A 11 -5.44 0.42 10.11
C THR A 11 -4.89 -0.78 10.94
N THR A 12 -4.42 -1.80 10.24
CA THR A 12 -3.89 -2.96 10.90
C THR A 12 -2.40 -2.72 11.10
N LEU A 13 -1.82 -2.03 10.13
CA LEU A 13 -0.40 -1.66 10.08
C LEU A 13 -0.05 -0.82 11.28
N GLU A 14 -0.88 0.18 11.56
CA GLU A 14 -0.72 1.06 12.73
C GLU A 14 -0.53 0.21 14.02
N ALA A 15 -1.27 -0.89 14.09
CA ALA A 15 -1.27 -1.75 15.26
C ALA A 15 -0.16 -2.81 15.21
N ILE A 16 0.06 -3.39 14.06
CA ILE A 16 1.08 -4.42 13.92
C ILE A 16 2.45 -3.84 14.04
N THR A 17 2.72 -2.87 13.22
CA THR A 17 4.03 -2.33 13.18
C THR A 17 4.25 -1.18 14.20
N LYS A 18 3.15 -0.54 14.67
CA LYS A 18 3.24 0.67 15.55
C LYS A 18 3.88 1.80 14.78
N LYS A 19 3.69 1.75 13.50
CA LYS A 19 4.21 2.71 12.60
C LYS A 19 3.10 3.10 11.70
N SER A 20 2.89 4.36 11.57
CA SER A 20 1.81 4.86 10.81
C SER A 20 2.08 4.84 9.32
N LEU A 21 1.00 4.90 8.58
CA LEU A 21 1.02 5.03 7.12
C LEU A 21 1.84 6.23 6.70
N TYR A 22 1.86 7.25 7.53
CA TYR A 22 2.60 8.45 7.25
C TYR A 22 4.09 8.24 7.55
N ASP A 23 4.38 7.30 8.44
CA ASP A 23 5.75 7.05 8.91
C ASP A 23 6.46 6.09 7.96
N LEU A 24 5.75 5.06 7.54
CA LEU A 24 6.35 4.06 6.69
C LEU A 24 6.40 4.46 5.25
N SER A 25 7.59 4.58 4.77
CA SER A 25 7.80 4.78 3.39
C SER A 25 7.80 3.41 2.71
N ILE A 26 6.63 2.99 2.33
CA ILE A 26 6.39 1.71 1.71
C ILE A 26 6.67 1.85 0.22
N ARG A 27 7.35 0.89 -0.37
CA ARG A 27 7.69 0.99 -1.79
C ARG A 27 6.69 0.29 -2.66
N CYS A 28 6.51 0.82 -3.84
CA CYS A 28 5.74 0.17 -4.86
C CYS A 28 6.64 -0.88 -5.44
N HIS A 29 6.23 -2.12 -5.38
CA HIS A 29 7.06 -3.26 -5.81
C HIS A 29 7.40 -3.20 -7.33
N ARG A 30 6.74 -2.32 -8.05
CA ARG A 30 6.94 -2.20 -9.48
C ARG A 30 7.81 -0.98 -9.80
N CYS A 31 7.90 -0.04 -8.87
CA CYS A 31 8.68 1.18 -9.10
C CYS A 31 9.94 1.21 -8.24
N GLN A 32 9.84 0.65 -7.02
CA GLN A 32 10.89 0.65 -6.00
C GLN A 32 11.04 2.04 -5.39
N ARG A 33 10.02 2.82 -5.61
CA ARG A 33 9.90 4.13 -5.07
C ARG A 33 8.81 4.10 -4.02
N PRO A 34 8.91 4.91 -2.96
CA PRO A 34 7.92 4.94 -1.89
C PRO A 34 6.62 5.60 -2.30
N LEU A 35 5.55 5.13 -1.70
CA LEU A 35 4.23 5.69 -1.89
C LEU A 35 4.09 6.97 -1.09
N GLY A 36 3.43 7.94 -1.66
CA GLY A 36 3.19 9.17 -0.97
C GLY A 36 1.98 9.05 -0.05
N PRO A 37 1.53 10.15 0.55
CA PRO A 37 0.37 10.13 1.45
C PRO A 37 -0.90 9.78 0.70
N GLU A 38 -1.07 10.38 -0.46
CA GLU A 38 -2.23 10.21 -1.30
C GLU A 38 -2.29 8.82 -1.91
N GLU A 39 -1.14 8.32 -2.36
CA GLU A 39 -1.02 6.99 -2.91
C GLU A 39 -1.48 5.95 -1.89
N LYS A 40 -0.99 6.08 -0.66
CA LYS A 40 -1.40 5.19 0.43
C LYS A 40 -2.86 5.43 0.82
N GLN A 41 -3.29 6.68 0.79
CA GLN A 41 -4.65 7.07 1.12
C GLN A 41 -5.65 6.45 0.16
N LYS A 42 -5.28 6.26 -1.09
CA LYS A 42 -6.21 5.71 -2.07
C LYS A 42 -6.39 4.19 -1.85
N LEU A 43 -5.34 3.56 -1.38
CA LEU A 43 -5.41 2.14 -1.07
C LEU A 43 -6.29 1.97 0.13
N VAL A 44 -6.07 2.79 1.12
CA VAL A 44 -6.88 2.77 2.35
C VAL A 44 -8.31 3.24 2.04
N ASP A 45 -8.43 4.08 1.03
CA ASP A 45 -9.72 4.60 0.55
C ASP A 45 -10.59 3.46 0.11
N GLU A 46 -10.03 2.58 -0.68
CA GLU A 46 -10.79 1.45 -1.14
C GLU A 46 -10.53 0.19 -0.31
N LYS A 47 -9.86 0.39 0.80
CA LYS A 47 -9.51 -0.66 1.77
C LYS A 47 -8.69 -1.80 1.16
N LYS A 48 -7.56 -1.44 0.66
CA LYS A 48 -6.62 -2.37 0.09
C LYS A 48 -5.55 -2.70 1.11
N ARG A 49 -4.78 -3.73 0.83
CA ARG A 49 -3.82 -4.22 1.79
C ARG A 49 -2.40 -3.95 1.37
N PHE A 50 -1.56 -3.76 2.35
CA PHE A 50 -0.15 -3.60 2.16
C PHE A 50 0.49 -4.94 2.44
N HIS A 51 1.64 -5.18 1.88
CA HIS A 51 2.28 -6.45 2.01
C HIS A 51 3.63 -6.31 2.68
N GLU A 52 3.80 -6.99 3.79
CA GLU A 52 5.05 -7.00 4.51
C GLU A 52 5.77 -8.30 4.24
N ILE A 53 7.05 -8.21 4.07
CA ILE A 53 7.90 -9.36 4.04
C ILE A 53 9.00 -9.18 5.08
N ALA A 54 8.86 -9.90 6.20
CA ALA A 54 9.88 -9.93 7.28
C ALA A 54 10.14 -8.53 7.87
N GLY A 55 9.10 -7.79 8.09
CA GLY A 55 9.22 -6.47 8.65
C GLY A 55 9.58 -5.42 7.62
N ARG A 56 9.45 -5.74 6.33
CA ARG A 56 9.67 -4.75 5.30
C ARG A 56 8.40 -4.60 4.51
N TRP A 57 7.94 -3.40 4.31
CA TRP A 57 6.69 -3.18 3.63
C TRP A 57 6.86 -2.83 2.16
N THR A 58 5.85 -3.20 1.40
CA THR A 58 5.78 -3.08 -0.02
C THR A 58 4.31 -3.01 -0.42
N GLY A 59 4.05 -2.36 -1.51
CA GLY A 59 2.72 -2.25 -2.01
C GLY A 59 2.75 -1.77 -3.42
N GLN A 60 1.77 -1.02 -3.79
CA GLN A 60 1.71 -0.44 -5.09
C GLN A 60 1.23 0.96 -4.97
N CYS A 61 1.94 1.89 -5.58
CA CYS A 61 1.48 3.23 -5.58
C CYS A 61 0.27 3.33 -6.47
N ALA A 62 -0.71 3.98 -5.93
CA ALA A 62 -2.03 4.14 -6.50
C ALA A 62 -2.00 4.69 -7.93
N ASN A 63 -0.98 5.41 -8.28
CA ASN A 63 -0.82 5.89 -9.63
C ASN A 63 -0.70 4.77 -10.65
N CYS A 64 -0.11 3.65 -10.26
CA CYS A 64 -0.08 2.50 -11.17
C CYS A 64 -1.43 1.82 -11.09
N TRP A 65 -1.90 1.73 -9.87
CA TRP A 65 -3.12 1.03 -9.54
C TRP A 65 -4.35 1.61 -10.22
N GLN A 66 -4.38 2.91 -10.34
CA GLN A 66 -5.48 3.57 -10.98
C GLN A 66 -5.52 3.36 -12.48
N ARG A 67 -4.42 2.86 -13.02
CA ARG A 67 -4.36 2.48 -14.43
C ARG A 67 -4.88 1.06 -14.58
N THR A 68 -5.10 0.41 -13.45
CA THR A 68 -5.64 -0.92 -13.40
C THR A 68 -7.09 -0.84 -12.82
N ARG A 69 -7.58 0.38 -12.66
CA ARG A 69 -8.90 0.60 -12.13
C ARG A 69 -9.97 0.44 -13.17
N GLN A 70 -10.77 -0.56 -13.01
CA GLN A 70 -11.92 -0.77 -13.85
C GLN A 70 -12.96 0.27 -13.55
N ARG A 71 -13.25 1.05 -14.54
CA ARG A 71 -14.36 1.92 -14.53
C ARG A 71 -14.77 2.08 -15.95
N ASN A 72 -16.02 1.94 -16.17
CA ASN A 72 -16.58 2.05 -17.50
C ASN A 72 -16.81 3.50 -17.87
N GLU A 73 -17.19 4.28 -16.89
CA GLU A 73 -17.42 5.69 -17.11
C GLU A 73 -16.08 6.41 -16.98
N THR A 74 -15.29 6.38 -18.03
CA THR A 74 -13.94 6.92 -18.03
C THR A 74 -13.90 8.45 -18.19
N GLN A 75 -14.88 9.12 -17.63
CA GLN A 75 -14.94 10.57 -17.71
C GLN A 75 -14.30 11.17 -16.49
N VAL A 76 -14.15 10.32 -15.55
CA VAL A 76 -13.62 10.50 -14.23
C VAL A 76 -13.44 9.11 -13.65
ZN ZN B . 4.17 2.42 -8.89
N GLY A 1 13.07 -16.01 -0.84
CA GLY A 1 13.25 -16.77 0.40
C GLY A 1 11.91 -17.12 0.95
N SER A 2 11.83 -17.36 2.24
CA SER A 2 10.58 -17.62 2.89
C SER A 2 9.89 -16.27 3.10
N HIS A 3 8.85 -16.01 2.36
CA HIS A 3 8.20 -14.72 2.42
C HIS A 3 6.95 -14.81 3.26
N MET A 4 6.83 -13.92 4.22
CA MET A 4 5.64 -13.85 5.04
C MET A 4 4.67 -12.89 4.40
N SER A 5 3.79 -13.42 3.60
CA SER A 5 2.81 -12.65 2.88
C SER A 5 1.57 -12.41 3.74
N ARG A 6 1.36 -11.17 4.13
CA ARG A 6 0.22 -10.80 4.97
C ARG A 6 -0.48 -9.59 4.37
N SER A 7 -1.79 -9.61 4.28
CA SER A 7 -2.50 -8.45 3.80
C SER A 7 -3.41 -7.92 4.90
N VAL A 8 -3.15 -6.72 5.36
CA VAL A 8 -3.89 -6.12 6.46
C VAL A 8 -4.14 -4.64 6.20
N TYR A 9 -4.91 -4.01 7.05
CA TYR A 9 -5.30 -2.64 6.83
C TYR A 9 -4.30 -1.70 7.52
N GLY A 10 -4.33 -0.42 7.17
CA GLY A 10 -3.42 0.57 7.73
C GLY A 10 -3.38 0.56 9.23
N THR A 11 -4.53 0.44 9.84
CA THR A 11 -4.66 0.40 11.29
C THR A 11 -4.00 -0.88 11.86
N THR A 12 -3.77 -1.87 11.02
CA THR A 12 -3.18 -3.09 11.45
C THR A 12 -1.65 -2.94 11.33
N LEU A 13 -1.20 -2.19 10.30
CA LEU A 13 0.24 -1.84 10.18
C LEU A 13 0.66 -1.03 11.39
N GLU A 14 -0.24 -0.13 11.81
CA GLU A 14 -0.07 0.67 13.02
C GLU A 14 0.16 -0.22 14.24
N ALA A 15 -0.36 -1.41 14.21
CA ALA A 15 -0.18 -2.37 15.28
C ALA A 15 1.09 -3.21 15.07
N ILE A 16 1.08 -3.97 13.98
CA ILE A 16 2.13 -4.96 13.63
C ILE A 16 3.53 -4.34 13.63
N THR A 17 3.67 -3.23 12.98
CA THR A 17 4.97 -2.61 12.90
C THR A 17 5.02 -1.37 13.81
N LYS A 18 3.83 -0.91 14.22
CA LYS A 18 3.61 0.30 15.01
C LYS A 18 4.22 1.55 14.36
N LYS A 19 4.53 1.46 13.10
CA LYS A 19 4.96 2.61 12.41
C LYS A 19 3.81 3.11 11.66
N SER A 20 3.58 4.37 11.79
CA SER A 20 2.48 4.98 11.15
C SER A 20 2.68 5.02 9.66
N LEU A 21 1.57 4.99 8.96
CA LEU A 21 1.53 4.94 7.49
C LEU A 21 2.44 5.97 6.82
N TYR A 22 2.57 7.12 7.45
CA TYR A 22 3.43 8.18 6.94
C TYR A 22 4.92 7.74 6.96
N ASP A 23 5.31 7.11 8.05
CA ASP A 23 6.71 6.67 8.30
C ASP A 23 7.00 5.40 7.56
N LEU A 24 6.04 4.49 7.61
CA LEU A 24 6.18 3.19 7.05
C LEU A 24 6.35 3.28 5.53
N SER A 25 7.53 2.97 5.08
CA SER A 25 7.85 3.01 3.70
C SER A 25 7.35 1.76 2.97
N ILE A 26 6.18 1.87 2.40
CA ILE A 26 5.56 0.82 1.62
C ILE A 26 6.03 1.05 0.20
N ARG A 27 6.40 0.00 -0.51
CA ARG A 27 6.89 0.18 -1.86
C ARG A 27 5.95 -0.42 -2.89
N CYS A 28 5.95 0.15 -4.09
CA CYS A 28 5.16 -0.35 -5.18
C CYS A 28 5.69 -1.68 -5.66
N HIS A 29 4.79 -2.64 -5.85
CA HIS A 29 5.14 -4.00 -6.30
C HIS A 29 5.86 -3.95 -7.67
N ARG A 30 5.58 -2.92 -8.45
CA ARG A 30 6.10 -2.84 -9.81
C ARG A 30 7.27 -1.85 -9.92
N CYS A 31 7.29 -0.84 -9.07
CA CYS A 31 8.34 0.19 -9.18
C CYS A 31 9.43 0.04 -8.14
N GLN A 32 9.09 -0.58 -7.01
CA GLN A 32 9.98 -0.70 -5.85
C GLN A 32 10.30 0.69 -5.28
N ARG A 33 9.43 1.63 -5.64
CA ARG A 33 9.45 2.98 -5.17
C ARG A 33 8.73 3.05 -3.86
N PRO A 34 9.23 3.81 -2.89
CA PRO A 34 8.48 4.11 -1.69
C PRO A 34 7.37 5.08 -2.04
N LEU A 35 6.18 4.76 -1.63
CA LEU A 35 4.99 5.56 -1.92
C LEU A 35 5.01 6.89 -1.21
N GLY A 36 4.56 7.90 -1.90
CA GLY A 36 4.42 9.20 -1.32
C GLY A 36 3.15 9.26 -0.50
N PRO A 37 2.95 10.30 0.32
CA PRO A 37 1.76 10.45 1.16
C PRO A 37 0.46 10.35 0.36
N GLU A 38 0.41 11.05 -0.77
CA GLU A 38 -0.73 11.05 -1.69
C GLU A 38 -1.08 9.63 -2.13
N GLU A 39 -0.05 8.89 -2.52
CA GLU A 39 -0.20 7.55 -3.03
C GLU A 39 -0.70 6.62 -1.93
N LYS A 40 -0.21 6.82 -0.72
CA LYS A 40 -0.66 6.05 0.43
C LYS A 40 -2.12 6.41 0.76
N GLN A 41 -2.41 7.69 0.67
CA GLN A 41 -3.74 8.24 0.91
C GLN A 41 -4.74 7.71 -0.08
N LYS A 42 -4.29 7.40 -1.29
CA LYS A 42 -5.21 6.88 -2.29
C LYS A 42 -5.61 5.45 -1.92
N LEU A 43 -4.66 4.73 -1.34
CA LEU A 43 -4.91 3.38 -0.91
C LEU A 43 -5.88 3.40 0.24
N VAL A 44 -5.64 4.30 1.16
CA VAL A 44 -6.54 4.50 2.30
C VAL A 44 -7.90 5.02 1.79
N ASP A 45 -7.86 5.75 0.68
CA ASP A 45 -9.04 6.31 0.05
C ASP A 45 -9.99 5.21 -0.40
N GLU A 46 -9.47 4.19 -1.07
CA GLU A 46 -10.33 3.10 -1.51
C GLU A 46 -10.26 1.91 -0.54
N LYS A 47 -9.66 2.17 0.63
CA LYS A 47 -9.58 1.21 1.77
C LYS A 47 -8.76 -0.04 1.44
N LYS A 48 -7.75 0.18 0.64
CA LYS A 48 -6.84 -0.84 0.20
C LYS A 48 -5.94 -1.33 1.31
N ARG A 49 -6.00 -2.63 1.56
CA ARG A 49 -5.08 -3.27 2.47
C ARG A 49 -3.69 -3.27 1.86
N PHE A 50 -2.68 -3.31 2.71
CA PHE A 50 -1.31 -3.30 2.28
C PHE A 50 -0.78 -4.71 2.40
N HIS A 51 0.26 -5.03 1.67
CA HIS A 51 0.74 -6.39 1.63
C HIS A 51 2.17 -6.46 2.14
N GLU A 52 2.37 -7.26 3.16
CA GLU A 52 3.67 -7.52 3.73
C GLU A 52 4.25 -8.77 3.10
N ILE A 53 5.53 -8.74 2.86
CA ILE A 53 6.29 -9.90 2.53
C ILE A 53 7.56 -9.88 3.37
N ALA A 54 7.59 -10.73 4.39
CA ALA A 54 8.78 -10.94 5.23
C ALA A 54 9.19 -9.67 5.96
N GLY A 55 8.22 -8.97 6.49
CA GLY A 55 8.48 -7.75 7.21
C GLY A 55 8.60 -6.52 6.34
N ARG A 56 8.50 -6.70 5.03
CA ARG A 56 8.56 -5.56 4.11
C ARG A 56 7.21 -5.30 3.52
N TRP A 57 6.80 -4.06 3.51
CA TRP A 57 5.50 -3.71 3.02
C TRP A 57 5.54 -3.20 1.61
N THR A 58 4.48 -3.45 0.92
CA THR A 58 4.35 -3.19 -0.48
C THR A 58 2.89 -2.90 -0.82
N GLY A 59 2.72 -2.17 -1.86
CA GLY A 59 1.44 -1.82 -2.34
C GLY A 59 1.58 -1.28 -3.72
N GLN A 60 0.70 -0.43 -4.09
CA GLN A 60 0.75 0.16 -5.39
C GLN A 60 0.81 1.64 -5.23
N CYS A 61 1.53 2.27 -6.09
CA CYS A 61 1.60 3.67 -6.07
C CYS A 61 0.60 4.22 -7.04
N ALA A 62 -0.06 5.25 -6.61
CA ALA A 62 -1.07 5.99 -7.40
C ALA A 62 -0.55 6.39 -8.77
N ASN A 63 0.76 6.51 -8.88
CA ASN A 63 1.42 6.78 -10.13
C ASN A 63 0.98 5.76 -11.19
N CYS A 64 1.01 4.48 -10.81
CA CYS A 64 0.51 3.41 -11.66
C CYS A 64 -0.99 3.27 -11.45
N TRP A 65 -1.39 3.28 -10.17
CA TRP A 65 -2.74 2.92 -9.76
C TRP A 65 -3.82 3.78 -10.38
N GLN A 66 -3.57 5.04 -10.58
CA GLN A 66 -4.58 5.87 -11.17
C GLN A 66 -4.80 5.57 -12.65
N ARG A 67 -3.85 4.85 -13.24
CA ARG A 67 -4.00 4.38 -14.60
C ARG A 67 -4.68 3.01 -14.47
N THR A 68 -3.98 2.13 -13.74
CA THR A 68 -4.30 0.72 -13.52
C THR A 68 -5.35 0.54 -12.39
N ARG A 69 -6.26 1.47 -12.29
CA ARG A 69 -7.27 1.42 -11.27
C ARG A 69 -8.31 0.43 -11.76
N GLN A 70 -8.71 -0.45 -10.87
CA GLN A 70 -9.59 -1.53 -11.23
C GLN A 70 -10.96 -0.99 -11.56
N ARG A 71 -11.30 -1.10 -12.81
CA ARG A 71 -12.53 -0.53 -13.28
C ARG A 71 -13.67 -1.51 -13.25
N ASN A 72 -14.54 -1.25 -12.33
CA ASN A 72 -15.84 -1.89 -12.27
C ASN A 72 -16.74 -0.93 -13.03
N GLU A 73 -18.01 -1.25 -13.29
CA GLU A 73 -18.89 -0.35 -14.08
C GLU A 73 -19.24 0.95 -13.30
N THR A 74 -18.22 1.71 -13.09
CA THR A 74 -18.22 3.01 -12.57
C THR A 74 -17.12 3.71 -13.36
N GLN A 75 -17.49 4.43 -14.36
CA GLN A 75 -16.53 5.00 -15.29
C GLN A 75 -15.84 6.23 -14.75
N VAL A 76 -14.76 5.96 -14.06
CA VAL A 76 -13.87 6.92 -13.49
C VAL A 76 -12.60 6.16 -13.11
ZN ZN B . 4.25 1.97 -9.39
N GLY A 1 12.08 -9.99 10.25
CA GLY A 1 10.95 -10.04 11.19
C GLY A 1 10.21 -11.32 11.01
N SER A 2 8.91 -11.28 10.96
CA SER A 2 8.12 -12.46 10.77
C SER A 2 8.06 -12.86 9.29
N HIS A 3 8.52 -14.03 8.99
CA HIS A 3 8.56 -14.50 7.62
C HIS A 3 7.24 -15.13 7.21
N MET A 4 6.20 -14.32 7.21
CA MET A 4 4.89 -14.75 6.81
C MET A 4 4.28 -13.69 5.93
N SER A 5 3.75 -14.12 4.82
CA SER A 5 3.08 -13.27 3.88
C SER A 5 1.72 -12.81 4.45
N ARG A 6 1.65 -11.55 4.82
CA ARG A 6 0.45 -11.00 5.39
C ARG A 6 -0.05 -9.82 4.59
N SER A 7 -1.23 -9.90 4.08
CA SER A 7 -1.80 -8.77 3.40
C SER A 7 -2.90 -8.16 4.27
N VAL A 8 -2.69 -6.94 4.70
CA VAL A 8 -3.62 -6.27 5.61
C VAL A 8 -3.79 -4.80 5.23
N TYR A 9 -4.68 -4.11 5.92
CA TYR A 9 -5.00 -2.73 5.60
C TYR A 9 -4.04 -1.78 6.27
N GLY A 10 -3.96 -0.56 5.75
CA GLY A 10 -3.02 0.46 6.24
C GLY A 10 -2.98 0.60 7.74
N THR A 11 -4.11 0.83 8.33
CA THR A 11 -4.23 0.99 9.77
C THR A 11 -3.87 -0.33 10.54
N THR A 12 -3.83 -1.45 9.83
CA THR A 12 -3.50 -2.69 10.46
C THR A 12 -1.98 -2.72 10.55
N LEU A 13 -1.34 -2.13 9.52
CA LEU A 13 0.12 -1.89 9.55
C LEU A 13 0.46 -0.97 10.70
N GLU A 14 -0.33 0.08 10.82
CA GLU A 14 -0.17 1.09 11.85
C GLU A 14 -0.34 0.49 13.25
N ALA A 15 -1.02 -0.65 13.32
CA ALA A 15 -1.17 -1.40 14.54
C ALA A 15 -0.01 -2.39 14.74
N ILE A 16 0.13 -3.34 13.80
CA ILE A 16 1.10 -4.45 13.88
C ILE A 16 2.55 -3.95 13.93
N THR A 17 2.93 -3.12 12.99
CA THR A 17 4.28 -2.58 12.96
C THR A 17 4.33 -1.35 13.88
N LYS A 18 3.14 -0.93 14.32
CA LYS A 18 2.92 0.19 15.22
C LYS A 18 3.31 1.53 14.55
N LYS A 19 3.61 1.47 13.29
CA LYS A 19 4.04 2.65 12.57
C LYS A 19 2.96 3.10 11.64
N SER A 20 2.68 4.38 11.70
CA SER A 20 1.68 4.98 10.86
C SER A 20 2.09 4.94 9.39
N LEU A 21 1.11 5.08 8.50
CA LEU A 21 1.34 5.06 7.05
C LEU A 21 2.30 6.15 6.60
N TYR A 22 2.38 7.19 7.36
CA TYR A 22 3.29 8.29 7.08
C TYR A 22 4.74 7.88 7.36
N ASP A 23 4.93 6.97 8.30
CA ASP A 23 6.26 6.53 8.73
C ASP A 23 6.75 5.44 7.82
N LEU A 24 5.87 4.51 7.50
CA LEU A 24 6.23 3.43 6.63
C LEU A 24 6.29 3.88 5.19
N SER A 25 7.49 4.10 4.72
CA SER A 25 7.73 4.44 3.37
C SER A 25 8.01 3.16 2.59
N ILE A 26 6.96 2.61 2.10
CA ILE A 26 6.99 1.34 1.40
C ILE A 26 7.09 1.64 -0.08
N ARG A 27 7.66 0.72 -0.85
CA ARG A 27 7.76 0.90 -2.28
C ARG A 27 6.99 -0.20 -2.99
N CYS A 28 6.66 0.04 -4.24
CA CYS A 28 6.03 -0.98 -5.03
C CYS A 28 7.17 -1.75 -5.72
N HIS A 29 6.94 -2.97 -6.14
CA HIS A 29 7.97 -3.71 -6.88
C HIS A 29 7.82 -3.52 -8.39
N ARG A 30 7.09 -2.50 -8.79
CA ARG A 30 6.85 -2.25 -10.20
C ARG A 30 7.61 -1.01 -10.68
N CYS A 31 7.64 0.01 -9.85
CA CYS A 31 8.31 1.25 -10.21
C CYS A 31 9.54 1.44 -9.33
N GLN A 32 9.55 0.74 -8.15
CA GLN A 32 10.62 0.83 -7.15
C GLN A 32 10.61 2.22 -6.53
N ARG A 33 9.45 2.82 -6.61
CA ARG A 33 9.20 4.12 -6.10
C ARG A 33 8.42 3.99 -4.81
N PRO A 34 8.68 4.87 -3.84
CA PRO A 34 7.96 4.87 -2.58
C PRO A 34 6.54 5.40 -2.75
N LEU A 35 5.62 4.75 -2.08
CA LEU A 35 4.22 5.13 -2.10
C LEU A 35 4.05 6.46 -1.41
N GLY A 36 3.70 7.47 -2.17
CA GLY A 36 3.48 8.79 -1.64
C GLY A 36 2.25 8.84 -0.76
N PRO A 37 2.09 9.89 0.06
CA PRO A 37 0.92 10.03 0.95
C PRO A 37 -0.39 10.00 0.17
N GLU A 38 -0.43 10.75 -0.92
CA GLU A 38 -1.59 10.81 -1.82
C GLU A 38 -1.96 9.41 -2.30
N GLU A 39 -0.95 8.67 -2.76
CA GLU A 39 -1.16 7.34 -3.28
C GLU A 39 -1.64 6.44 -2.19
N LYS A 40 -1.00 6.55 -1.05
CA LYS A 40 -1.29 5.70 0.10
C LYS A 40 -2.74 5.93 0.57
N GLN A 41 -3.19 7.17 0.49
CA GLN A 41 -4.56 7.53 0.81
C GLN A 41 -5.50 7.02 -0.25
N LYS A 42 -5.03 6.96 -1.49
CA LYS A 42 -5.87 6.46 -2.56
C LYS A 42 -5.97 4.93 -2.43
N LEU A 43 -4.94 4.33 -1.87
CA LEU A 43 -4.93 2.91 -1.59
C LEU A 43 -5.95 2.62 -0.56
N VAL A 44 -5.92 3.38 0.50
CA VAL A 44 -6.91 3.26 1.57
C VAL A 44 -8.31 3.64 1.04
N ASP A 45 -8.31 4.50 0.03
CA ASP A 45 -9.55 4.97 -0.60
C ASP A 45 -10.28 3.82 -1.29
N GLU A 46 -9.57 3.06 -2.09
CA GLU A 46 -10.18 1.93 -2.81
C GLU A 46 -9.96 0.60 -2.07
N LYS A 47 -9.45 0.73 -0.85
CA LYS A 47 -9.22 -0.38 0.09
C LYS A 47 -8.20 -1.41 -0.37
N LYS A 48 -7.02 -0.93 -0.59
CA LYS A 48 -5.89 -1.71 -0.97
C LYS A 48 -5.17 -2.21 0.27
N ARG A 49 -4.59 -3.38 0.16
CA ARG A 49 -3.83 -3.95 1.25
C ARG A 49 -2.36 -3.89 0.94
N PHE A 50 -1.57 -3.86 1.96
CA PHE A 50 -0.14 -3.89 1.84
C PHE A 50 0.26 -5.30 2.20
N HIS A 51 1.43 -5.73 1.83
CA HIS A 51 1.80 -7.10 2.05
C HIS A 51 3.15 -7.20 2.76
N GLU A 52 3.13 -7.80 3.93
CA GLU A 52 4.33 -8.05 4.70
C GLU A 52 4.92 -9.38 4.28
N ILE A 53 6.21 -9.39 4.10
CA ILE A 53 6.98 -10.60 3.93
C ILE A 53 8.29 -10.41 4.67
N ALA A 54 8.60 -11.32 5.58
CA ALA A 54 9.87 -11.31 6.35
C ALA A 54 9.95 -10.11 7.29
N GLY A 55 8.80 -9.55 7.65
CA GLY A 55 8.76 -8.38 8.49
C GLY A 55 9.10 -7.13 7.71
N ARG A 56 8.94 -7.22 6.42
CA ARG A 56 9.20 -6.14 5.53
C ARG A 56 7.98 -5.94 4.66
N TRP A 57 7.55 -4.72 4.55
CA TRP A 57 6.38 -4.42 3.77
C TRP A 57 6.67 -4.22 2.31
N THR A 58 5.64 -4.28 1.55
CA THR A 58 5.61 -4.07 0.15
C THR A 58 4.19 -3.65 -0.17
N GLY A 59 4.03 -2.84 -1.16
CA GLY A 59 2.74 -2.37 -1.52
C GLY A 59 2.72 -2.00 -2.96
N GLN A 60 1.70 -1.30 -3.34
CA GLN A 60 1.56 -0.89 -4.69
C GLN A 60 1.14 0.54 -4.75
N CYS A 61 1.97 1.34 -5.33
CA CYS A 61 1.67 2.74 -5.50
C CYS A 61 0.70 2.94 -6.66
N ALA A 62 -0.01 4.03 -6.60
CA ALA A 62 -1.01 4.43 -7.57
C ALA A 62 -0.37 4.77 -8.92
N ASN A 63 0.93 5.05 -8.91
CA ASN A 63 1.72 5.26 -10.15
C ASN A 63 1.44 4.11 -11.11
N CYS A 64 1.59 2.89 -10.63
CA CYS A 64 1.29 1.73 -11.43
C CYS A 64 -0.20 1.35 -11.32
N TRP A 65 -0.70 1.37 -10.10
CA TRP A 65 -2.03 0.90 -9.77
C TRP A 65 -3.17 1.69 -10.39
N GLN A 66 -3.07 3.00 -10.41
CA GLN A 66 -4.17 3.82 -10.86
C GLN A 66 -4.31 3.71 -12.39
N ARG A 67 -3.29 3.15 -13.02
CA ARG A 67 -3.31 2.92 -14.44
C ARG A 67 -3.89 1.55 -14.75
N THR A 68 -4.13 0.80 -13.71
CA THR A 68 -4.80 -0.46 -13.82
C THR A 68 -6.26 -0.25 -13.40
N ARG A 69 -6.44 0.41 -12.26
CA ARG A 69 -7.74 0.76 -11.76
C ARG A 69 -7.76 2.13 -11.14
N GLN A 70 -8.77 2.88 -11.47
CA GLN A 70 -8.99 4.20 -10.97
C GLN A 70 -10.45 4.40 -10.68
N ARG A 71 -10.82 4.43 -9.42
CA ARG A 71 -12.17 4.76 -9.11
C ARG A 71 -12.42 6.23 -9.06
N ASN A 72 -13.23 6.60 -10.00
CA ASN A 72 -13.67 7.92 -10.33
C ASN A 72 -15.12 7.75 -10.67
N GLU A 73 -15.82 8.82 -10.94
CA GLU A 73 -17.27 8.79 -11.17
C GLU A 73 -17.60 8.01 -12.46
N THR A 74 -16.60 7.73 -13.25
CA THR A 74 -16.75 6.83 -14.34
C THR A 74 -16.66 5.40 -13.75
N GLN A 75 -17.83 4.81 -13.54
CA GLN A 75 -17.95 3.52 -12.85
C GLN A 75 -17.74 2.31 -13.75
N VAL A 76 -16.99 2.51 -14.80
CA VAL A 76 -16.63 1.44 -15.69
C VAL A 76 -15.38 0.81 -15.10
ZN ZN B . 4.45 1.67 -8.78
N GLY A 1 11.85 -14.41 11.07
CA GLY A 1 10.85 -15.34 11.60
C GLY A 1 9.95 -15.78 10.50
N SER A 2 8.72 -16.10 10.80
CA SER A 2 7.77 -16.48 9.80
C SER A 2 7.20 -15.21 9.14
N HIS A 3 7.73 -14.88 7.98
CA HIS A 3 7.32 -13.70 7.23
C HIS A 3 6.49 -14.20 6.07
N MET A 4 5.29 -13.69 5.91
CA MET A 4 4.37 -14.25 4.95
C MET A 4 3.58 -13.14 4.27
N SER A 5 3.04 -13.43 3.10
CA SER A 5 2.18 -12.54 2.38
C SER A 5 0.94 -12.19 3.23
N ARG A 6 0.92 -10.99 3.74
CA ARG A 6 -0.15 -10.53 4.60
C ARG A 6 -0.74 -9.25 4.06
N SER A 7 -2.05 -9.19 3.96
CA SER A 7 -2.68 -7.99 3.49
C SER A 7 -3.54 -7.40 4.60
N VAL A 8 -3.21 -6.20 5.05
CA VAL A 8 -3.96 -5.54 6.12
C VAL A 8 -4.16 -4.07 5.82
N TYR A 9 -4.96 -3.39 6.63
CA TYR A 9 -5.29 -2.00 6.39
C TYR A 9 -4.26 -1.09 7.02
N GLY A 10 -4.24 0.15 6.57
CA GLY A 10 -3.25 1.13 7.01
C GLY A 10 -3.11 1.22 8.50
N THR A 11 -4.23 1.32 9.19
CA THR A 11 -4.25 1.43 10.62
C THR A 11 -3.75 0.14 11.31
N THR A 12 -3.71 -0.95 10.56
CA THR A 12 -3.26 -2.19 11.08
C THR A 12 -1.73 -2.19 10.98
N LEU A 13 -1.22 -1.59 9.88
CA LEU A 13 0.23 -1.37 9.72
C LEU A 13 0.75 -0.49 10.81
N GLU A 14 0.01 0.56 11.08
CA GLU A 14 0.39 1.52 12.09
C GLU A 14 0.46 0.88 13.48
N ALA A 15 -0.41 -0.08 13.72
CA ALA A 15 -0.41 -0.80 14.98
C ALA A 15 0.66 -1.89 15.03
N ILE A 16 0.66 -2.78 14.05
CA ILE A 16 1.59 -3.92 14.02
C ILE A 16 3.04 -3.47 13.86
N THR A 17 3.28 -2.61 12.90
CA THR A 17 4.61 -2.16 12.63
C THR A 17 5.04 -1.08 13.64
N LYS A 18 4.05 -0.46 14.30
CA LYS A 18 4.27 0.68 15.21
C LYS A 18 4.75 1.89 14.44
N LYS A 19 4.37 1.96 13.19
CA LYS A 19 4.74 3.08 12.36
C LYS A 19 3.55 3.58 11.63
N SER A 20 3.34 4.87 11.72
CA SER A 20 2.24 5.51 11.05
C SER A 20 2.48 5.46 9.54
N LEU A 21 1.40 5.53 8.77
CA LEU A 21 1.45 5.46 7.31
C LEU A 21 2.42 6.46 6.72
N TYR A 22 2.48 7.63 7.32
CA TYR A 22 3.37 8.68 6.83
C TYR A 22 4.84 8.25 6.95
N ASP A 23 5.17 7.63 8.08
CA ASP A 23 6.57 7.26 8.41
C ASP A 23 6.96 5.99 7.68
N LEU A 24 6.04 5.03 7.67
CA LEU A 24 6.30 3.75 7.10
C LEU A 24 6.44 3.83 5.59
N SER A 25 7.61 3.49 5.12
CA SER A 25 7.89 3.52 3.74
C SER A 25 7.52 2.18 3.09
N ILE A 26 6.33 2.12 2.56
CA ILE A 26 5.89 0.98 1.76
C ILE A 26 6.28 1.30 0.33
N ARG A 27 6.75 0.33 -0.43
CA ARG A 27 7.17 0.63 -1.78
C ARG A 27 6.33 -0.06 -2.80
N CYS A 28 6.36 0.49 -3.98
CA CYS A 28 5.67 -0.04 -5.11
C CYS A 28 6.48 -1.20 -5.68
N HIS A 29 5.81 -2.32 -5.95
CA HIS A 29 6.47 -3.53 -6.48
C HIS A 29 6.78 -3.35 -7.98
N ARG A 30 6.28 -2.29 -8.53
CA ARG A 30 6.39 -2.02 -9.95
C ARG A 30 7.45 -0.94 -10.19
N CYS A 31 7.68 -0.11 -9.17
CA CYS A 31 8.66 0.97 -9.28
C CYS A 31 9.88 0.81 -8.37
N GLN A 32 9.65 0.21 -7.19
CA GLN A 32 10.66 0.05 -6.11
C GLN A 32 10.93 1.37 -5.45
N ARG A 33 10.03 2.29 -5.72
CA ARG A 33 9.97 3.57 -5.09
C ARG A 33 8.82 3.56 -4.09
N PRO A 34 8.87 4.40 -3.04
CA PRO A 34 7.82 4.44 -1.98
C PRO A 34 6.47 4.96 -2.48
N LEU A 35 5.46 4.74 -1.66
CA LEU A 35 4.10 5.22 -1.92
C LEU A 35 3.97 6.60 -1.31
N GLY A 36 3.24 7.45 -1.97
CA GLY A 36 3.00 8.76 -1.44
C GLY A 36 1.84 8.72 -0.46
N PRO A 37 1.41 9.86 0.10
CA PRO A 37 0.32 9.91 1.06
C PRO A 37 -1.04 9.57 0.42
N GLU A 38 -1.12 9.77 -0.90
CA GLU A 38 -2.34 9.58 -1.65
C GLU A 38 -2.69 8.12 -1.64
N GLU A 39 -1.77 7.31 -2.09
CA GLU A 39 -1.94 5.88 -2.16
C GLU A 39 -2.15 5.31 -0.80
N LYS A 40 -1.33 5.76 0.15
CA LYS A 40 -1.42 5.31 1.52
C LYS A 40 -2.82 5.51 2.10
N GLN A 41 -3.46 6.63 1.81
CA GLN A 41 -4.81 6.82 2.29
C GLN A 41 -5.79 6.19 1.37
N LYS A 42 -5.48 6.08 0.09
CA LYS A 42 -6.45 5.67 -0.89
C LYS A 42 -6.70 4.18 -0.80
N LEU A 43 -5.74 3.46 -0.31
CA LEU A 43 -5.91 2.06 -0.09
C LEU A 43 -6.87 1.88 1.06
N VAL A 44 -6.70 2.68 2.07
CA VAL A 44 -7.57 2.60 3.25
C VAL A 44 -8.94 3.15 2.87
N ASP A 45 -8.90 4.09 1.97
CA ASP A 45 -10.06 4.80 1.48
C ASP A 45 -10.97 3.84 0.74
N GLU A 46 -10.37 3.06 -0.17
CA GLU A 46 -11.10 2.13 -1.04
C GLU A 46 -11.13 0.72 -0.47
N LYS A 47 -10.66 0.58 0.76
CA LYS A 47 -10.65 -0.70 1.49
C LYS A 47 -9.72 -1.75 0.84
N LYS A 48 -8.67 -1.24 0.28
CA LYS A 48 -7.61 -2.03 -0.27
C LYS A 48 -6.63 -2.28 0.89
N ARG A 49 -5.72 -3.18 0.72
CA ARG A 49 -4.82 -3.53 1.79
C ARG A 49 -3.38 -3.51 1.32
N PHE A 50 -2.47 -3.22 2.23
CA PHE A 50 -1.06 -3.21 1.93
C PHE A 50 -0.59 -4.64 2.03
N HIS A 51 0.38 -5.02 1.24
CA HIS A 51 0.76 -6.40 1.19
C HIS A 51 2.19 -6.62 1.67
N GLU A 52 2.33 -7.30 2.80
CA GLU A 52 3.61 -7.68 3.33
C GLU A 52 4.07 -8.94 2.62
N ILE A 53 5.31 -8.96 2.25
CA ILE A 53 5.97 -10.12 1.78
C ILE A 53 7.36 -10.12 2.35
N ALA A 54 7.70 -11.17 3.07
CA ALA A 54 9.03 -11.35 3.66
C ALA A 54 9.35 -10.27 4.71
N GLY A 55 8.32 -9.72 5.33
CA GLY A 55 8.51 -8.67 6.31
C GLY A 55 8.62 -7.30 5.67
N ARG A 56 8.29 -7.24 4.41
CA ARG A 56 8.34 -6.00 3.69
C ARG A 56 7.01 -5.64 3.11
N TRP A 57 6.57 -4.44 3.40
CA TRP A 57 5.33 -3.94 2.88
C TRP A 57 5.53 -3.44 1.49
N THR A 58 4.55 -3.68 0.70
CA THR A 58 4.61 -3.49 -0.71
C THR A 58 3.20 -3.08 -1.21
N GLY A 59 3.18 -2.29 -2.26
CA GLY A 59 1.95 -1.84 -2.87
C GLY A 59 2.24 -1.24 -4.25
N GLN A 60 1.48 -0.25 -4.64
CA GLN A 60 1.67 0.45 -5.89
C GLN A 60 1.42 1.93 -5.75
N CYS A 61 2.41 2.72 -6.16
CA CYS A 61 2.36 4.16 -6.06
C CYS A 61 1.52 4.77 -7.19
N ALA A 62 1.04 5.96 -6.93
CA ALA A 62 0.17 6.76 -7.80
C ALA A 62 0.84 7.08 -9.11
N ASN A 63 2.18 7.09 -9.09
CA ASN A 63 3.01 7.36 -10.28
C ASN A 63 2.52 6.52 -11.45
N CYS A 64 2.43 5.24 -11.23
CA CYS A 64 1.86 4.34 -12.18
C CYS A 64 0.34 4.22 -12.02
N TRP A 65 -0.11 4.14 -10.75
CA TRP A 65 -1.51 3.84 -10.41
C TRP A 65 -2.50 4.85 -10.94
N GLN A 66 -2.40 6.11 -10.51
CA GLN A 66 -3.38 7.10 -10.93
C GLN A 66 -3.26 7.41 -12.41
N ARG A 67 -2.09 7.16 -12.95
CA ARG A 67 -1.83 7.33 -14.37
C ARG A 67 -2.53 6.23 -15.20
N THR A 68 -2.88 5.14 -14.54
CA THR A 68 -3.64 4.07 -15.18
C THR A 68 -5.15 4.29 -14.86
N ARG A 69 -5.41 5.23 -13.96
CA ARG A 69 -6.76 5.48 -13.49
C ARG A 69 -7.47 6.55 -14.27
N GLN A 70 -7.79 6.23 -15.48
CA GLN A 70 -8.60 7.08 -16.35
C GLN A 70 -9.80 6.27 -16.76
N ARG A 71 -10.06 5.28 -15.96
CA ARG A 71 -11.12 4.36 -16.17
C ARG A 71 -11.95 4.29 -14.92
N ASN A 72 -13.21 4.60 -15.04
CA ASN A 72 -14.14 4.39 -13.94
C ASN A 72 -14.51 2.93 -13.95
N GLU A 73 -13.93 2.21 -13.04
CA GLU A 73 -14.08 0.77 -12.99
C GLU A 73 -14.85 0.36 -11.76
N THR A 74 -15.93 -0.34 -11.96
CA THR A 74 -16.70 -0.87 -10.90
C THR A 74 -16.05 -2.15 -10.40
N GLN A 75 -15.33 -2.04 -9.29
CA GLN A 75 -14.64 -3.18 -8.70
C GLN A 75 -15.51 -3.81 -7.64
N VAL A 76 -16.70 -3.33 -7.62
CA VAL A 76 -17.77 -3.71 -6.75
C VAL A 76 -18.99 -3.43 -7.58
ZN ZN B . 4.75 2.58 -9.09
N GLY A 1 9.15 -11.60 7.52
CA GLY A 1 9.05 -11.67 8.97
C GLY A 1 9.18 -13.09 9.40
N SER A 2 8.20 -13.60 10.13
CA SER A 2 8.20 -15.00 10.54
C SER A 2 7.71 -15.84 9.35
N HIS A 3 7.12 -15.15 8.41
CA HIS A 3 6.65 -15.70 7.18
C HIS A 3 7.04 -14.66 6.14
N MET A 4 6.96 -14.98 4.88
CA MET A 4 7.35 -14.06 3.83
C MET A 4 6.13 -13.42 3.21
N SER A 5 4.99 -13.66 3.79
CA SER A 5 3.75 -13.14 3.29
C SER A 5 2.85 -12.74 4.47
N ARG A 6 2.63 -11.45 4.64
CA ARG A 6 1.63 -10.96 5.60
C ARG A 6 0.88 -9.78 5.00
N SER A 7 -0.43 -9.80 5.06
CA SER A 7 -1.20 -8.67 4.60
C SER A 7 -1.99 -8.06 5.76
N VAL A 8 -1.69 -6.81 6.11
CA VAL A 8 -2.35 -6.13 7.23
C VAL A 8 -2.75 -4.71 6.83
N TYR A 9 -3.44 -3.99 7.70
CA TYR A 9 -3.90 -2.64 7.39
C TYR A 9 -2.89 -1.62 7.91
N GLY A 10 -3.07 -0.38 7.51
CA GLY A 10 -2.20 0.69 7.95
C GLY A 10 -2.26 0.87 9.46
N THR A 11 -3.47 0.77 9.98
CA THR A 11 -3.71 0.87 11.39
C THR A 11 -3.04 -0.31 12.14
N THR A 12 -2.72 -1.37 11.39
CA THR A 12 -2.04 -2.48 11.96
C THR A 12 -0.54 -2.17 11.95
N LEU A 13 -0.06 -1.53 10.87
CA LEU A 13 1.36 -1.11 10.71
C LEU A 13 1.79 -0.22 11.84
N GLU A 14 0.92 0.73 12.20
CA GLU A 14 1.16 1.66 13.32
C GLU A 14 1.59 0.86 14.58
N ALA A 15 0.95 -0.28 14.80
CA ALA A 15 1.24 -1.12 15.95
C ALA A 15 2.38 -2.12 15.68
N ILE A 16 2.27 -2.85 14.58
CA ILE A 16 3.23 -3.88 14.19
C ILE A 16 4.60 -3.28 14.00
N THR A 17 4.70 -2.38 13.07
CA THR A 17 5.96 -1.77 12.76
C THR A 17 6.29 -0.67 13.78
N LYS A 18 5.25 -0.08 14.41
CA LYS A 18 5.43 1.05 15.34
C LYS A 18 6.04 2.21 14.60
N LYS A 19 5.58 2.34 13.36
CA LYS A 19 5.96 3.37 12.43
C LYS A 19 4.72 3.71 11.70
N SER A 20 4.46 4.97 11.58
CA SER A 20 3.25 5.43 10.97
C SER A 20 3.28 5.31 9.45
N LEU A 21 2.15 5.54 8.83
CA LEU A 21 2.01 5.48 7.37
C LEU A 21 2.75 6.63 6.76
N TYR A 22 2.92 7.59 7.57
CA TYR A 22 3.58 8.80 7.28
C TYR A 22 5.09 8.69 7.54
N ASP A 23 5.51 7.54 8.08
CA ASP A 23 6.94 7.31 8.42
C ASP A 23 7.50 6.10 7.66
N LEU A 24 6.71 5.06 7.62
CA LEU A 24 7.10 3.80 7.04
C LEU A 24 7.11 3.89 5.51
N SER A 25 8.30 3.98 4.97
CA SER A 25 8.51 4.00 3.56
C SER A 25 8.29 2.59 3.00
N ILE A 26 7.19 2.40 2.32
CA ILE A 26 6.83 1.14 1.70
C ILE A 26 6.88 1.38 0.20
N ARG A 27 7.28 0.40 -0.59
CA ARG A 27 7.34 0.61 -2.03
C ARG A 27 6.21 -0.07 -2.75
N CYS A 28 5.79 0.54 -3.83
CA CYS A 28 4.75 0.04 -4.67
C CYS A 28 5.27 -1.14 -5.45
N HIS A 29 4.51 -2.19 -5.47
CA HIS A 29 4.90 -3.42 -6.14
C HIS A 29 4.73 -3.25 -7.68
N ARG A 30 4.14 -2.13 -8.11
CA ARG A 30 3.94 -1.90 -9.54
C ARG A 30 5.00 -0.91 -10.05
N CYS A 31 5.50 -0.06 -9.17
CA CYS A 31 6.43 0.97 -9.59
C CYS A 31 7.85 0.75 -9.04
N GLN A 32 7.93 0.12 -7.85
CA GLN A 32 9.18 -0.08 -7.10
C GLN A 32 9.68 1.24 -6.55
N ARG A 33 8.74 2.17 -6.48
CA ARG A 33 8.92 3.49 -5.92
C ARG A 33 8.08 3.56 -4.64
N PRO A 34 8.43 4.42 -3.67
CA PRO A 34 7.72 4.49 -2.38
C PRO A 34 6.31 5.08 -2.44
N LEU A 35 5.50 4.69 -1.48
CA LEU A 35 4.17 5.25 -1.28
C LEU A 35 4.29 6.41 -0.33
N GLY A 36 3.61 7.48 -0.63
CA GLY A 36 3.59 8.60 0.26
C GLY A 36 2.59 8.33 1.38
N PRO A 37 2.14 9.36 2.05
CA PRO A 37 1.18 9.21 3.12
C PRO A 37 -0.24 8.94 2.61
N GLU A 38 -0.71 9.82 1.76
CA GLU A 38 -2.04 9.78 1.20
C GLU A 38 -2.28 8.54 0.34
N GLU A 39 -1.23 8.03 -0.30
CA GLU A 39 -1.29 6.76 -1.02
C GLU A 39 -1.73 5.66 -0.08
N LYS A 40 -1.12 5.63 1.09
CA LYS A 40 -1.42 4.63 2.09
C LYS A 40 -2.80 4.87 2.68
N GLN A 41 -3.17 6.14 2.81
CA GLN A 41 -4.42 6.58 3.33
C GLN A 41 -5.52 6.01 2.45
N LYS A 42 -5.35 6.05 1.13
CA LYS A 42 -6.37 5.56 0.22
C LYS A 42 -6.60 4.06 0.38
N LEU A 43 -5.53 3.37 0.70
CA LEU A 43 -5.59 1.94 0.89
C LEU A 43 -6.31 1.65 2.18
N VAL A 44 -5.96 2.37 3.21
CA VAL A 44 -6.58 2.18 4.54
C VAL A 44 -8.04 2.68 4.49
N ASP A 45 -8.28 3.61 3.61
CA ASP A 45 -9.60 4.16 3.41
C ASP A 45 -10.52 3.09 2.86
N GLU A 46 -10.02 2.40 1.86
CA GLU A 46 -10.80 1.38 1.22
C GLU A 46 -10.52 -0.03 1.76
N LYS A 47 -9.74 -0.10 2.82
CA LYS A 47 -9.44 -1.35 3.56
C LYS A 47 -8.58 -2.33 2.77
N LYS A 48 -7.68 -1.78 1.99
CA LYS A 48 -6.71 -2.54 1.28
C LYS A 48 -5.53 -2.80 2.19
N ARG A 49 -4.81 -3.86 1.95
CA ARG A 49 -3.76 -4.25 2.85
C ARG A 49 -2.38 -4.11 2.26
N PHE A 50 -1.43 -3.95 3.13
CA PHE A 50 -0.02 -3.85 2.78
C PHE A 50 0.56 -5.23 2.94
N HIS A 51 1.56 -5.54 2.15
CA HIS A 51 2.07 -6.89 2.15
C HIS A 51 3.53 -6.92 2.60
N GLU A 52 3.77 -7.67 3.66
CA GLU A 52 5.10 -7.89 4.18
C GLU A 52 5.65 -9.10 3.50
N ILE A 53 6.71 -8.89 2.76
CA ILE A 53 7.42 -9.92 2.09
C ILE A 53 8.83 -9.93 2.60
N ALA A 54 9.17 -10.96 3.34
CA ALA A 54 10.52 -11.17 3.90
C ALA A 54 10.89 -10.06 4.90
N GLY A 55 9.89 -9.48 5.51
CA GLY A 55 10.09 -8.41 6.47
C GLY A 55 10.16 -7.06 5.82
N ARG A 56 9.90 -7.01 4.54
CA ARG A 56 9.89 -5.80 3.84
C ARG A 56 8.50 -5.53 3.32
N TRP A 57 7.98 -4.37 3.60
CA TRP A 57 6.67 -4.00 3.16
C TRP A 57 6.63 -3.56 1.72
N THR A 58 5.51 -3.80 1.12
CA THR A 58 5.23 -3.52 -0.25
C THR A 58 3.73 -3.20 -0.35
N GLY A 59 3.36 -2.37 -1.27
CA GLY A 59 1.99 -2.00 -1.45
C GLY A 59 1.78 -1.42 -2.80
N GLN A 60 0.86 -0.51 -2.92
CA GLN A 60 0.61 0.13 -4.18
C GLN A 60 0.27 1.57 -3.98
N CYS A 61 1.03 2.44 -4.62
CA CYS A 61 0.75 3.84 -4.54
C CYS A 61 -0.51 4.18 -5.30
N ALA A 62 -1.32 4.95 -4.66
CA ALA A 62 -2.62 5.37 -5.13
C ALA A 62 -2.56 6.09 -6.48
N ASN A 63 -1.41 6.65 -6.80
CA ASN A 63 -1.24 7.38 -8.06
C ASN A 63 -1.48 6.46 -9.28
N CYS A 64 -0.94 5.25 -9.24
CA CYS A 64 -1.18 4.31 -10.33
C CYS A 64 -2.49 3.59 -10.12
N TRP A 65 -2.91 3.50 -8.88
CA TRP A 65 -4.14 2.84 -8.52
C TRP A 65 -5.34 3.60 -9.06
N GLN A 66 -5.40 4.90 -8.77
CA GLN A 66 -6.48 5.76 -9.28
C GLN A 66 -6.38 5.94 -10.77
N ARG A 67 -5.20 5.73 -11.30
CA ARG A 67 -4.97 5.79 -12.73
C ARG A 67 -5.63 4.57 -13.40
N THR A 68 -5.94 3.57 -12.58
CA THR A 68 -6.59 2.35 -13.05
C THR A 68 -8.07 2.35 -12.53
N ARG A 69 -8.49 3.48 -11.98
CA ARG A 69 -9.86 3.62 -11.46
C ARG A 69 -10.68 4.47 -12.40
N GLN A 70 -10.01 5.20 -13.25
CA GLN A 70 -10.64 6.16 -14.11
C GLN A 70 -11.05 5.55 -15.44
N ARG A 71 -12.06 6.13 -16.04
CA ARG A 71 -12.53 5.70 -17.33
C ARG A 71 -11.65 6.38 -18.40
N ASN A 72 -10.42 5.87 -18.54
CA ASN A 72 -9.40 6.44 -19.47
C ASN A 72 -9.49 5.73 -20.83
N GLU A 73 -10.63 5.19 -21.08
CA GLU A 73 -10.99 4.49 -22.26
C GLU A 73 -12.45 4.76 -22.40
N THR A 74 -12.91 5.10 -23.58
CA THR A 74 -14.31 5.38 -23.73
C THR A 74 -14.85 4.85 -25.06
N GLN A 75 -15.17 3.58 -25.09
CA GLN A 75 -15.92 3.00 -26.22
C GLN A 75 -17.38 3.19 -25.94
N VAL A 76 -17.60 3.32 -24.69
CA VAL A 76 -18.84 3.52 -24.02
C VAL A 76 -18.55 4.23 -22.71
ZN ZN B . 2.55 2.66 -8.15
N GLY A 1 13.71 -12.99 10.73
CA GLY A 1 13.84 -14.39 10.27
C GLY A 1 13.18 -14.52 8.95
N SER A 2 12.78 -15.72 8.60
CA SER A 2 12.05 -15.93 7.38
C SER A 2 10.60 -15.55 7.63
N HIS A 3 10.20 -14.44 7.07
CA HIS A 3 8.85 -13.95 7.29
C HIS A 3 8.00 -14.33 6.08
N MET A 4 6.71 -14.20 6.19
CA MET A 4 5.83 -14.67 5.14
C MET A 4 4.95 -13.53 4.66
N SER A 5 4.23 -13.77 3.60
CA SER A 5 3.30 -12.82 3.02
C SER A 5 2.14 -12.59 3.98
N ARG A 6 2.06 -11.39 4.53
CA ARG A 6 1.02 -11.05 5.47
C ARG A 6 0.35 -9.75 5.07
N SER A 7 -0.93 -9.81 4.79
CA SER A 7 -1.67 -8.61 4.49
C SER A 7 -2.45 -8.20 5.74
N VAL A 8 -2.14 -7.04 6.30
CA VAL A 8 -2.77 -6.60 7.55
C VAL A 8 -3.21 -5.15 7.49
N TYR A 9 -3.93 -4.72 8.50
CA TYR A 9 -4.50 -3.38 8.54
C TYR A 9 -3.51 -2.38 9.09
N GLY A 10 -3.74 -1.10 8.82
CA GLY A 10 -2.86 -0.03 9.26
C GLY A 10 -2.55 -0.08 10.74
N THR A 11 -3.57 -0.28 11.55
CA THR A 11 -3.44 -0.38 12.98
C THR A 11 -2.59 -1.61 13.40
N THR A 12 -2.43 -2.56 12.49
CA THR A 12 -1.67 -3.72 12.76
C THR A 12 -0.20 -3.39 12.45
N LEU A 13 0.01 -2.60 11.38
CA LEU A 13 1.37 -2.10 11.04
C LEU A 13 1.93 -1.27 12.16
N GLU A 14 1.11 -0.39 12.71
CA GLU A 14 1.48 0.46 13.84
C GLU A 14 2.06 -0.39 14.99
N ALA A 15 1.45 -1.55 15.23
CA ALA A 15 1.86 -2.41 16.34
C ALA A 15 2.99 -3.38 15.98
N ILE A 16 2.92 -3.96 14.79
CA ILE A 16 3.94 -4.91 14.37
C ILE A 16 5.24 -4.20 14.09
N THR A 17 5.19 -3.27 13.18
CA THR A 17 6.36 -2.55 12.74
C THR A 17 6.78 -1.51 13.78
N LYS A 18 5.80 -1.07 14.61
CA LYS A 18 6.04 -0.08 15.68
C LYS A 18 6.39 1.25 15.08
N LYS A 19 5.86 1.44 13.90
CA LYS A 19 5.99 2.65 13.17
C LYS A 19 4.73 2.92 12.50
N SER A 20 4.45 4.14 12.36
CA SER A 20 3.23 4.56 11.78
C SER A 20 3.33 4.52 10.28
N LEU A 21 2.19 4.33 9.66
CA LEU A 21 2.04 4.31 8.20
C LEU A 21 2.70 5.51 7.56
N TYR A 22 2.58 6.66 8.21
CA TYR A 22 3.16 7.90 7.73
C TYR A 22 4.69 7.80 7.63
N ASP A 23 5.29 7.18 8.62
CA ASP A 23 6.75 7.03 8.72
C ASP A 23 7.23 5.89 7.83
N LEU A 24 6.49 4.81 7.86
CA LEU A 24 6.84 3.61 7.14
C LEU A 24 6.76 3.83 5.64
N SER A 25 7.90 3.81 5.02
CA SER A 25 7.99 3.99 3.61
C SER A 25 7.86 2.64 2.90
N ILE A 26 6.63 2.32 2.60
CA ILE A 26 6.26 1.11 1.90
C ILE A 26 6.41 1.37 0.41
N ARG A 27 6.74 0.36 -0.39
CA ARG A 27 6.86 0.60 -1.82
C ARG A 27 5.71 -0.01 -2.58
N CYS A 28 5.40 0.60 -3.68
CA CYS A 28 4.38 0.12 -4.56
C CYS A 28 4.96 -1.03 -5.36
N HIS A 29 4.27 -2.13 -5.40
CA HIS A 29 4.75 -3.32 -6.12
C HIS A 29 4.48 -3.17 -7.64
N ARG A 30 3.95 -2.02 -8.01
CA ARG A 30 3.64 -1.73 -9.41
C ARG A 30 4.71 -0.80 -9.96
N CYS A 31 5.20 0.09 -9.12
CA CYS A 31 6.16 1.10 -9.55
C CYS A 31 7.56 0.89 -8.94
N GLN A 32 7.62 0.20 -7.80
CA GLN A 32 8.86 -0.07 -7.01
C GLN A 32 9.37 1.21 -6.37
N ARG A 33 8.50 2.17 -6.34
CA ARG A 33 8.74 3.46 -5.72
C ARG A 33 7.93 3.53 -4.44
N PRO A 34 8.37 4.33 -3.44
CA PRO A 34 7.68 4.42 -2.14
C PRO A 34 6.32 5.11 -2.20
N LEU A 35 5.51 4.83 -1.21
CA LEU A 35 4.21 5.43 -1.05
C LEU A 35 4.30 6.81 -0.43
N GLY A 36 3.76 7.78 -1.14
CA GLY A 36 3.66 9.13 -0.65
C GLY A 36 2.46 9.30 0.27
N PRO A 37 1.91 10.50 0.39
CA PRO A 37 0.84 10.77 1.32
C PRO A 37 -0.58 10.34 0.84
N GLU A 38 -0.93 10.53 -0.45
CA GLU A 38 -2.29 10.20 -0.90
C GLU A 38 -2.46 8.70 -0.89
N GLU A 39 -1.33 8.04 -1.09
CA GLU A 39 -1.21 6.60 -1.05
C GLU A 39 -1.74 6.08 0.24
N LYS A 40 -1.11 6.51 1.30
CA LYS A 40 -1.40 6.06 2.62
C LYS A 40 -2.80 6.47 3.02
N GLN A 41 -3.20 7.65 2.64
CA GLN A 41 -4.52 8.13 2.91
C GLN A 41 -5.61 7.42 2.17
N LYS A 42 -5.41 7.08 0.91
CA LYS A 42 -6.51 6.51 0.14
C LYS A 42 -6.68 5.02 0.43
N LEU A 43 -5.60 4.37 0.83
CA LEU A 43 -5.69 2.96 1.20
C LEU A 43 -6.42 2.85 2.50
N VAL A 44 -6.07 3.70 3.42
CA VAL A 44 -6.76 3.74 4.71
C VAL A 44 -8.19 4.24 4.51
N ASP A 45 -8.34 5.18 3.58
CA ASP A 45 -9.65 5.79 3.22
C ASP A 45 -10.62 4.72 2.84
N GLU A 46 -10.18 3.84 1.97
CA GLU A 46 -11.04 2.80 1.46
C GLU A 46 -10.91 1.48 2.23
N LYS A 47 -10.19 1.53 3.35
CA LYS A 47 -9.98 0.35 4.22
C LYS A 47 -9.26 -0.79 3.49
N LYS A 48 -8.06 -0.50 3.04
CA LYS A 48 -7.22 -1.47 2.40
C LYS A 48 -6.14 -1.95 3.35
N ARG A 49 -5.56 -3.08 3.02
CA ARG A 49 -4.54 -3.69 3.83
C ARG A 49 -3.20 -3.60 3.13
N PHE A 50 -2.17 -3.50 3.90
CA PHE A 50 -0.84 -3.40 3.37
C PHE A 50 -0.25 -4.79 3.30
N HIS A 51 0.68 -5.00 2.41
CA HIS A 51 1.15 -6.33 2.15
C HIS A 51 2.62 -6.47 2.53
N GLU A 52 2.87 -7.28 3.54
CA GLU A 52 4.21 -7.60 3.94
C GLU A 52 4.67 -8.86 3.23
N ILE A 53 5.86 -8.82 2.71
CA ILE A 53 6.50 -9.97 2.15
C ILE A 53 7.91 -10.04 2.68
N ALA A 54 8.19 -11.09 3.47
CA ALA A 54 9.52 -11.33 4.07
C ALA A 54 9.91 -10.21 5.05
N GLY A 55 8.92 -9.51 5.56
CA GLY A 55 9.17 -8.42 6.48
C GLY A 55 9.44 -7.12 5.76
N ARG A 56 9.19 -7.11 4.47
CA ARG A 56 9.32 -5.92 3.65
C ARG A 56 7.92 -5.51 3.24
N TRP A 57 7.61 -4.25 3.32
CA TRP A 57 6.29 -3.82 3.00
C TRP A 57 6.15 -3.38 1.55
N THR A 58 4.98 -3.61 1.05
CA THR A 58 4.62 -3.39 -0.32
C THR A 58 3.12 -3.10 -0.40
N GLY A 59 2.76 -2.34 -1.38
CA GLY A 59 1.40 -2.03 -1.62
C GLY A 59 1.27 -1.44 -2.99
N GLN A 60 0.34 -0.55 -3.14
CA GLN A 60 0.18 0.17 -4.36
C GLN A 60 0.00 1.61 -4.05
N CYS A 61 0.83 2.44 -4.65
CA CYS A 61 0.68 3.85 -4.47
C CYS A 61 -0.59 4.31 -5.14
N ALA A 62 -1.31 5.11 -4.43
CA ALA A 62 -2.61 5.54 -4.84
C ALA A 62 -2.56 6.43 -6.06
N ASN A 63 -1.48 7.14 -6.25
CA ASN A 63 -1.35 8.01 -7.40
C ASN A 63 -1.40 7.20 -8.74
N CYS A 64 -0.96 5.91 -8.73
CA CYS A 64 -1.12 5.08 -9.94
C CYS A 64 -2.52 4.45 -9.94
N TRP A 65 -3.06 4.28 -8.75
CA TRP A 65 -4.35 3.67 -8.52
C TRP A 65 -5.46 4.60 -8.98
N GLN A 66 -5.29 5.89 -8.74
CA GLN A 66 -6.21 6.90 -9.20
C GLN A 66 -6.27 6.92 -10.73
N ARG A 67 -5.19 6.50 -11.36
CA ARG A 67 -5.11 6.45 -12.81
C ARG A 67 -5.75 5.16 -13.32
N THR A 68 -6.13 4.30 -12.39
CA THR A 68 -6.76 3.04 -12.72
C THR A 68 -8.28 3.15 -12.45
N ARG A 69 -8.74 4.38 -12.23
CA ARG A 69 -10.17 4.65 -12.01
C ARG A 69 -10.80 5.06 -13.33
N GLN A 70 -9.95 5.20 -14.33
CA GLN A 70 -10.34 5.76 -15.59
C GLN A 70 -11.09 4.77 -16.45
N ARG A 71 -12.29 5.14 -16.79
CA ARG A 71 -13.12 4.36 -17.66
C ARG A 71 -12.78 4.81 -19.06
N ASN A 72 -12.10 3.98 -19.80
CA ASN A 72 -11.70 4.32 -21.14
C ASN A 72 -12.34 3.39 -22.13
N GLU A 73 -13.25 3.93 -22.93
CA GLU A 73 -13.90 3.16 -23.97
C GLU A 73 -12.90 2.82 -25.04
N THR A 74 -12.52 1.58 -25.08
CA THR A 74 -11.48 1.14 -25.97
C THR A 74 -12.11 0.35 -27.12
N GLN A 75 -12.94 -0.58 -26.73
CA GLN A 75 -13.74 -1.42 -27.62
C GLN A 75 -15.07 -1.40 -26.93
N VAL A 76 -15.28 -0.25 -26.31
CA VAL A 76 -16.22 0.01 -25.27
C VAL A 76 -15.51 -0.55 -24.04
ZN ZN B . 2.26 2.76 -8.07
N GLY A 1 5.10 -15.35 13.31
CA GLY A 1 3.89 -15.86 12.63
C GLY A 1 4.17 -16.01 11.17
N SER A 2 3.16 -15.96 10.35
CA SER A 2 3.33 -16.04 8.93
C SER A 2 3.77 -14.67 8.40
N HIS A 3 5.06 -14.48 8.27
CA HIS A 3 5.63 -13.20 7.82
C HIS A 3 6.12 -13.33 6.40
N MET A 4 5.65 -14.35 5.72
CA MET A 4 6.05 -14.58 4.35
C MET A 4 5.24 -13.67 3.44
N SER A 5 3.94 -13.70 3.62
CA SER A 5 3.06 -12.86 2.87
C SER A 5 1.92 -12.38 3.79
N ARG A 6 2.07 -11.23 4.38
CA ARG A 6 1.05 -10.73 5.28
C ARG A 6 0.41 -9.49 4.67
N SER A 7 -0.76 -9.64 4.10
CA SER A 7 -1.45 -8.51 3.53
C SER A 7 -2.49 -7.97 4.51
N VAL A 8 -2.30 -6.74 4.93
CA VAL A 8 -3.24 -6.08 5.84
C VAL A 8 -3.48 -4.65 5.38
N TYR A 9 -4.42 -3.98 5.99
CA TYR A 9 -4.79 -2.64 5.57
C TYR A 9 -3.94 -1.59 6.26
N GLY A 10 -3.92 -0.41 5.69
CA GLY A 10 -3.07 0.68 6.17
C GLY A 10 -3.11 0.92 7.66
N THR A 11 -4.28 1.12 8.20
CA THR A 11 -4.46 1.34 9.62
C THR A 11 -4.05 0.10 10.47
N THR A 12 -3.92 -1.06 9.82
CA THR A 12 -3.52 -2.24 10.51
C THR A 12 -2.00 -2.16 10.65
N LEU A 13 -1.36 -1.61 9.60
CA LEU A 13 0.08 -1.30 9.64
C LEU A 13 0.36 -0.29 10.72
N GLU A 14 -0.49 0.70 10.80
CA GLU A 14 -0.33 1.76 11.77
C GLU A 14 -0.46 1.22 13.21
N ALA A 15 -1.19 0.14 13.38
CA ALA A 15 -1.33 -0.49 14.67
C ALA A 15 -0.20 -1.50 14.94
N ILE A 16 0.04 -2.41 14.00
CA ILE A 16 1.05 -3.46 14.16
C ILE A 16 2.47 -2.87 14.19
N THR A 17 2.79 -2.10 13.19
CA THR A 17 4.08 -1.50 13.07
C THR A 17 4.18 -0.37 14.11
N LYS A 18 3.01 0.23 14.44
CA LYS A 18 2.89 1.37 15.38
C LYS A 18 3.43 2.62 14.73
N LYS A 19 3.37 2.64 13.43
CA LYS A 19 3.79 3.77 12.65
C LYS A 19 2.73 4.11 11.68
N SER A 20 2.36 5.37 11.64
CA SER A 20 1.39 5.87 10.71
C SER A 20 1.90 5.67 9.29
N LEU A 21 0.97 5.55 8.35
CA LEU A 21 1.29 5.32 6.95
C LEU A 21 2.23 6.36 6.38
N TYR A 22 2.12 7.57 6.86
CA TYR A 22 2.97 8.66 6.42
C TYR A 22 4.45 8.37 6.71
N ASP A 23 4.71 7.76 7.87
CA ASP A 23 6.07 7.50 8.38
C ASP A 23 6.68 6.27 7.72
N LEU A 24 5.88 5.25 7.59
CA LEU A 24 6.33 3.97 7.09
C LEU A 24 6.74 4.05 5.62
N SER A 25 8.02 3.95 5.38
CA SER A 25 8.58 3.99 4.07
C SER A 25 8.55 2.62 3.44
N ILE A 26 7.71 2.48 2.45
CA ILE A 26 7.54 1.25 1.71
C ILE A 26 7.85 1.54 0.25
N ARG A 27 8.58 0.68 -0.45
CA ARG A 27 8.91 0.89 -1.83
C ARG A 27 8.09 0.00 -2.75
N CYS A 28 7.73 0.54 -3.88
CA CYS A 28 7.15 -0.23 -4.93
C CYS A 28 8.29 -0.95 -5.64
N HIS A 29 8.25 -2.26 -5.67
CA HIS A 29 9.35 -3.08 -6.25
C HIS A 29 9.49 -2.96 -7.77
N ARG A 30 8.64 -2.19 -8.38
CA ARG A 30 8.76 -1.98 -9.82
C ARG A 30 9.36 -0.59 -10.07
N CYS A 31 9.24 0.28 -9.10
CA CYS A 31 9.59 1.66 -9.32
C CYS A 31 10.81 2.11 -8.54
N GLN A 32 11.15 1.44 -7.39
CA GLN A 32 12.29 1.81 -6.59
C GLN A 32 11.98 3.13 -5.87
N ARG A 33 10.70 3.40 -5.79
CA ARG A 33 10.21 4.56 -5.16
C ARG A 33 9.60 4.21 -3.87
N PRO A 34 9.99 4.89 -2.81
CA PRO A 34 9.24 4.85 -1.59
C PRO A 34 7.92 5.52 -1.89
N LEU A 35 6.83 4.89 -1.54
CA LEU A 35 5.50 5.43 -1.77
C LEU A 35 5.37 6.79 -1.13
N GLY A 36 5.02 7.75 -1.94
CA GLY A 36 4.81 9.08 -1.45
C GLY A 36 3.46 9.17 -0.82
N PRO A 37 3.09 10.31 -0.24
CA PRO A 37 1.79 10.47 0.39
C PRO A 37 0.66 10.22 -0.60
N GLU A 38 0.85 10.62 -1.85
CA GLU A 38 -0.12 10.44 -2.90
C GLU A 38 -0.40 8.96 -3.19
N GLU A 39 0.68 8.20 -3.32
CA GLU A 39 0.63 6.79 -3.59
C GLU A 39 -0.08 6.09 -2.44
N LYS A 40 0.30 6.47 -1.23
CA LYS A 40 -0.29 5.91 -0.02
C LYS A 40 -1.77 6.25 0.07
N GLN A 41 -2.11 7.50 -0.21
CA GLN A 41 -3.49 7.96 -0.16
C GLN A 41 -4.37 7.29 -1.16
N LYS A 42 -3.84 6.85 -2.29
CA LYS A 42 -4.71 6.17 -3.23
C LYS A 42 -5.04 4.75 -2.72
N LEU A 43 -4.14 4.19 -1.94
CA LEU A 43 -4.34 2.87 -1.38
C LEU A 43 -5.26 2.97 -0.21
N VAL A 44 -5.16 4.07 0.49
CA VAL A 44 -6.09 4.38 1.56
C VAL A 44 -7.46 4.66 0.96
N ASP A 45 -7.45 5.37 -0.16
CA ASP A 45 -8.66 5.77 -0.88
C ASP A 45 -9.46 4.58 -1.30
N GLU A 46 -8.81 3.62 -1.88
CA GLU A 46 -9.49 2.46 -2.37
C GLU A 46 -9.45 1.29 -1.42
N LYS A 47 -8.92 1.51 -0.22
CA LYS A 47 -8.81 0.46 0.81
C LYS A 47 -8.01 -0.77 0.34
N LYS A 48 -6.77 -0.55 0.00
CA LYS A 48 -5.89 -1.60 -0.43
C LYS A 48 -5.02 -2.13 0.69
N ARG A 49 -4.34 -3.23 0.42
CA ARG A 49 -3.58 -3.92 1.43
C ARG A 49 -2.11 -3.76 1.11
N PHE A 50 -1.31 -3.67 2.13
CA PHE A 50 0.12 -3.64 1.97
C PHE A 50 0.62 -5.03 2.29
N HIS A 51 1.76 -5.40 1.79
CA HIS A 51 2.24 -6.75 1.96
C HIS A 51 3.54 -6.80 2.73
N GLU A 52 3.51 -7.48 3.84
CA GLU A 52 4.69 -7.73 4.63
C GLU A 52 5.34 -8.99 4.11
N ILE A 53 6.55 -8.88 3.64
CA ILE A 53 7.32 -10.01 3.23
C ILE A 53 8.64 -10.00 3.99
N ALA A 54 8.84 -11.02 4.81
CA ALA A 54 10.04 -11.20 5.65
C ALA A 54 10.12 -10.10 6.72
N GLY A 55 8.96 -9.52 7.02
CA GLY A 55 8.88 -8.46 8.01
C GLY A 55 9.18 -7.09 7.41
N ARG A 56 9.36 -7.06 6.10
CA ARG A 56 9.57 -5.83 5.38
C ARG A 56 8.31 -5.53 4.60
N TRP A 57 7.93 -4.30 4.54
CA TRP A 57 6.73 -3.95 3.83
C TRP A 57 6.99 -3.65 2.38
N THR A 58 5.98 -3.90 1.59
CA THR A 58 6.00 -3.75 0.17
C THR A 58 4.60 -3.34 -0.25
N GLY A 59 4.52 -2.57 -1.29
CA GLY A 59 3.26 -2.13 -1.77
C GLY A 59 3.41 -1.57 -3.13
N GLN A 60 2.34 -1.54 -3.86
CA GLN A 60 2.37 -1.01 -5.18
C GLN A 60 1.82 0.38 -5.19
N CYS A 61 2.62 1.29 -5.66
CA CYS A 61 2.18 2.65 -5.80
C CYS A 61 1.20 2.78 -6.98
N ALA A 62 0.29 3.68 -6.81
CA ALA A 62 -0.77 4.05 -7.75
C ALA A 62 -0.19 4.64 -9.02
N ASN A 63 1.03 5.07 -8.91
CA ASN A 63 1.81 5.60 -10.01
C ASN A 63 1.68 4.65 -11.20
N CYS A 64 1.97 3.38 -10.97
CA CYS A 64 1.76 2.34 -11.95
C CYS A 64 0.32 1.78 -11.88
N TRP A 65 -0.08 1.38 -10.67
CA TRP A 65 -1.36 0.69 -10.39
C TRP A 65 -2.62 1.40 -10.92
N GLN A 66 -2.71 2.69 -10.74
CA GLN A 66 -3.92 3.43 -11.08
C GLN A 66 -4.08 3.57 -12.60
N ARG A 67 -3.05 3.20 -13.35
CA ARG A 67 -3.13 3.30 -14.80
C ARG A 67 -3.87 2.09 -15.35
N THR A 68 -3.95 1.05 -14.53
CA THR A 68 -4.68 -0.15 -14.89
C THR A 68 -6.06 -0.10 -14.19
N ARG A 69 -6.31 1.00 -13.53
CA ARG A 69 -7.53 1.18 -12.81
C ARG A 69 -8.58 1.88 -13.62
N GLN A 70 -9.38 1.10 -14.29
CA GLN A 70 -10.54 1.62 -14.96
C GLN A 70 -11.56 1.98 -13.90
N ARG A 71 -11.61 3.24 -13.58
CA ARG A 71 -12.46 3.71 -12.54
C ARG A 71 -13.62 4.47 -13.15
N ASN A 72 -14.76 3.83 -13.19
CA ASN A 72 -15.97 4.49 -13.61
C ASN A 72 -17.15 4.00 -12.79
N GLU A 73 -17.30 4.55 -11.62
CA GLU A 73 -18.43 4.20 -10.77
C GLU A 73 -19.71 4.83 -11.29
N THR A 74 -20.57 4.02 -11.82
CA THR A 74 -21.85 4.44 -12.30
C THR A 74 -22.87 3.36 -11.94
N GLN A 75 -23.99 3.77 -11.37
CA GLN A 75 -25.01 2.85 -10.97
C GLN A 75 -25.90 2.50 -12.15
N VAL A 76 -26.63 1.42 -12.01
CA VAL A 76 -27.54 0.92 -12.97
C VAL A 76 -28.74 0.44 -12.19
ZN ZN B . 5.00 1.63 -8.83
N GLY A 1 1.82 -15.81 3.65
CA GLY A 1 2.95 -16.36 4.42
C GLY A 1 3.05 -15.64 5.73
N SER A 2 4.03 -16.00 6.56
CA SER A 2 4.18 -15.34 7.85
C SER A 2 4.89 -13.99 7.66
N HIS A 3 6.03 -14.01 6.97
CA HIS A 3 6.76 -12.78 6.63
C HIS A 3 7.17 -12.79 5.19
N MET A 4 6.77 -13.82 4.49
CA MET A 4 7.08 -13.95 3.08
C MET A 4 6.13 -13.07 2.31
N SER A 5 4.88 -13.26 2.62
CA SER A 5 3.81 -12.50 2.07
C SER A 5 2.79 -12.24 3.18
N ARG A 6 2.87 -11.10 3.82
CA ARG A 6 1.98 -10.81 4.93
C ARG A 6 1.14 -9.57 4.63
N SER A 7 -0.16 -9.75 4.58
CA SER A 7 -1.06 -8.65 4.31
C SER A 7 -1.92 -8.35 5.55
N VAL A 8 -1.77 -7.16 6.11
CA VAL A 8 -2.53 -6.75 7.29
C VAL A 8 -3.01 -5.30 7.15
N TYR A 9 -3.77 -4.81 8.11
CA TYR A 9 -4.35 -3.47 8.03
C TYR A 9 -3.39 -2.46 8.61
N GLY A 10 -3.59 -1.19 8.28
CA GLY A 10 -2.73 -0.11 8.75
C GLY A 10 -2.54 -0.10 10.24
N THR A 11 -3.64 -0.29 10.95
CA THR A 11 -3.65 -0.34 12.40
C THR A 11 -2.84 -1.55 12.94
N THR A 12 -2.59 -2.52 12.08
CA THR A 12 -1.85 -3.68 12.47
C THR A 12 -0.36 -3.37 12.25
N LEU A 13 -0.06 -2.60 11.18
CA LEU A 13 1.31 -2.14 10.92
C LEU A 13 1.81 -1.26 12.05
N GLU A 14 0.93 -0.35 12.50
CA GLU A 14 1.22 0.56 13.62
C GLU A 14 1.73 -0.24 14.85
N ALA A 15 1.12 -1.39 15.08
CA ALA A 15 1.43 -2.20 16.23
C ALA A 15 2.63 -3.14 15.98
N ILE A 16 2.56 -3.91 14.90
CA ILE A 16 3.58 -4.92 14.61
C ILE A 16 4.93 -4.29 14.29
N THR A 17 4.92 -3.34 13.38
CA THR A 17 6.12 -2.68 12.99
C THR A 17 6.52 -1.72 14.11
N LYS A 18 5.49 -1.26 14.88
CA LYS A 18 5.68 -0.34 16.00
C LYS A 18 6.13 1.00 15.42
N LYS A 19 5.67 1.24 14.21
CA LYS A 19 5.89 2.45 13.49
C LYS A 19 4.67 2.76 12.73
N SER A 20 4.46 4.00 12.52
CA SER A 20 3.30 4.44 11.85
C SER A 20 3.50 4.40 10.36
N LEU A 21 2.40 4.25 9.65
CA LEU A 21 2.37 4.20 8.18
C LEU A 21 3.08 5.40 7.58
N TYR A 22 2.94 6.54 8.24
CA TYR A 22 3.55 7.78 7.79
C TYR A 22 5.08 7.67 7.79
N ASP A 23 5.59 7.02 8.83
CA ASP A 23 7.04 6.85 9.05
C ASP A 23 7.56 5.73 8.18
N LEU A 24 6.79 4.68 8.13
CA LEU A 24 7.13 3.47 7.44
C LEU A 24 7.16 3.69 5.92
N SER A 25 8.31 3.46 5.35
CA SER A 25 8.50 3.60 3.94
C SER A 25 7.96 2.35 3.23
N ILE A 26 6.70 2.43 2.89
CA ILE A 26 6.02 1.38 2.18
C ILE A 26 6.10 1.75 0.72
N ARG A 27 6.58 0.86 -0.10
CA ARG A 27 6.78 1.18 -1.49
C ARG A 27 5.72 0.59 -2.38
N CYS A 28 5.51 1.21 -3.49
CA CYS A 28 4.63 0.66 -4.48
C CYS A 28 5.38 -0.50 -5.09
N HIS A 29 4.83 -1.68 -5.00
CA HIS A 29 5.47 -2.93 -5.44
C HIS A 29 5.64 -2.92 -6.98
N ARG A 30 5.04 -1.94 -7.60
CA ARG A 30 5.00 -1.80 -9.03
C ARG A 30 5.99 -0.68 -9.47
N CYS A 31 6.36 0.20 -8.55
CA CYS A 31 7.31 1.27 -8.86
C CYS A 31 8.65 1.08 -8.15
N GLN A 32 8.57 0.60 -6.91
CA GLN A 32 9.69 0.44 -5.97
C GLN A 32 10.07 1.78 -5.37
N ARG A 33 9.13 2.69 -5.51
CA ARG A 33 9.19 3.99 -4.92
C ARG A 33 8.11 4.06 -3.85
N PRO A 34 8.33 4.82 -2.76
CA PRO A 34 7.39 4.93 -1.62
C PRO A 34 6.05 5.61 -1.98
N LEU A 35 5.06 5.39 -1.13
CA LEU A 35 3.74 6.03 -1.24
C LEU A 35 3.73 7.29 -0.42
N GLY A 36 3.12 8.31 -0.97
CA GLY A 36 2.94 9.56 -0.32
C GLY A 36 1.76 9.52 0.64
N PRO A 37 1.12 10.65 0.92
CA PRO A 37 0.06 10.72 1.88
C PRO A 37 -1.31 10.20 1.39
N GLU A 38 -1.67 10.45 0.14
CA GLU A 38 -3.02 10.13 -0.34
C GLU A 38 -3.10 8.65 -0.62
N GLU A 39 -2.04 8.15 -1.22
CA GLU A 39 -1.95 6.76 -1.60
C GLU A 39 -1.97 5.89 -0.36
N LYS A 40 -1.34 6.38 0.67
CA LYS A 40 -1.23 5.69 1.94
C LYS A 40 -2.58 5.78 2.65
N GLN A 41 -3.20 6.94 2.54
CA GLN A 41 -4.51 7.19 3.09
C GLN A 41 -5.52 6.30 2.46
N LYS A 42 -5.40 6.06 1.15
CA LYS A 42 -6.37 5.25 0.40
C LYS A 42 -6.43 3.81 0.85
N LEU A 43 -5.33 3.33 1.33
CA LEU A 43 -5.26 1.96 1.79
C LEU A 43 -6.02 1.84 3.09
N VAL A 44 -5.98 2.87 3.86
CA VAL A 44 -6.72 2.92 5.11
C VAL A 44 -8.18 3.34 4.82
N ASP A 45 -8.31 4.14 3.80
CA ASP A 45 -9.55 4.78 3.38
C ASP A 45 -10.54 3.74 2.90
N GLU A 46 -10.07 2.86 2.02
CA GLU A 46 -10.93 1.82 1.46
C GLU A 46 -10.83 0.56 2.28
N LYS A 47 -9.98 0.60 3.30
CA LYS A 47 -9.70 -0.56 4.15
C LYS A 47 -9.05 -1.69 3.32
N LYS A 48 -7.91 -1.37 2.78
CA LYS A 48 -7.12 -2.25 1.99
C LYS A 48 -6.04 -2.84 2.93
N ARG A 49 -5.20 -3.71 2.46
CA ARG A 49 -4.14 -4.25 3.29
C ARG A 49 -2.80 -3.93 2.69
N PHE A 50 -1.80 -3.81 3.54
CA PHE A 50 -0.45 -3.55 3.11
C PHE A 50 0.24 -4.89 3.02
N HIS A 51 1.20 -5.02 2.13
CA HIS A 51 1.81 -6.31 1.90
C HIS A 51 3.30 -6.27 2.25
N GLU A 52 3.69 -7.11 3.18
CA GLU A 52 5.05 -7.26 3.61
C GLU A 52 5.71 -8.44 2.90
N ILE A 53 6.89 -8.20 2.39
CA ILE A 53 7.73 -9.22 1.84
C ILE A 53 9.11 -9.13 2.51
N ALA A 54 9.37 -10.10 3.38
CA ALA A 54 10.65 -10.25 4.10
C ALA A 54 10.98 -9.01 4.93
N GLY A 55 9.97 -8.48 5.59
CA GLY A 55 10.16 -7.33 6.45
C GLY A 55 10.08 -5.99 5.72
N ARG A 56 9.79 -6.02 4.43
CA ARG A 56 9.63 -4.78 3.70
C ARG A 56 8.19 -4.63 3.29
N TRP A 57 7.62 -3.48 3.52
CA TRP A 57 6.24 -3.25 3.20
C TRP A 57 6.10 -2.60 1.83
N THR A 58 5.00 -2.90 1.20
CA THR A 58 4.71 -2.51 -0.13
C THR A 58 3.20 -2.43 -0.34
N GLY A 59 2.82 -1.72 -1.36
CA GLY A 59 1.45 -1.57 -1.76
C GLY A 59 1.43 -1.01 -3.15
N GLN A 60 0.46 -0.22 -3.48
CA GLN A 60 0.40 0.42 -4.76
C GLN A 60 0.03 1.87 -4.61
N CYS A 61 0.86 2.72 -5.16
CA CYS A 61 0.58 4.13 -5.09
C CYS A 61 -0.55 4.49 -6.03
N ALA A 62 -1.29 5.48 -5.63
CA ALA A 62 -2.42 6.02 -6.37
C ALA A 62 -1.98 6.58 -7.70
N ASN A 63 -0.69 6.77 -7.89
CA ASN A 63 -0.21 7.27 -9.18
C ASN A 63 -0.61 6.29 -10.29
N CYS A 64 -0.51 5.00 -9.99
CA CYS A 64 -0.90 3.96 -10.93
C CYS A 64 -2.41 3.70 -10.79
N TRP A 65 -2.82 3.66 -9.55
CA TRP A 65 -4.11 3.17 -9.12
C TRP A 65 -5.27 4.19 -9.23
N GLN A 66 -4.97 5.47 -9.16
CA GLN A 66 -6.03 6.47 -9.22
C GLN A 66 -6.49 6.58 -10.67
N ARG A 67 -5.65 6.07 -11.58
CA ARG A 67 -5.97 6.07 -13.01
C ARG A 67 -7.09 5.09 -13.27
N THR A 68 -7.20 4.10 -12.39
CA THR A 68 -8.18 3.05 -12.50
C THR A 68 -9.57 3.52 -12.00
N ARG A 69 -9.65 4.76 -11.54
CA ARG A 69 -10.92 5.31 -11.08
C ARG A 69 -11.74 5.74 -12.30
N GLN A 70 -11.05 5.98 -13.39
CA GLN A 70 -11.67 6.41 -14.62
C GLN A 70 -11.54 5.26 -15.59
N ARG A 71 -12.62 4.60 -15.85
CA ARG A 71 -12.59 3.49 -16.76
C ARG A 71 -13.26 3.89 -18.04
N ASN A 72 -12.48 4.04 -19.07
CA ASN A 72 -13.02 4.33 -20.38
C ASN A 72 -13.18 3.04 -21.12
N GLU A 73 -14.36 2.77 -21.59
CA GLU A 73 -14.60 1.62 -22.41
C GLU A 73 -13.92 1.90 -23.73
N THR A 74 -13.00 1.06 -24.11
CA THR A 74 -12.19 1.33 -25.27
C THR A 74 -12.90 1.04 -26.58
N GLN A 75 -13.81 1.93 -26.89
CA GLN A 75 -14.52 1.94 -28.16
C GLN A 75 -14.30 3.31 -28.79
N VAL A 76 -13.54 4.07 -28.05
CA VAL A 76 -13.15 5.43 -28.32
C VAL A 76 -11.82 5.61 -27.61
ZN ZN B . 3.12 3.06 -8.46
N GLY A 1 4.23 -18.18 1.74
CA GLY A 1 5.33 -18.95 1.13
C GLY A 1 6.48 -18.91 2.06
N SER A 2 7.65 -18.57 1.56
CA SER A 2 8.80 -18.36 2.39
C SER A 2 8.66 -16.98 3.01
N HIS A 3 8.07 -16.10 2.25
CA HIS A 3 7.72 -14.79 2.72
C HIS A 3 6.33 -14.86 3.31
N MET A 4 6.12 -14.14 4.38
CA MET A 4 4.82 -14.08 5.00
C MET A 4 4.06 -12.88 4.47
N SER A 5 3.25 -13.15 3.50
CA SER A 5 2.40 -12.18 2.86
C SER A 5 1.22 -11.81 3.78
N ARG A 6 1.22 -10.60 4.25
CA ARG A 6 0.24 -10.14 5.20
C ARG A 6 -0.42 -8.89 4.65
N SER A 7 -1.68 -8.95 4.33
CA SER A 7 -2.36 -7.76 3.84
C SER A 7 -3.32 -7.21 4.91
N VAL A 8 -3.05 -6.00 5.39
CA VAL A 8 -3.86 -5.36 6.44
C VAL A 8 -4.04 -3.86 6.13
N TYR A 9 -4.92 -3.19 6.87
CA TYR A 9 -5.23 -1.79 6.59
C TYR A 9 -4.22 -0.87 7.25
N GLY A 10 -4.19 0.38 6.81
CA GLY A 10 -3.24 1.37 7.33
C GLY A 10 -3.25 1.47 8.84
N THR A 11 -4.43 1.49 9.40
CA THR A 11 -4.63 1.57 10.82
C THR A 11 -4.14 0.29 11.54
N THR A 12 -3.95 -0.77 10.79
CA THR A 12 -3.50 -1.99 11.34
C THR A 12 -1.97 -1.96 11.34
N LEU A 13 -1.39 -1.30 10.31
CA LEU A 13 0.07 -1.07 10.27
C LEU A 13 0.50 -0.23 11.44
N GLU A 14 -0.26 0.84 11.71
CA GLU A 14 -0.03 1.75 12.85
C GLU A 14 0.15 0.94 14.15
N ALA A 15 -0.62 -0.12 14.29
CA ALA A 15 -0.62 -0.95 15.48
C ALA A 15 0.46 -2.05 15.42
N ILE A 16 0.40 -2.88 14.37
CA ILE A 16 1.27 -4.05 14.23
C ILE A 16 2.74 -3.68 14.16
N THR A 17 3.06 -2.71 13.34
CA THR A 17 4.44 -2.31 13.22
C THR A 17 4.76 -1.23 14.25
N LYS A 18 3.69 -0.66 14.83
CA LYS A 18 3.75 0.41 15.82
C LYS A 18 4.54 1.58 15.20
N LYS A 19 4.27 1.78 13.93
CA LYS A 19 4.87 2.76 13.09
C LYS A 19 3.79 3.30 12.21
N SER A 20 3.70 4.59 12.13
CA SER A 20 2.74 5.20 11.30
C SER A 20 3.11 5.07 9.83
N LEU A 21 2.10 5.09 8.99
CA LEU A 21 2.23 5.01 7.54
C LEU A 21 3.23 6.01 7.01
N TYR A 22 3.24 7.19 7.61
CA TYR A 22 4.12 8.27 7.21
C TYR A 22 5.61 7.87 7.38
N ASP A 23 5.88 7.10 8.42
CA ASP A 23 7.26 6.70 8.79
C ASP A 23 7.72 5.56 7.89
N LEU A 24 6.80 4.62 7.66
CA LEU A 24 7.10 3.44 6.89
C LEU A 24 7.48 3.75 5.45
N SER A 25 8.75 3.59 5.17
CA SER A 25 9.26 3.72 3.85
C SER A 25 9.04 2.39 3.12
N ILE A 26 7.90 2.30 2.51
CA ILE A 26 7.47 1.14 1.76
C ILE A 26 7.73 1.46 0.30
N ARG A 27 7.82 0.48 -0.58
CA ARG A 27 8.01 0.75 -2.00
C ARG A 27 7.01 -0.03 -2.81
N CYS A 28 6.72 0.42 -4.02
CA CYS A 28 5.86 -0.34 -4.87
C CYS A 28 6.69 -1.38 -5.56
N HIS A 29 6.18 -2.58 -5.67
CA HIS A 29 6.91 -3.68 -6.32
C HIS A 29 6.77 -3.55 -7.88
N ARG A 30 6.67 -2.32 -8.35
CA ARG A 30 6.50 -2.05 -9.76
C ARG A 30 7.54 -1.04 -10.26
N CYS A 31 7.69 0.06 -9.54
CA CYS A 31 8.59 1.13 -9.97
C CYS A 31 9.78 1.20 -9.01
N GLN A 32 9.60 0.59 -7.82
CA GLN A 32 10.58 0.64 -6.71
C GLN A 32 10.55 2.01 -6.06
N ARG A 33 9.46 2.72 -6.30
CA ARG A 33 9.22 4.00 -5.73
C ARG A 33 8.81 3.85 -4.30
N PRO A 34 9.36 4.65 -3.40
CA PRO A 34 8.90 4.69 -2.03
C PRO A 34 7.50 5.28 -1.96
N LEU A 35 6.74 4.79 -1.01
CA LEU A 35 5.41 5.25 -0.77
C LEU A 35 5.38 6.64 -0.21
N GLY A 36 4.86 7.52 -1.01
CA GLY A 36 4.69 8.89 -0.69
C GLY A 36 3.38 9.08 0.04
N PRO A 37 2.77 10.25 -0.04
CA PRO A 37 1.49 10.45 0.61
C PRO A 37 0.29 9.98 -0.26
N GLU A 38 0.50 9.87 -1.59
CA GLU A 38 -0.58 9.54 -2.54
C GLU A 38 -1.19 8.17 -2.25
N GLU A 39 -0.33 7.23 -1.95
CA GLU A 39 -0.74 5.88 -1.64
C GLU A 39 -1.40 5.87 -0.31
N LYS A 40 -0.72 6.42 0.66
CA LYS A 40 -1.18 6.45 2.04
C LYS A 40 -2.54 7.17 2.17
N GLN A 41 -2.83 8.00 1.21
CA GLN A 41 -4.08 8.67 1.10
C GLN A 41 -5.05 7.75 0.39
N LYS A 42 -4.71 7.29 -0.80
CA LYS A 42 -5.66 6.61 -1.65
C LYS A 42 -6.00 5.19 -1.15
N LEU A 43 -5.11 4.60 -0.40
CA LEU A 43 -5.36 3.28 0.15
C LEU A 43 -6.25 3.40 1.34
N VAL A 44 -6.13 4.49 2.05
CA VAL A 44 -7.06 4.71 3.18
C VAL A 44 -8.39 5.23 2.62
N ASP A 45 -8.27 5.99 1.56
CA ASP A 45 -9.36 6.61 0.82
C ASP A 45 -10.34 5.55 0.35
N GLU A 46 -9.79 4.53 -0.26
CA GLU A 46 -10.60 3.46 -0.78
C GLU A 46 -10.63 2.25 0.12
N LYS A 47 -9.86 2.29 1.20
CA LYS A 47 -9.78 1.18 2.17
C LYS A 47 -9.18 -0.08 1.56
N LYS A 48 -7.96 0.05 1.12
CA LYS A 48 -7.18 -1.01 0.60
C LYS A 48 -6.14 -1.43 1.62
N ARG A 49 -5.37 -2.43 1.30
CA ARG A 49 -4.44 -2.96 2.26
C ARG A 49 -3.02 -2.86 1.77
N PHE A 50 -2.10 -2.75 2.71
CA PHE A 50 -0.68 -2.75 2.41
C PHE A 50 -0.22 -4.19 2.50
N HIS A 51 0.87 -4.54 1.86
CA HIS A 51 1.23 -5.91 1.79
C HIS A 51 2.60 -6.17 2.41
N GLU A 52 2.60 -6.75 3.58
CA GLU A 52 3.81 -7.15 4.24
C GLU A 52 4.26 -8.47 3.66
N ILE A 53 5.52 -8.63 3.55
CA ILE A 53 6.12 -9.87 3.23
C ILE A 53 7.30 -10.10 4.16
N ALA A 54 7.08 -10.98 5.13
CA ALA A 54 8.10 -11.40 6.10
C ALA A 54 8.59 -10.21 6.94
N GLY A 55 7.66 -9.41 7.40
CA GLY A 55 7.99 -8.26 8.21
C GLY A 55 8.34 -7.03 7.39
N ARG A 56 8.46 -7.17 6.08
CA ARG A 56 8.81 -6.04 5.30
C ARG A 56 7.61 -5.58 4.46
N TRP A 57 7.30 -4.32 4.55
CA TRP A 57 6.18 -3.76 3.82
C TRP A 57 6.52 -3.45 2.39
N THR A 58 5.51 -3.58 1.57
CA THR A 58 5.53 -3.46 0.15
C THR A 58 4.12 -2.96 -0.25
N GLY A 59 4.03 -2.23 -1.33
CA GLY A 59 2.75 -1.72 -1.74
C GLY A 59 2.77 -1.31 -3.19
N GLN A 60 2.00 -0.30 -3.51
CA GLN A 60 1.91 0.21 -4.84
C GLN A 60 1.60 1.68 -4.84
N CYS A 61 2.43 2.45 -5.53
CA CYS A 61 2.18 3.86 -5.69
C CYS A 61 1.04 4.07 -6.64
N ALA A 62 0.33 5.13 -6.43
CA ALA A 62 -0.84 5.44 -7.19
C ALA A 62 -0.50 5.70 -8.65
N ASN A 63 0.77 6.03 -8.93
CA ASN A 63 1.25 6.16 -10.32
C ASN A 63 0.93 4.86 -11.09
N CYS A 64 1.27 3.72 -10.51
CA CYS A 64 0.98 2.46 -11.15
C CYS A 64 -0.44 1.96 -10.86
N TRP A 65 -1.02 2.40 -9.75
CA TRP A 65 -2.35 1.97 -9.36
C TRP A 65 -3.43 2.64 -10.22
N GLN A 66 -3.38 3.96 -10.32
CA GLN A 66 -4.38 4.72 -11.04
C GLN A 66 -4.28 4.50 -12.53
N ARG A 67 -3.11 4.09 -12.99
CA ARG A 67 -2.86 3.81 -14.40
C ARG A 67 -3.51 2.45 -14.74
N THR A 68 -3.82 1.67 -13.73
CA THR A 68 -4.45 0.37 -13.92
C THR A 68 -5.98 0.48 -13.66
N ARG A 69 -6.46 1.71 -13.59
CA ARG A 69 -7.87 1.95 -13.42
C ARG A 69 -8.45 2.21 -14.79
N GLN A 70 -9.45 1.44 -15.14
CA GLN A 70 -10.04 1.55 -16.45
C GLN A 70 -10.83 2.84 -16.59
N ARG A 71 -10.84 3.38 -17.78
CA ARG A 71 -11.56 4.61 -18.08
C ARG A 71 -13.05 4.24 -18.34
N ASN A 72 -13.61 3.57 -17.39
CA ASN A 72 -14.98 3.15 -17.46
C ASN A 72 -15.57 3.31 -16.08
N GLU A 73 -16.82 3.67 -16.01
CA GLU A 73 -17.54 3.82 -14.76
C GLU A 73 -17.75 2.46 -14.11
N THR A 74 -17.95 1.45 -14.93
CA THR A 74 -18.12 0.12 -14.43
C THR A 74 -16.74 -0.52 -14.21
N GLN A 75 -16.26 -0.38 -12.99
CA GLN A 75 -15.00 -0.98 -12.58
C GLN A 75 -15.17 -1.50 -11.17
N VAL A 76 -16.41 -1.72 -10.86
CA VAL A 76 -16.88 -2.19 -9.61
C VAL A 76 -18.31 -2.57 -9.92
ZN ZN B . 4.77 2.40 -8.84
N GLY A 1 9.46 -10.11 7.67
CA GLY A 1 9.92 -9.92 9.02
C GLY A 1 9.43 -11.02 9.88
N SER A 2 8.25 -10.86 10.43
CA SER A 2 7.63 -11.92 11.21
C SER A 2 7.01 -12.93 10.25
N HIS A 3 6.76 -12.46 9.05
CA HIS A 3 6.22 -13.25 7.99
C HIS A 3 7.10 -13.01 6.79
N MET A 4 6.92 -13.73 5.75
CA MET A 4 7.60 -13.39 4.53
C MET A 4 6.59 -12.80 3.58
N SER A 5 5.35 -13.12 3.84
CA SER A 5 4.24 -12.69 3.06
C SER A 5 3.05 -12.39 3.99
N ARG A 6 2.74 -11.14 4.26
CA ARG A 6 1.58 -10.85 5.11
C ARG A 6 0.76 -9.68 4.55
N SER A 7 -0.45 -9.95 4.10
CA SER A 7 -1.31 -8.89 3.63
C SER A 7 -2.30 -8.48 4.74
N VAL A 8 -2.24 -7.26 5.21
CA VAL A 8 -3.16 -6.76 6.26
C VAL A 8 -3.60 -5.34 5.94
N TYR A 9 -4.41 -4.76 6.80
CA TYR A 9 -4.95 -3.44 6.57
C TYR A 9 -4.06 -2.37 7.16
N GLY A 10 -4.21 -1.16 6.66
CA GLY A 10 -3.38 -0.02 7.08
C GLY A 10 -3.24 0.13 8.56
N THR A 11 -4.36 0.13 9.25
CA THR A 11 -4.40 0.27 10.68
C THR A 11 -3.72 -0.94 11.40
N THR A 12 -3.50 -2.03 10.68
CA THR A 12 -2.88 -3.18 11.25
C THR A 12 -1.38 -2.94 11.16
N LEU A 13 -0.96 -2.33 10.06
CA LEU A 13 0.45 -1.89 9.89
C LEU A 13 0.82 -0.92 10.98
N GLU A 14 0.00 0.08 11.14
CA GLU A 14 0.24 1.13 12.10
C GLU A 14 0.21 0.60 13.55
N ALA A 15 -0.49 -0.49 13.78
CA ALA A 15 -0.50 -1.13 15.09
C ALA A 15 0.66 -2.11 15.31
N ILE A 16 0.91 -2.95 14.32
CA ILE A 16 1.97 -3.95 14.43
C ILE A 16 3.33 -3.29 14.31
N THR A 17 3.56 -2.61 13.20
CA THR A 17 4.82 -1.97 12.93
C THR A 17 4.93 -0.66 13.73
N LYS A 18 3.76 -0.11 14.17
CA LYS A 18 3.72 1.09 15.01
C LYS A 18 4.23 2.31 14.28
N LYS A 19 4.08 2.27 12.99
CA LYS A 19 4.49 3.36 12.17
C LYS A 19 3.34 3.65 11.27
N SER A 20 2.96 4.90 11.19
CA SER A 20 1.89 5.32 10.35
C SER A 20 2.21 4.98 8.90
N LEU A 21 1.18 4.83 8.08
CA LEU A 21 1.36 4.42 6.67
C LEU A 21 2.09 5.49 5.94
N TYR A 22 1.82 6.66 6.42
CA TYR A 22 2.36 7.88 5.97
C TYR A 22 3.87 7.93 6.22
N ASP A 23 4.29 7.33 7.33
CA ASP A 23 5.70 7.33 7.77
C ASP A 23 6.43 6.15 7.13
N LEU A 24 5.75 5.04 7.15
CA LEU A 24 6.26 3.76 6.78
C LEU A 24 6.65 3.70 5.32
N SER A 25 7.83 3.21 5.07
CA SER A 25 8.32 3.05 3.74
C SER A 25 7.72 1.80 3.10
N ILE A 26 6.68 1.99 2.36
CA ILE A 26 6.03 0.91 1.64
C ILE A 26 6.42 1.09 0.18
N ARG A 27 6.98 0.07 -0.42
CA ARG A 27 7.42 0.17 -1.80
C ARG A 27 6.38 -0.30 -2.78
N CYS A 28 6.61 -0.03 -4.03
CA CYS A 28 5.83 -0.59 -5.09
C CYS A 28 6.54 -1.85 -5.56
N HIS A 29 5.84 -2.98 -5.60
CA HIS A 29 6.40 -4.29 -6.07
C HIS A 29 6.95 -4.18 -7.49
N ARG A 30 6.48 -3.19 -8.20
CA ARG A 30 6.71 -3.05 -9.61
C ARG A 30 7.77 -1.96 -9.89
N CYS A 31 8.00 -1.04 -8.95
CA CYS A 31 9.04 -0.01 -9.13
C CYS A 31 10.21 -0.15 -8.15
N GLN A 32 9.87 -0.60 -6.93
CA GLN A 32 10.78 -0.67 -5.78
C GLN A 32 10.98 0.72 -5.18
N ARG A 33 10.10 1.62 -5.60
CA ARG A 33 10.06 2.96 -5.07
C ARG A 33 9.15 2.98 -3.88
N PRO A 34 9.47 3.75 -2.84
CA PRO A 34 8.54 4.02 -1.76
C PRO A 34 7.45 4.96 -2.28
N LEU A 35 6.21 4.62 -2.04
CA LEU A 35 5.06 5.41 -2.50
C LEU A 35 5.03 6.80 -1.93
N GLY A 36 4.61 7.74 -2.74
CA GLY A 36 4.47 9.11 -2.31
C GLY A 36 3.24 9.26 -1.43
N PRO A 37 3.05 10.43 -0.78
CA PRO A 37 1.92 10.66 0.12
C PRO A 37 0.57 10.43 -0.57
N GLU A 38 0.43 10.98 -1.76
CA GLU A 38 -0.77 10.83 -2.60
C GLU A 38 -1.06 9.36 -2.87
N GLU A 39 0.00 8.63 -3.20
CA GLU A 39 -0.13 7.23 -3.56
C GLU A 39 -0.56 6.44 -2.35
N LYS A 40 0.02 6.77 -1.19
CA LYS A 40 -0.37 6.14 0.06
C LYS A 40 -1.82 6.48 0.38
N GLN A 41 -2.17 7.76 0.20
CA GLN A 41 -3.53 8.26 0.41
C GLN A 41 -4.56 7.52 -0.36
N LYS A 42 -4.28 7.12 -1.58
CA LYS A 42 -5.27 6.36 -2.33
C LYS A 42 -5.52 4.97 -1.73
N LEU A 43 -4.51 4.43 -1.14
CA LEU A 43 -4.59 3.11 -0.55
C LEU A 43 -5.31 3.22 0.76
N VAL A 44 -5.03 4.28 1.50
CA VAL A 44 -5.71 4.58 2.75
C VAL A 44 -7.17 4.87 2.43
N ASP A 45 -7.37 5.58 1.32
CA ASP A 45 -8.68 5.98 0.83
C ASP A 45 -9.56 4.79 0.61
N GLU A 46 -9.02 3.79 -0.05
CA GLU A 46 -9.80 2.62 -0.35
C GLU A 46 -9.64 1.51 0.66
N LYS A 47 -8.90 1.79 1.74
CA LYS A 47 -8.65 0.81 2.80
C LYS A 47 -7.99 -0.45 2.20
N LYS A 48 -7.05 -0.21 1.30
CA LYS A 48 -6.36 -1.23 0.57
C LYS A 48 -5.43 -2.02 1.53
N ARG A 49 -5.14 -3.26 1.19
CA ARG A 49 -4.29 -4.08 2.03
C ARG A 49 -2.86 -3.99 1.56
N PHE A 50 -1.94 -3.94 2.49
CA PHE A 50 -0.54 -3.84 2.19
C PHE A 50 0.10 -5.19 2.45
N HIS A 51 1.24 -5.44 1.86
CA HIS A 51 1.86 -6.73 1.98
C HIS A 51 3.26 -6.60 2.59
N GLU A 52 3.51 -7.36 3.64
CA GLU A 52 4.81 -7.41 4.30
C GLU A 52 5.63 -8.48 3.62
N ILE A 53 6.70 -8.07 3.01
CA ILE A 53 7.64 -8.96 2.37
C ILE A 53 9.04 -8.54 2.76
N ALA A 54 9.85 -9.51 3.14
CA ALA A 54 11.26 -9.29 3.53
C ALA A 54 11.40 -8.30 4.71
N GLY A 55 10.35 -8.15 5.49
CA GLY A 55 10.38 -7.28 6.65
C GLY A 55 10.04 -5.84 6.36
N ARG A 56 9.61 -5.56 5.15
CA ARG A 56 9.13 -4.26 4.84
C ARG A 56 7.85 -4.34 4.09
N TRP A 57 7.12 -3.28 4.11
CA TRP A 57 5.85 -3.28 3.50
C TRP A 57 5.97 -2.81 2.07
N THR A 58 5.10 -3.32 1.26
CA THR A 58 5.13 -3.13 -0.15
C THR A 58 3.67 -3.22 -0.70
N GLY A 59 3.43 -2.53 -1.80
CA GLY A 59 2.16 -2.47 -2.46
C GLY A 59 2.37 -2.03 -3.90
N GLN A 60 1.46 -1.29 -4.46
CA GLN A 60 1.61 -0.73 -5.79
C GLN A 60 1.33 0.74 -5.79
N CYS A 61 2.24 1.51 -6.36
CA CYS A 61 2.08 2.94 -6.42
C CYS A 61 1.07 3.32 -7.48
N ALA A 62 0.55 4.50 -7.35
CA ALA A 62 -0.52 5.00 -8.19
C ALA A 62 -0.06 5.21 -9.62
N ASN A 63 1.27 5.43 -9.80
CA ASN A 63 1.86 5.59 -11.16
C ASN A 63 1.50 4.40 -12.01
N CYS A 64 1.57 3.23 -11.40
CA CYS A 64 1.22 2.00 -12.06
C CYS A 64 -0.26 1.74 -11.95
N TRP A 65 -0.78 2.00 -10.78
CA TRP A 65 -2.12 1.62 -10.41
C TRP A 65 -3.17 2.28 -11.27
N GLN A 66 -3.18 3.59 -11.33
CA GLN A 66 -4.19 4.31 -12.13
C GLN A 66 -3.94 4.13 -13.62
N ARG A 67 -2.77 3.63 -13.95
CA ARG A 67 -2.40 3.36 -15.32
C ARG A 67 -2.95 1.99 -15.73
N THR A 68 -3.11 1.12 -14.75
CA THR A 68 -3.59 -0.24 -14.97
C THR A 68 -5.08 -0.30 -14.65
N ARG A 69 -5.58 0.73 -14.08
CA ARG A 69 -6.90 0.75 -13.66
C ARG A 69 -7.54 2.09 -13.93
N GLN A 70 -8.02 2.23 -15.14
CA GLN A 70 -8.80 3.39 -15.54
C GLN A 70 -10.15 3.29 -14.89
N ARG A 71 -10.95 4.33 -14.98
CA ARG A 71 -12.21 4.33 -14.28
C ARG A 71 -13.16 3.34 -14.86
N ASN A 72 -13.49 2.36 -14.08
CA ASN A 72 -14.57 1.50 -14.40
C ASN A 72 -15.73 2.28 -13.90
N GLU A 73 -16.54 2.80 -14.80
CA GLU A 73 -17.54 3.76 -14.43
C GLU A 73 -18.67 3.14 -13.61
N THR A 74 -18.46 3.12 -12.34
CA THR A 74 -19.38 2.63 -11.37
C THR A 74 -19.31 3.56 -10.18
N GLN A 75 -20.19 4.54 -10.15
CA GLN A 75 -20.21 5.51 -9.07
C GLN A 75 -21.49 5.35 -8.29
N VAL A 76 -22.12 4.27 -8.56
CA VAL A 76 -23.36 3.85 -8.02
C VAL A 76 -23.54 2.48 -8.60
ZN ZN B . 4.97 1.55 -9.45
N GLY A 1 -0.57 -15.13 3.60
CA GLY A 1 -0.52 -16.58 3.39
C GLY A 1 0.38 -17.21 4.40
N SER A 2 0.89 -18.38 4.12
CA SER A 2 1.82 -19.07 4.99
C SER A 2 3.22 -18.48 4.81
N HIS A 3 3.46 -17.99 3.61
CA HIS A 3 4.70 -17.34 3.27
C HIS A 3 4.64 -15.92 3.79
N MET A 4 5.76 -15.20 3.72
CA MET A 4 5.84 -13.83 4.24
C MET A 4 5.21 -12.88 3.24
N SER A 5 3.91 -12.98 3.19
CA SER A 5 3.05 -12.17 2.39
C SER A 5 1.76 -11.93 3.20
N ARG A 6 1.65 -10.77 3.82
CA ARG A 6 0.51 -10.45 4.68
C ARG A 6 -0.06 -9.07 4.37
N SER A 7 -1.28 -9.02 3.90
CA SER A 7 -1.92 -7.76 3.59
C SER A 7 -2.68 -7.23 4.82
N VAL A 8 -2.28 -6.07 5.34
CA VAL A 8 -2.91 -5.49 6.54
C VAL A 8 -3.33 -4.04 6.23
N TYR A 9 -4.24 -3.47 7.02
CA TYR A 9 -4.77 -2.13 6.75
C TYR A 9 -3.80 -1.05 7.19
N GLY A 10 -3.90 0.10 6.55
CA GLY A 10 -3.03 1.23 6.86
C GLY A 10 -3.12 1.66 8.30
N THR A 11 -4.31 1.82 8.79
CA THR A 11 -4.54 2.19 10.16
C THR A 11 -4.09 1.06 11.13
N THR A 12 -3.90 -0.15 10.61
CA THR A 12 -3.42 -1.20 11.43
C THR A 12 -1.90 -1.06 11.53
N LEU A 13 -1.29 -0.53 10.47
CA LEU A 13 0.15 -0.18 10.46
C LEU A 13 0.40 0.90 11.45
N GLU A 14 -0.51 1.84 11.50
CA GLU A 14 -0.41 2.95 12.43
C GLU A 14 -0.38 2.43 13.89
N ALA A 15 -1.01 1.29 14.12
CA ALA A 15 -0.97 0.64 15.42
C ALA A 15 0.25 -0.30 15.57
N ILE A 16 0.41 -1.24 14.64
CA ILE A 16 1.48 -2.25 14.70
C ILE A 16 2.85 -1.59 14.53
N THR A 17 3.00 -0.86 13.44
CA THR A 17 4.24 -0.21 13.18
C THR A 17 4.43 0.98 14.17
N LYS A 18 3.28 1.53 14.68
CA LYS A 18 3.27 2.65 15.65
C LYS A 18 3.68 3.94 14.98
N LYS A 19 3.41 4.01 13.71
CA LYS A 19 3.70 5.17 12.91
C LYS A 19 2.53 5.43 12.02
N SER A 20 2.15 6.68 11.90
CA SER A 20 1.05 7.08 11.06
C SER A 20 1.39 6.85 9.58
N LEU A 21 0.35 6.72 8.75
CA LEU A 21 0.50 6.48 7.30
C LEU A 21 1.36 7.51 6.58
N TYR A 22 1.44 8.68 7.13
CA TYR A 22 2.26 9.73 6.56
C TYR A 22 3.76 9.40 6.71
N ASP A 23 4.10 8.71 7.79
CA ASP A 23 5.49 8.41 8.16
C ASP A 23 6.03 7.26 7.34
N LEU A 24 5.22 6.23 7.18
CA LEU A 24 5.66 5.08 6.41
C LEU A 24 5.72 5.39 4.94
N SER A 25 6.89 5.61 4.48
CA SER A 25 7.10 5.76 3.09
C SER A 25 7.37 4.38 2.52
N ILE A 26 6.30 3.72 2.16
CA ILE A 26 6.32 2.38 1.65
C ILE A 26 6.62 2.48 0.17
N ARG A 27 7.35 1.53 -0.36
CA ARG A 27 7.72 1.62 -1.74
C ARG A 27 7.00 0.63 -2.60
N CYS A 28 6.91 0.97 -3.84
CA CYS A 28 6.39 0.12 -4.84
C CYS A 28 7.55 -0.77 -5.25
N HIS A 29 7.44 -2.06 -5.02
CA HIS A 29 8.57 -3.00 -5.32
C HIS A 29 8.71 -3.24 -6.85
N ARG A 30 8.01 -2.43 -7.62
CA ARG A 30 8.04 -2.49 -9.07
C ARG A 30 8.92 -1.35 -9.59
N CYS A 31 8.84 -0.21 -8.90
CA CYS A 31 9.56 0.98 -9.33
C CYS A 31 10.69 1.35 -8.35
N GLN A 32 10.58 0.83 -7.11
CA GLN A 32 11.52 1.08 -5.98
C GLN A 32 11.38 2.51 -5.47
N ARG A 33 10.30 3.12 -5.88
CA ARG A 33 9.93 4.46 -5.50
C ARG A 33 8.78 4.40 -4.48
N PRO A 34 8.69 5.36 -3.56
CA PRO A 34 7.66 5.39 -2.52
C PRO A 34 6.26 5.74 -3.02
N LEU A 35 5.27 5.35 -2.24
CA LEU A 35 3.87 5.68 -2.47
C LEU A 35 3.60 7.04 -1.85
N GLY A 36 2.95 7.90 -2.60
CA GLY A 36 2.66 9.22 -2.13
C GLY A 36 1.38 9.24 -1.32
N PRO A 37 0.83 10.42 -1.03
CA PRO A 37 -0.40 10.55 -0.29
C PRO A 37 -1.58 10.06 -1.12
N GLU A 38 -1.50 10.30 -2.41
CA GLU A 38 -2.51 9.92 -3.39
C GLU A 38 -2.74 8.41 -3.38
N GLU A 39 -1.64 7.66 -3.45
CA GLU A 39 -1.67 6.20 -3.33
C GLU A 39 -2.38 5.81 -2.08
N LYS A 40 -1.84 6.25 -0.96
CA LYS A 40 -2.33 5.91 0.36
C LYS A 40 -3.83 6.21 0.50
N GLN A 41 -4.23 7.37 0.02
CA GLN A 41 -5.61 7.77 0.06
C GLN A 41 -6.48 6.85 -0.79
N LYS A 42 -6.00 6.45 -1.96
CA LYS A 42 -6.81 5.57 -2.79
C LYS A 42 -6.87 4.17 -2.25
N LEU A 43 -5.79 3.73 -1.68
CA LEU A 43 -5.72 2.41 -1.10
C LEU A 43 -6.62 2.34 0.09
N VAL A 44 -6.46 3.28 0.99
CA VAL A 44 -7.29 3.32 2.19
C VAL A 44 -8.76 3.59 1.81
N ASP A 45 -8.96 4.32 0.73
CA ASP A 45 -10.32 4.60 0.26
C ASP A 45 -11.00 3.34 -0.22
N GLU A 46 -10.26 2.53 -0.93
CA GLU A 46 -10.83 1.30 -1.44
C GLU A 46 -10.67 0.16 -0.46
N LYS A 47 -10.18 0.49 0.74
CA LYS A 47 -9.98 -0.49 1.83
C LYS A 47 -8.96 -1.54 1.40
N LYS A 48 -8.00 -1.08 0.61
CA LYS A 48 -6.93 -1.89 0.12
C LYS A 48 -5.95 -2.10 1.26
N ARG A 49 -5.24 -3.17 1.22
CA ARG A 49 -4.32 -3.46 2.25
C ARG A 49 -2.89 -3.46 1.75
N PHE A 50 -2.00 -2.99 2.59
CA PHE A 50 -0.58 -2.95 2.28
C PHE A 50 -0.03 -4.32 2.51
N HIS A 51 0.95 -4.70 1.75
CA HIS A 51 1.39 -6.05 1.77
C HIS A 51 2.77 -6.18 2.38
N GLU A 52 2.84 -6.86 3.50
CA GLU A 52 4.09 -7.21 4.11
C GLU A 52 4.65 -8.39 3.40
N ILE A 53 5.85 -8.26 2.94
CA ILE A 53 6.57 -9.35 2.39
C ILE A 53 7.97 -9.34 2.97
N ALA A 54 8.31 -10.42 3.65
CA ALA A 54 9.62 -10.63 4.27
C ALA A 54 9.88 -9.58 5.36
N GLY A 55 8.81 -9.12 5.98
CA GLY A 55 8.91 -8.14 7.04
C GLY A 55 8.99 -6.73 6.50
N ARG A 56 8.79 -6.59 5.22
CA ARG A 56 8.86 -5.29 4.58
C ARG A 56 7.50 -4.92 4.11
N TRP A 57 7.15 -3.67 4.21
CA TRP A 57 5.91 -3.24 3.67
C TRP A 57 6.10 -2.85 2.24
N THR A 58 5.11 -3.07 1.49
CA THR A 58 5.15 -2.88 0.07
C THR A 58 3.74 -2.55 -0.42
N GLY A 59 3.69 -1.80 -1.47
CA GLY A 59 2.48 -1.41 -2.09
C GLY A 59 2.75 -1.08 -3.51
N GLN A 60 1.84 -0.43 -4.16
CA GLN A 60 2.04 -0.07 -5.52
C GLN A 60 1.57 1.32 -5.77
N CYS A 61 2.44 2.13 -6.34
CA CYS A 61 2.06 3.46 -6.73
C CYS A 61 1.04 3.41 -7.86
N ALA A 62 0.09 4.29 -7.76
CA ALA A 62 -1.09 4.39 -8.62
C ALA A 62 -0.72 4.55 -10.07
N ASN A 63 0.43 5.14 -10.28
CA ASN A 63 0.97 5.42 -11.59
C ASN A 63 1.07 4.14 -12.44
N CYS A 64 1.67 3.09 -11.88
CA CYS A 64 1.73 1.81 -12.59
C CYS A 64 0.47 0.98 -12.34
N TRP A 65 -0.12 1.17 -11.17
CA TRP A 65 -1.31 0.43 -10.71
C TRP A 65 -2.45 0.53 -11.70
N GLN A 66 -2.80 1.73 -12.08
CA GLN A 66 -3.93 1.96 -12.93
C GLN A 66 -3.70 1.53 -14.37
N ARG A 67 -2.46 1.22 -14.69
CA ARG A 67 -2.11 0.72 -16.00
C ARG A 67 -2.24 -0.80 -15.98
N THR A 68 -2.27 -1.35 -14.79
CA THR A 68 -2.31 -2.78 -14.59
C THR A 68 -3.74 -3.21 -14.25
N ARG A 69 -4.44 -2.34 -13.57
CA ARG A 69 -5.79 -2.58 -13.18
C ARG A 69 -6.64 -1.41 -13.60
N GLN A 70 -7.51 -1.65 -14.57
CA GLN A 70 -8.44 -0.64 -15.02
C GLN A 70 -9.43 -0.40 -13.95
N ARG A 71 -9.30 0.72 -13.33
CA ARG A 71 -10.04 1.05 -12.19
C ARG A 71 -11.35 1.71 -12.47
N ASN A 72 -12.36 1.10 -12.01
CA ASN A 72 -13.64 1.73 -11.90
C ASN A 72 -13.53 2.58 -10.65
N GLU A 73 -13.56 3.88 -10.81
CA GLU A 73 -13.35 4.78 -9.71
C GLU A 73 -14.53 4.72 -8.73
N THR A 74 -14.26 5.04 -7.50
CA THR A 74 -15.21 4.96 -6.45
C THR A 74 -16.16 6.14 -6.52
N GLN A 75 -17.33 5.89 -7.03
CA GLN A 75 -18.35 6.88 -7.22
C GLN A 75 -19.69 6.28 -6.86
N VAL A 76 -20.68 7.12 -6.82
CA VAL A 76 -22.03 6.70 -6.69
C VAL A 76 -22.70 7.18 -7.96
ZN ZN B . 5.00 1.66 -9.25
N GLY A 1 13.44 -9.75 8.07
CA GLY A 1 12.96 -10.63 9.15
C GLY A 1 12.26 -11.81 8.55
N SER A 2 11.92 -12.78 9.36
CA SER A 2 11.28 -14.02 8.92
C SER A 2 9.75 -13.84 8.76
N HIS A 3 9.36 -12.71 8.22
CA HIS A 3 7.96 -12.38 8.06
C HIS A 3 7.47 -12.92 6.75
N MET A 4 6.42 -13.67 6.82
CA MET A 4 5.78 -14.22 5.64
C MET A 4 4.91 -13.15 5.02
N SER A 5 4.43 -13.42 3.83
CA SER A 5 3.56 -12.52 3.12
C SER A 5 2.27 -12.25 3.92
N ARG A 6 2.13 -11.02 4.40
CA ARG A 6 0.96 -10.63 5.18
C ARG A 6 0.21 -9.55 4.44
N SER A 7 -1.08 -9.70 4.26
CA SER A 7 -1.85 -8.65 3.67
C SER A 7 -2.89 -8.17 4.69
N VAL A 8 -2.78 -6.92 5.11
CA VAL A 8 -3.68 -6.35 6.14
C VAL A 8 -3.96 -4.88 5.84
N TYR A 9 -4.79 -4.25 6.67
CA TYR A 9 -5.19 -2.88 6.43
C TYR A 9 -4.18 -1.92 7.06
N GLY A 10 -4.20 -0.66 6.58
CA GLY A 10 -3.26 0.38 7.00
C GLY A 10 -3.07 0.47 8.50
N THR A 11 -4.15 0.59 9.21
CA THR A 11 -4.14 0.69 10.66
C THR A 11 -3.58 -0.60 11.33
N THR A 12 -3.51 -1.70 10.59
CA THR A 12 -3.00 -2.92 11.12
C THR A 12 -1.49 -2.84 10.99
N LEU A 13 -1.04 -2.21 9.89
CA LEU A 13 0.40 -1.89 9.70
C LEU A 13 0.88 -1.03 10.83
N GLU A 14 0.10 -0.02 11.13
CA GLU A 14 0.41 0.93 12.17
C GLU A 14 0.44 0.26 13.55
N ALA A 15 -0.26 -0.86 13.69
CA ALA A 15 -0.23 -1.63 14.93
C ALA A 15 0.93 -2.65 14.97
N ILE A 16 1.11 -3.37 13.87
CA ILE A 16 2.14 -4.40 13.77
C ILE A 16 3.52 -3.77 13.75
N THR A 17 3.76 -2.98 12.73
CA THR A 17 5.03 -2.35 12.52
C THR A 17 5.17 -1.10 13.43
N LYS A 18 4.01 -0.61 13.93
CA LYS A 18 3.96 0.52 14.88
C LYS A 18 4.40 1.82 14.24
N LYS A 19 4.25 1.88 12.94
CA LYS A 19 4.54 3.09 12.23
C LYS A 19 3.35 3.50 11.45
N SER A 20 2.99 4.75 11.59
CA SER A 20 1.88 5.32 10.90
C SER A 20 2.12 5.27 9.38
N LEU A 21 1.05 5.19 8.63
CA LEU A 21 1.09 5.07 7.16
C LEU A 21 1.95 6.14 6.51
N TYR A 22 1.97 7.32 7.08
CA TYR A 22 2.75 8.42 6.54
C TYR A 22 4.26 8.10 6.61
N ASP A 23 4.68 7.55 7.74
CA ASP A 23 6.10 7.27 8.06
C ASP A 23 6.58 6.02 7.36
N LEU A 24 5.73 5.02 7.40
CA LEU A 24 6.07 3.72 6.90
C LEU A 24 6.36 3.72 5.39
N SER A 25 7.58 3.37 5.06
CA SER A 25 8.03 3.34 3.70
C SER A 25 7.60 2.02 3.06
N ILE A 26 6.48 2.07 2.41
CA ILE A 26 5.92 0.95 1.70
C ILE A 26 6.26 1.18 0.23
N ARG A 27 6.87 0.22 -0.42
CA ARG A 27 7.28 0.42 -1.79
C ARG A 27 6.37 -0.28 -2.76
N CYS A 28 6.25 0.28 -3.93
CA CYS A 28 5.50 -0.32 -4.99
C CYS A 28 6.28 -1.51 -5.50
N HIS A 29 5.65 -2.66 -5.51
CA HIS A 29 6.30 -3.91 -5.92
C HIS A 29 6.55 -3.92 -7.46
N ARG A 30 6.11 -2.87 -8.14
CA ARG A 30 6.34 -2.77 -9.57
C ARG A 30 7.48 -1.77 -9.85
N CYS A 31 7.56 -0.72 -9.03
CA CYS A 31 8.51 0.36 -9.31
C CYS A 31 9.67 0.45 -8.30
N GLN A 32 9.45 -0.08 -7.10
CA GLN A 32 10.42 -0.01 -5.97
C GLN A 32 10.51 1.39 -5.42
N ARG A 33 9.52 2.16 -5.76
CA ARG A 33 9.34 3.50 -5.30
C ARG A 33 8.46 3.45 -4.07
N PRO A 34 8.74 4.25 -3.05
CA PRO A 34 7.84 4.37 -1.91
C PRO A 34 6.59 5.15 -2.33
N LEU A 35 5.43 4.64 -1.98
CA LEU A 35 4.16 5.29 -2.31
C LEU A 35 4.04 6.66 -1.69
N GLY A 36 3.56 7.61 -2.46
CA GLY A 36 3.32 8.92 -1.95
C GLY A 36 2.14 8.93 -0.99
N PRO A 37 1.94 10.00 -0.20
CA PRO A 37 0.86 10.07 0.79
C PRO A 37 -0.51 9.84 0.14
N GLU A 38 -0.70 10.47 -0.99
CA GLU A 38 -1.92 10.40 -1.76
C GLU A 38 -2.17 8.98 -2.27
N GLU A 39 -1.09 8.31 -2.66
CA GLU A 39 -1.19 6.98 -3.20
C GLU A 39 -1.54 6.01 -2.07
N LYS A 40 -0.96 6.25 -0.91
CA LYS A 40 -1.29 5.49 0.29
C LYS A 40 -2.77 5.73 0.64
N GLN A 41 -3.17 6.99 0.57
CA GLN A 41 -4.55 7.40 0.80
C GLN A 41 -5.51 6.82 -0.17
N LYS A 42 -5.08 6.48 -1.37
CA LYS A 42 -5.97 5.85 -2.32
C LYS A 42 -6.30 4.42 -1.91
N LEU A 43 -5.39 3.80 -1.22
CA LEU A 43 -5.59 2.44 -0.77
C LEU A 43 -6.43 2.47 0.47
N VAL A 44 -6.24 3.51 1.24
CA VAL A 44 -7.09 3.76 2.40
C VAL A 44 -8.51 4.08 1.90
N ASP A 45 -8.54 4.89 0.85
CA ASP A 45 -9.76 5.37 0.16
C ASP A 45 -10.64 4.23 -0.29
N GLU A 46 -10.02 3.26 -0.94
CA GLU A 46 -10.76 2.14 -1.48
C GLU A 46 -10.75 0.96 -0.54
N LYS A 47 -10.25 1.19 0.67
CA LYS A 47 -10.15 0.20 1.72
C LYS A 47 -9.43 -1.07 1.19
N LYS A 48 -8.22 -0.87 0.78
CA LYS A 48 -7.35 -1.88 0.23
C LYS A 48 -6.40 -2.37 1.32
N ARG A 49 -5.57 -3.34 0.99
CA ARG A 49 -4.63 -3.89 1.94
C ARG A 49 -3.22 -3.67 1.44
N PHE A 50 -2.29 -3.68 2.35
CA PHE A 50 -0.89 -3.56 2.03
C PHE A 50 -0.27 -4.93 2.24
N HIS A 51 0.88 -5.18 1.66
CA HIS A 51 1.47 -6.49 1.70
C HIS A 51 2.88 -6.44 2.32
N GLU A 52 3.09 -7.23 3.36
CA GLU A 52 4.38 -7.34 4.01
C GLU A 52 5.09 -8.59 3.57
N ILE A 53 6.35 -8.43 3.22
CA ILE A 53 7.23 -9.51 2.90
C ILE A 53 8.57 -9.28 3.58
N ALA A 54 8.98 -10.24 4.41
CA ALA A 54 10.26 -10.21 5.13
C ALA A 54 10.37 -9.01 6.09
N GLY A 55 9.23 -8.47 6.49
CA GLY A 55 9.22 -7.33 7.39
C GLY A 55 9.35 -6.02 6.66
N ARG A 56 9.07 -6.04 5.38
CA ARG A 56 9.05 -4.85 4.58
C ARG A 56 7.75 -4.79 3.83
N TRP A 57 7.17 -3.63 3.81
CA TRP A 57 5.89 -3.45 3.20
C TRP A 57 6.01 -3.05 1.76
N THR A 58 5.02 -3.42 1.02
CA THR A 58 4.95 -3.28 -0.38
C THR A 58 3.50 -3.07 -0.78
N GLY A 59 3.32 -2.43 -1.87
CA GLY A 59 2.03 -2.15 -2.40
C GLY A 59 2.20 -1.72 -3.82
N GLN A 60 1.37 -0.84 -4.27
CA GLN A 60 1.48 -0.33 -5.60
C GLN A 60 1.10 1.11 -5.64
N CYS A 61 2.00 1.91 -6.14
CA CYS A 61 1.76 3.32 -6.28
C CYS A 61 0.71 3.58 -7.33
N ALA A 62 -0.14 4.50 -7.01
CA ALA A 62 -1.28 4.89 -7.81
C ALA A 62 -0.89 5.29 -9.21
N ASN A 63 0.32 5.83 -9.34
CA ASN A 63 0.88 6.26 -10.61
C ASN A 63 0.71 5.18 -11.68
N CYS A 64 1.17 3.98 -11.38
CA CYS A 64 1.00 2.88 -12.30
C CYS A 64 -0.35 2.18 -12.13
N TRP A 65 -0.91 2.29 -10.92
CA TRP A 65 -2.13 1.58 -10.52
C TRP A 65 -3.32 1.91 -11.42
N GLN A 66 -3.48 3.17 -11.81
CA GLN A 66 -4.61 3.56 -12.69
C GLN A 66 -4.57 2.84 -14.05
N ARG A 67 -3.44 2.24 -14.39
CA ARG A 67 -3.29 1.47 -15.60
C ARG A 67 -3.67 0.00 -15.37
N THR A 68 -3.95 -0.34 -14.13
CA THR A 68 -4.34 -1.68 -13.75
C THR A 68 -5.53 -1.58 -12.76
N ARG A 69 -6.29 -0.53 -12.95
CA ARG A 69 -7.42 -0.23 -12.12
C ARG A 69 -8.52 0.21 -13.06
N GLN A 70 -9.75 -0.05 -12.69
CA GLN A 70 -10.92 0.37 -13.44
C GLN A 70 -11.07 1.88 -13.39
N ARG A 71 -11.99 2.39 -14.14
CA ARG A 71 -12.12 3.82 -14.29
C ARG A 71 -12.55 4.45 -12.98
N ASN A 72 -11.63 5.22 -12.38
CA ASN A 72 -11.87 5.89 -11.08
C ASN A 72 -12.40 7.30 -11.32
N GLU A 73 -12.86 7.46 -12.52
CA GLU A 73 -13.68 8.55 -12.90
C GLU A 73 -15.01 8.29 -12.17
N THR A 74 -15.96 9.18 -12.19
CA THR A 74 -17.13 9.01 -11.33
C THR A 74 -18.12 7.94 -11.87
N GLN A 75 -17.63 6.71 -11.84
CA GLN A 75 -18.32 5.50 -12.16
C GLN A 75 -18.18 4.58 -10.97
N VAL A 76 -16.95 4.45 -10.60
CA VAL A 76 -16.45 3.66 -9.48
C VAL A 76 -15.20 4.36 -8.90
ZN ZN B . 4.26 1.73 -9.24
N GLY A 1 3.64 -17.28 3.24
CA GLY A 1 3.76 -17.76 4.63
C GLY A 1 3.16 -16.77 5.58
N SER A 2 2.81 -17.18 6.78
CA SER A 2 2.13 -16.31 7.74
C SER A 2 3.13 -15.34 8.42
N HIS A 3 4.38 -15.74 8.43
CA HIS A 3 5.46 -14.93 8.99
C HIS A 3 6.42 -14.62 7.85
N MET A 4 5.84 -14.46 6.69
CA MET A 4 6.59 -14.28 5.46
C MET A 4 5.92 -13.24 4.59
N SER A 5 4.63 -13.38 4.45
CA SER A 5 3.84 -12.55 3.60
C SER A 5 2.54 -12.20 4.31
N ARG A 6 2.42 -10.97 4.74
CA ARG A 6 1.28 -10.53 5.52
C ARG A 6 0.59 -9.37 4.84
N SER A 7 -0.72 -9.40 4.74
CA SER A 7 -1.44 -8.28 4.21
C SER A 7 -2.36 -7.73 5.31
N VAL A 8 -2.13 -6.50 5.74
CA VAL A 8 -2.90 -5.89 6.83
C VAL A 8 -3.16 -4.41 6.56
N TYR A 9 -3.98 -3.77 7.39
CA TYR A 9 -4.38 -2.39 7.16
C TYR A 9 -3.36 -1.45 7.78
N GLY A 10 -3.41 -0.19 7.38
CA GLY A 10 -2.49 0.83 7.88
C GLY A 10 -2.41 0.88 9.39
N THR A 11 -3.56 0.84 10.02
CA THR A 11 -3.68 0.87 11.45
C THR A 11 -3.04 -0.40 12.11
N THR A 12 -2.81 -1.42 11.31
CA THR A 12 -2.21 -2.61 11.80
C THR A 12 -0.70 -2.44 11.69
N LEU A 13 -0.25 -1.78 10.60
CA LEU A 13 1.18 -1.44 10.42
C LEU A 13 1.68 -0.60 11.56
N GLU A 14 0.84 0.36 11.98
CA GLU A 14 1.12 1.23 13.13
C GLU A 14 1.56 0.39 14.35
N ALA A 15 0.84 -0.71 14.58
CA ALA A 15 1.08 -1.56 15.73
C ALA A 15 2.19 -2.59 15.48
N ILE A 16 2.09 -3.32 14.37
CA ILE A 16 3.05 -4.39 14.03
C ILE A 16 4.45 -3.82 13.90
N THR A 17 4.59 -2.83 13.07
CA THR A 17 5.87 -2.26 12.81
C THR A 17 6.28 -1.35 13.96
N LYS A 18 5.27 -0.76 14.64
CA LYS A 18 5.47 0.24 15.70
C LYS A 18 6.02 1.49 15.07
N LYS A 19 5.58 1.70 13.85
CA LYS A 19 5.94 2.82 13.06
C LYS A 19 4.74 3.23 12.29
N SER A 20 4.44 4.49 12.34
CA SER A 20 3.35 5.01 11.60
C SER A 20 3.66 5.00 10.12
N LEU A 21 2.61 4.91 9.33
CA LEU A 21 2.69 4.91 7.88
C LEU A 21 3.55 6.04 7.35
N TYR A 22 3.47 7.18 8.00
CA TYR A 22 4.22 8.37 7.59
C TYR A 22 5.74 8.08 7.62
N ASP A 23 6.18 7.42 8.67
CA ASP A 23 7.61 7.13 8.91
C ASP A 23 8.03 5.93 8.08
N LEU A 24 7.16 4.96 8.03
CA LEU A 24 7.44 3.69 7.42
C LEU A 24 7.63 3.80 5.90
N SER A 25 8.83 3.50 5.49
CA SER A 25 9.17 3.47 4.11
C SER A 25 8.80 2.10 3.53
N ILE A 26 7.80 2.14 2.69
CA ILE A 26 7.25 0.99 1.99
C ILE A 26 7.47 1.30 0.52
N ARG A 27 7.61 0.32 -0.35
CA ARG A 27 7.83 0.65 -1.76
C ARG A 27 6.77 0.05 -2.66
N CYS A 28 6.61 0.64 -3.83
CA CYS A 28 5.78 0.06 -4.87
C CYS A 28 6.58 -1.04 -5.54
N HIS A 29 6.03 -2.22 -5.59
CA HIS A 29 6.68 -3.41 -6.16
C HIS A 29 7.02 -3.23 -7.66
N ARG A 30 6.41 -2.26 -8.30
CA ARG A 30 6.63 -2.08 -9.72
C ARG A 30 7.57 -0.88 -9.98
N CYS A 31 7.61 0.08 -9.07
CA CYS A 31 8.40 1.28 -9.34
C CYS A 31 9.63 1.41 -8.43
N GLN A 32 9.61 0.70 -7.28
CA GLN A 32 10.62 0.84 -6.22
C GLN A 32 10.52 2.21 -5.53
N ARG A 33 9.41 2.89 -5.83
CA ARG A 33 9.04 4.18 -5.23
C ARG A 33 8.85 3.97 -3.76
N PRO A 34 9.52 4.72 -2.91
CA PRO A 34 9.16 4.75 -1.52
C PRO A 34 7.80 5.45 -1.48
N LEU A 35 6.85 4.84 -0.83
CA LEU A 35 5.50 5.35 -0.81
C LEU A 35 5.43 6.65 -0.07
N GLY A 36 4.91 7.63 -0.76
CA GLY A 36 4.70 8.92 -0.19
C GLY A 36 3.36 8.95 0.53
N PRO A 37 2.78 10.12 0.74
CA PRO A 37 1.49 10.22 1.41
C PRO A 37 0.32 9.90 0.45
N GLU A 38 0.60 9.88 -0.84
CA GLU A 38 -0.37 9.64 -1.92
C GLU A 38 -0.99 8.25 -1.75
N GLU A 39 -0.12 7.31 -1.73
CA GLU A 39 -0.43 5.93 -1.65
C GLU A 39 -1.01 5.62 -0.32
N LYS A 40 -0.35 6.13 0.69
CA LYS A 40 -0.77 5.94 2.06
C LYS A 40 -2.17 6.50 2.30
N GLN A 41 -2.52 7.57 1.59
CA GLN A 41 -3.84 8.09 1.67
C GLN A 41 -4.83 7.25 0.94
N LYS A 42 -4.50 6.79 -0.25
CA LYS A 42 -5.47 6.05 -1.04
C LYS A 42 -5.76 4.65 -0.52
N LEU A 43 -4.79 4.05 0.10
CA LEU A 43 -4.96 2.71 0.62
C LEU A 43 -5.74 2.77 1.90
N VAL A 44 -5.49 3.78 2.68
CA VAL A 44 -6.26 3.97 3.90
C VAL A 44 -7.67 4.45 3.52
N ASP A 45 -7.73 5.32 2.51
CA ASP A 45 -9.00 5.90 2.04
C ASP A 45 -9.96 4.81 1.62
N GLU A 46 -9.46 3.89 0.83
CA GLU A 46 -10.28 2.85 0.31
C GLU A 46 -10.26 1.60 1.16
N LYS A 47 -9.61 1.68 2.32
CA LYS A 47 -9.49 0.52 3.23
C LYS A 47 -8.84 -0.68 2.56
N LYS A 48 -7.63 -0.47 2.13
CA LYS A 48 -6.84 -1.47 1.47
C LYS A 48 -5.71 -1.92 2.39
N ARG A 49 -4.91 -2.86 1.95
CA ARG A 49 -3.89 -3.43 2.79
C ARG A 49 -2.52 -3.28 2.18
N PHE A 50 -1.52 -3.23 3.02
CA PHE A 50 -0.14 -3.20 2.61
C PHE A 50 0.39 -4.62 2.77
N HIS A 51 1.47 -4.97 2.10
CA HIS A 51 1.95 -6.33 2.16
C HIS A 51 3.36 -6.37 2.71
N GLU A 52 3.55 -7.15 3.74
CA GLU A 52 4.83 -7.39 4.34
C GLU A 52 5.44 -8.63 3.75
N ILE A 53 6.64 -8.51 3.28
CA ILE A 53 7.41 -9.62 2.83
C ILE A 53 8.69 -9.68 3.68
N ALA A 54 8.72 -10.63 4.59
CA ALA A 54 9.86 -10.91 5.48
C ALA A 54 10.28 -9.65 6.28
N GLY A 55 9.31 -8.97 6.87
CA GLY A 55 9.61 -7.78 7.65
C GLY A 55 9.77 -6.52 6.80
N ARG A 56 9.65 -6.65 5.50
CA ARG A 56 9.73 -5.51 4.63
C ARG A 56 8.43 -5.24 3.97
N TRP A 57 7.99 -4.02 4.05
CA TRP A 57 6.72 -3.67 3.49
C TRP A 57 6.88 -3.24 2.05
N THR A 58 5.86 -3.49 1.31
CA THR A 58 5.79 -3.27 -0.11
C THR A 58 4.29 -3.21 -0.49
N GLY A 59 4.00 -2.52 -1.55
CA GLY A 59 2.66 -2.42 -2.03
C GLY A 59 2.64 -1.87 -3.43
N GLN A 60 1.60 -1.17 -3.75
CA GLN A 60 1.47 -0.53 -5.02
C GLN A 60 1.20 0.92 -4.81
N CYS A 61 1.86 1.76 -5.56
CA CYS A 61 1.59 3.14 -5.45
C CYS A 61 0.33 3.50 -6.21
N ALA A 62 -0.36 4.47 -5.69
CA ALA A 62 -1.61 4.98 -6.26
C ALA A 62 -1.38 5.52 -7.65
N ASN A 63 -0.15 5.91 -7.92
CA ASN A 63 0.28 6.34 -9.23
C ASN A 63 -0.02 5.25 -10.28
N CYS A 64 0.13 3.99 -9.89
CA CYS A 64 -0.22 2.88 -10.77
C CYS A 64 -1.72 2.60 -10.63
N TRP A 65 -2.15 2.54 -9.39
CA TRP A 65 -3.48 2.11 -9.01
C TRP A 65 -4.58 3.01 -9.59
N GLN A 66 -4.36 4.28 -9.58
CA GLN A 66 -5.31 5.23 -10.09
C GLN A 66 -5.19 5.37 -11.59
N ARG A 67 -4.09 4.91 -12.11
CA ARG A 67 -3.79 4.95 -13.53
C ARG A 67 -4.42 3.71 -14.19
N THR A 68 -4.84 2.78 -13.35
CA THR A 68 -5.49 1.58 -13.78
C THR A 68 -7.04 1.76 -13.72
N ARG A 69 -7.47 2.97 -13.40
CA ARG A 69 -8.88 3.26 -13.32
C ARG A 69 -9.37 3.63 -14.72
N GLN A 70 -9.61 2.62 -15.50
CA GLN A 70 -10.01 2.80 -16.85
C GLN A 70 -11.49 3.09 -16.96
N ARG A 71 -11.82 4.06 -17.75
CA ARG A 71 -13.20 4.45 -17.94
C ARG A 71 -13.78 3.52 -18.99
N ASN A 72 -14.38 2.43 -18.56
CA ASN A 72 -15.02 1.52 -19.50
C ASN A 72 -16.38 2.10 -19.86
N GLU A 73 -16.97 1.61 -20.92
CA GLU A 73 -18.13 2.18 -21.57
C GLU A 73 -19.40 2.11 -20.76
N THR A 74 -19.53 3.10 -19.95
CA THR A 74 -20.67 3.36 -19.17
C THR A 74 -21.52 4.37 -19.92
N GLN A 75 -22.79 4.08 -20.01
CA GLN A 75 -23.74 4.92 -20.72
C GLN A 75 -24.72 5.49 -19.72
N VAL A 76 -24.33 5.32 -18.52
CA VAL A 76 -25.01 5.70 -17.34
C VAL A 76 -24.00 5.36 -16.27
ZN ZN B . 4.00 2.25 -8.97
N GLY A 1 -0.63 -13.96 0.89
CA GLY A 1 -0.61 -15.20 0.10
C GLY A 1 0.24 -16.22 0.79
N SER A 2 0.73 -17.21 0.06
CA SER A 2 1.56 -18.30 0.61
C SER A 2 3.04 -17.84 0.74
N HIS A 3 3.20 -16.58 1.03
CA HIS A 3 4.47 -15.91 1.11
C HIS A 3 4.34 -14.99 2.29
N MET A 4 5.42 -14.35 2.70
CA MET A 4 5.32 -13.40 3.80
C MET A 4 4.74 -12.13 3.26
N SER A 5 3.42 -12.14 3.26
CA SER A 5 2.57 -11.15 2.68
C SER A 5 1.31 -10.97 3.55
N ARG A 6 1.16 -9.84 4.21
CA ARG A 6 -0.02 -9.60 5.05
C ARG A 6 -0.72 -8.39 4.49
N SER A 7 -2.03 -8.39 4.44
CA SER A 7 -2.72 -7.19 4.04
C SER A 7 -3.54 -6.71 5.23
N VAL A 8 -3.22 -5.54 5.74
CA VAL A 8 -3.94 -4.98 6.89
C VAL A 8 -4.19 -3.50 6.69
N TYR A 9 -4.99 -2.89 7.54
CA TYR A 9 -5.35 -1.50 7.38
C TYR A 9 -4.42 -0.61 8.22
N GLY A 10 -4.44 0.69 7.97
CA GLY A 10 -3.57 1.66 8.63
C GLY A 10 -3.55 1.53 10.14
N THR A 11 -4.71 1.34 10.72
CA THR A 11 -4.86 1.19 12.15
C THR A 11 -4.11 -0.07 12.66
N THR A 12 -3.86 -1.02 11.78
CA THR A 12 -3.20 -2.22 12.13
C THR A 12 -1.70 -2.01 12.00
N LEU A 13 -1.30 -1.22 10.98
CA LEU A 13 0.13 -0.84 10.84
C LEU A 13 0.59 -0.04 12.04
N GLU A 14 -0.26 0.89 12.47
CA GLU A 14 -0.04 1.70 13.66
C GLU A 14 0.20 0.84 14.90
N ALA A 15 -0.37 -0.34 14.90
CA ALA A 15 -0.20 -1.26 16.00
C ALA A 15 1.03 -2.14 15.82
N ILE A 16 1.00 -2.96 14.76
CA ILE A 16 2.04 -3.97 14.50
C ILE A 16 3.44 -3.36 14.35
N THR A 17 3.54 -2.30 13.60
CA THR A 17 4.83 -1.71 13.39
C THR A 17 4.99 -0.47 14.28
N LYS A 18 3.84 0.05 14.76
CA LYS A 18 3.74 1.27 15.56
C LYS A 18 4.37 2.49 14.86
N LYS A 19 4.61 2.38 13.60
CA LYS A 19 5.09 3.47 12.86
C LYS A 19 3.97 3.99 12.05
N SER A 20 3.89 5.27 11.97
CA SER A 20 2.85 5.89 11.25
C SER A 20 3.01 5.70 9.76
N LEU A 21 1.88 5.69 9.10
CA LEU A 21 1.78 5.48 7.67
C LEU A 21 2.66 6.44 6.87
N TYR A 22 2.80 7.64 7.37
CA TYR A 22 3.61 8.65 6.72
C TYR A 22 5.11 8.32 6.85
N ASP A 23 5.45 7.68 7.96
CA ASP A 23 6.85 7.31 8.31
C ASP A 23 7.28 6.07 7.57
N LEU A 24 6.37 5.12 7.51
CA LEU A 24 6.62 3.87 6.85
C LEU A 24 6.90 4.03 5.39
N SER A 25 8.08 3.64 4.99
CA SER A 25 8.44 3.65 3.63
C SER A 25 7.86 2.40 2.98
N ILE A 26 6.66 2.55 2.51
CA ILE A 26 5.94 1.50 1.85
C ILE A 26 6.29 1.58 0.39
N ARG A 27 6.73 0.50 -0.18
CA ARG A 27 7.22 0.52 -1.55
C ARG A 27 6.17 0.17 -2.54
N CYS A 28 6.46 0.46 -3.76
CA CYS A 28 5.63 0.06 -4.86
C CYS A 28 6.09 -1.30 -5.32
N HIS A 29 5.18 -2.23 -5.51
CA HIS A 29 5.51 -3.60 -5.92
C HIS A 29 6.05 -3.64 -7.38
N ARG A 30 5.96 -2.52 -8.07
CA ARG A 30 6.44 -2.43 -9.45
C ARG A 30 7.78 -1.69 -9.53
N CYS A 31 7.97 -0.72 -8.66
CA CYS A 31 9.17 0.11 -8.78
C CYS A 31 10.16 -0.16 -7.63
N GLN A 32 9.61 -0.61 -6.49
CA GLN A 32 10.31 -0.83 -5.24
C GLN A 32 10.80 0.46 -4.61
N ARG A 33 10.19 1.51 -5.08
CA ARG A 33 10.37 2.84 -4.58
C ARG A 33 9.14 3.16 -3.75
N PRO A 34 9.26 4.01 -2.72
CA PRO A 34 8.15 4.31 -1.79
C PRO A 34 6.94 5.04 -2.43
N LEU A 35 5.79 4.86 -1.79
CA LEU A 35 4.55 5.55 -2.13
C LEU A 35 4.56 6.94 -1.56
N GLY A 36 3.99 7.86 -2.29
CA GLY A 36 3.90 9.20 -1.83
C GLY A 36 2.76 9.36 -0.83
N PRO A 37 2.57 10.55 -0.26
CA PRO A 37 1.52 10.79 0.72
C PRO A 37 0.11 10.67 0.12
N GLU A 38 0.04 10.83 -1.20
CA GLU A 38 -1.21 10.84 -1.91
C GLU A 38 -1.74 9.41 -1.97
N GLU A 39 -0.87 8.48 -2.37
CA GLU A 39 -1.24 7.08 -2.45
C GLU A 39 -1.57 6.54 -1.11
N LYS A 40 -0.75 6.90 -0.13
CA LYS A 40 -0.99 6.51 1.25
C LYS A 40 -2.40 6.96 1.68
N GLN A 41 -2.74 8.19 1.38
CA GLN A 41 -4.04 8.75 1.68
C GLN A 41 -5.13 8.08 0.86
N LYS A 42 -4.81 7.58 -0.32
CA LYS A 42 -5.78 6.92 -1.13
C LYS A 42 -6.06 5.53 -0.59
N LEU A 43 -5.05 4.89 -0.05
CA LEU A 43 -5.22 3.57 0.57
C LEU A 43 -6.05 3.71 1.80
N VAL A 44 -5.70 4.71 2.57
CA VAL A 44 -6.43 5.03 3.78
C VAL A 44 -7.85 5.45 3.44
N ASP A 45 -8.01 6.18 2.36
CA ASP A 45 -9.32 6.70 2.08
C ASP A 45 -10.20 5.70 1.39
N GLU A 46 -9.65 5.02 0.43
CA GLU A 46 -10.40 4.02 -0.28
C GLU A 46 -10.54 2.75 0.55
N LYS A 47 -9.95 2.79 1.74
CA LYS A 47 -10.08 1.76 2.78
C LYS A 47 -9.44 0.44 2.33
N LYS A 48 -8.29 0.57 1.69
CA LYS A 48 -7.52 -0.55 1.20
C LYS A 48 -6.57 -1.08 2.26
N ARG A 49 -5.86 -2.12 1.93
CA ARG A 49 -4.91 -2.73 2.83
C ARG A 49 -3.50 -2.48 2.36
N PHE A 50 -2.60 -2.37 3.29
CA PHE A 50 -1.21 -2.21 2.99
C PHE A 50 -0.61 -3.60 3.06
N HIS A 51 0.36 -3.89 2.23
CA HIS A 51 0.84 -5.24 2.13
C HIS A 51 2.26 -5.39 2.69
N GLU A 52 2.36 -6.07 3.82
CA GLU A 52 3.65 -6.44 4.41
C GLU A 52 4.20 -7.57 3.61
N ILE A 53 5.30 -7.36 2.95
CA ILE A 53 5.95 -8.47 2.33
C ILE A 53 7.41 -8.53 2.74
N ALA A 54 7.80 -9.67 3.27
CA ALA A 54 9.16 -9.95 3.71
C ALA A 54 9.60 -8.98 4.81
N GLY A 55 8.65 -8.52 5.61
CA GLY A 55 8.92 -7.62 6.70
C GLY A 55 9.00 -6.18 6.26
N ARG A 56 8.57 -5.91 5.05
CA ARG A 56 8.62 -4.57 4.51
C ARG A 56 7.34 -4.22 3.78
N TRP A 57 6.78 -3.09 4.14
CA TRP A 57 5.53 -2.65 3.59
C TRP A 57 5.65 -2.29 2.13
N THR A 58 4.62 -2.59 1.43
CA THR A 58 4.56 -2.52 0.01
C THR A 58 3.09 -2.22 -0.42
N GLY A 59 2.97 -1.56 -1.52
CA GLY A 59 1.74 -1.13 -2.12
C GLY A 59 2.04 -0.72 -3.54
N GLN A 60 1.36 0.27 -4.05
CA GLN A 60 1.63 0.73 -5.40
C GLN A 60 1.55 2.24 -5.49
N CYS A 61 2.60 2.85 -6.05
CA CYS A 61 2.63 4.29 -6.22
C CYS A 61 1.72 4.72 -7.36
N ALA A 62 1.27 5.94 -7.24
CA ALA A 62 0.29 6.62 -8.12
C ALA A 62 0.70 6.60 -9.55
N ASN A 63 2.01 6.62 -9.78
CA ASN A 63 2.57 6.57 -11.12
C ASN A 63 1.95 5.41 -11.88
N CYS A 64 1.91 4.28 -11.23
CA CYS A 64 1.29 3.13 -11.77
C CYS A 64 -0.22 3.17 -11.43
N TRP A 65 -0.48 3.34 -10.13
CA TRP A 65 -1.81 3.19 -9.54
C TRP A 65 -2.86 4.11 -10.11
N GLN A 66 -2.59 5.38 -10.13
CA GLN A 66 -3.60 6.31 -10.52
C GLN A 66 -3.93 6.33 -11.99
N ARG A 67 -3.14 5.64 -12.76
CA ARG A 67 -3.46 5.37 -14.15
C ARG A 67 -4.27 4.07 -14.23
N THR A 68 -3.89 3.15 -13.39
CA THR A 68 -4.49 1.82 -13.25
C THR A 68 -5.74 1.87 -12.29
N ARG A 69 -6.50 2.93 -12.37
CA ARG A 69 -7.65 3.07 -11.50
C ARG A 69 -8.83 2.22 -11.94
N GLN A 70 -9.85 2.18 -11.11
CA GLN A 70 -10.86 1.15 -11.17
C GLN A 70 -11.69 1.21 -12.42
N ARG A 71 -11.38 0.27 -13.26
CA ARG A 71 -12.03 0.00 -14.47
C ARG A 71 -12.72 -1.34 -14.27
N ASN A 72 -13.99 -1.38 -14.53
CA ASN A 72 -14.79 -2.57 -14.30
C ASN A 72 -14.55 -3.56 -15.42
N GLU A 73 -14.44 -3.04 -16.63
CA GLU A 73 -14.19 -3.82 -17.86
C GLU A 73 -12.74 -4.39 -17.90
N THR A 74 -12.21 -4.68 -16.75
CA THR A 74 -10.91 -5.28 -16.59
C THR A 74 -10.98 -6.31 -15.43
N GLN A 75 -12.14 -6.37 -14.78
CA GLN A 75 -12.34 -7.29 -13.68
C GLN A 75 -13.43 -8.28 -14.05
N VAL A 76 -13.79 -8.19 -15.27
CA VAL A 76 -14.82 -8.97 -15.90
C VAL A 76 -14.76 -8.59 -17.37
ZN ZN B . 5.23 2.38 -9.17
#